data_1K9U
# 
_entry.id   1K9U 
# 
_audit_conform.dict_name       mmcif_pdbx.dic 
_audit_conform.dict_version    5.387 
_audit_conform.dict_location   http://mmcif.pdb.org/dictionaries/ascii/mmcif_pdbx.dic 
# 
loop_
_database_2.database_id 
_database_2.database_code 
_database_2.pdbx_database_accession 
_database_2.pdbx_DOI 
PDB   1K9U         pdb_00001k9u 10.2210/pdb1k9u/pdb 
RCSB  RCSB014740   ?            ?                   
WWPDB D_1000014740 ?            ?                   
# 
loop_
_pdbx_audit_revision_history.ordinal 
_pdbx_audit_revision_history.data_content_type 
_pdbx_audit_revision_history.major_revision 
_pdbx_audit_revision_history.minor_revision 
_pdbx_audit_revision_history.revision_date 
1 'Structure model' 1 0 2003-04-30 
2 'Structure model' 1 1 2008-04-27 
3 'Structure model' 1 2 2011-07-13 
4 'Structure model' 1 3 2024-03-13 
# 
_pdbx_audit_revision_details.ordinal             1 
_pdbx_audit_revision_details.revision_ordinal    1 
_pdbx_audit_revision_details.data_content_type   'Structure model' 
_pdbx_audit_revision_details.provider            repository 
_pdbx_audit_revision_details.type                'Initial release' 
_pdbx_audit_revision_details.description         ? 
_pdbx_audit_revision_details.details             ? 
# 
loop_
_pdbx_audit_revision_group.ordinal 
_pdbx_audit_revision_group.revision_ordinal 
_pdbx_audit_revision_group.data_content_type 
_pdbx_audit_revision_group.group 
1 2 'Structure model' 'Version format compliance' 
2 3 'Structure model' 'Version format compliance' 
3 4 'Structure model' 'Data collection'           
4 4 'Structure model' 'Database references'       
5 4 'Structure model' 'Derived calculations'      
6 4 'Structure model' 'Refinement description'    
# 
loop_
_pdbx_audit_revision_category.ordinal 
_pdbx_audit_revision_category.revision_ordinal 
_pdbx_audit_revision_category.data_content_type 
_pdbx_audit_revision_category.category 
1 4 'Structure model' chem_comp_atom         
2 4 'Structure model' chem_comp_bond         
3 4 'Structure model' database_2             
4 4 'Structure model' diffrn_source          
5 4 'Structure model' pdbx_struct_conn_angle 
6 4 'Structure model' software               
7 4 'Structure model' struct_conn            
8 4 'Structure model' struct_site            
# 
loop_
_pdbx_audit_revision_item.ordinal 
_pdbx_audit_revision_item.revision_ordinal 
_pdbx_audit_revision_item.data_content_type 
_pdbx_audit_revision_item.item 
1  4 'Structure model' '_database_2.pdbx_DOI'                        
2  4 'Structure model' '_database_2.pdbx_database_accession'         
3  4 'Structure model' '_diffrn_source.pdbx_synchrotron_site'        
4  4 'Structure model' '_pdbx_struct_conn_angle.ptnr1_auth_comp_id'  
5  4 'Structure model' '_pdbx_struct_conn_angle.ptnr1_auth_seq_id'   
6  4 'Structure model' '_pdbx_struct_conn_angle.ptnr1_label_alt_id'  
7  4 'Structure model' '_pdbx_struct_conn_angle.ptnr1_label_asym_id' 
8  4 'Structure model' '_pdbx_struct_conn_angle.ptnr1_label_atom_id' 
9  4 'Structure model' '_pdbx_struct_conn_angle.ptnr1_label_comp_id' 
10 4 'Structure model' '_pdbx_struct_conn_angle.ptnr1_label_seq_id'  
11 4 'Structure model' '_pdbx_struct_conn_angle.ptnr3_auth_comp_id'  
12 4 'Structure model' '_pdbx_struct_conn_angle.ptnr3_auth_seq_id'   
13 4 'Structure model' '_pdbx_struct_conn_angle.ptnr3_label_alt_id'  
14 4 'Structure model' '_pdbx_struct_conn_angle.ptnr3_label_asym_id' 
15 4 'Structure model' '_pdbx_struct_conn_angle.ptnr3_label_atom_id' 
16 4 'Structure model' '_pdbx_struct_conn_angle.ptnr3_label_comp_id' 
17 4 'Structure model' '_pdbx_struct_conn_angle.ptnr3_label_seq_id'  
18 4 'Structure model' '_pdbx_struct_conn_angle.value'               
19 4 'Structure model' '_struct_conn.pdbx_dist_value'                
20 4 'Structure model' '_struct_conn.pdbx_ptnr1_label_alt_id'        
21 4 'Structure model' '_struct_conn.pdbx_ptnr2_label_alt_id'        
22 4 'Structure model' '_struct_conn.ptnr1_auth_comp_id'             
23 4 'Structure model' '_struct_conn.ptnr1_auth_seq_id'              
24 4 'Structure model' '_struct_conn.ptnr1_label_asym_id'            
25 4 'Structure model' '_struct_conn.ptnr1_label_atom_id'            
26 4 'Structure model' '_struct_conn.ptnr1_label_comp_id'            
27 4 'Structure model' '_struct_conn.ptnr1_label_seq_id'             
28 4 'Structure model' '_struct_conn.ptnr2_auth_comp_id'             
29 4 'Structure model' '_struct_conn.ptnr2_auth_seq_id'              
30 4 'Structure model' '_struct_conn.ptnr2_label_asym_id'            
31 4 'Structure model' '_struct_conn.ptnr2_label_atom_id'            
32 4 'Structure model' '_struct_conn.ptnr2_label_comp_id'            
33 4 'Structure model' '_struct_conn.ptnr2_label_seq_id'             
34 4 'Structure model' '_struct_site.pdbx_auth_asym_id'              
35 4 'Structure model' '_struct_site.pdbx_auth_comp_id'              
36 4 'Structure model' '_struct_site.pdbx_auth_seq_id'               
# 
_pdbx_database_status.status_code                     REL 
_pdbx_database_status.entry_id                        1K9U 
_pdbx_database_status.recvd_initial_deposition_date   2001-10-30 
_pdbx_database_status.deposit_site                    RCSB 
_pdbx_database_status.process_site                    PDBJ 
_pdbx_database_status.status_code_sf                  REL 
_pdbx_database_status.SG_entry                        . 
_pdbx_database_status.pdb_format_compatible           Y 
_pdbx_database_status.status_code_mr                  ? 
_pdbx_database_status.status_code_cs                  ? 
_pdbx_database_status.status_code_nmr_data            ? 
_pdbx_database_status.methods_development_category    ? 
# 
loop_
_audit_author.name 
_audit_author.pdbx_ordinal 
'Verdino, P.'       1 
'Westritschnig, K.' 2 
'Valenta, R.'       3 
'Keller, W.'        4 
# 
_citation.id                        primary 
_citation.title                     'The cross-reactive calcium-binding pollen allergen, Phl p 7, reveals a novel dimer assembly' 
_citation.journal_abbrev            'EMBO J.' 
_citation.journal_volume            21 
_citation.page_first                5007 
_citation.page_last                 5016 
_citation.year                      2002 
_citation.journal_id_ASTM           EMJODG 
_citation.country                   UK 
_citation.journal_id_ISSN           0261-4189 
_citation.journal_id_CSD            0897 
_citation.book_publisher            ? 
_citation.pdbx_database_id_PubMed   12356717 
_citation.pdbx_database_id_DOI      10.1093/emboj/cdf526 
# 
loop_
_citation_author.citation_id 
_citation_author.name 
_citation_author.ordinal 
_citation_author.identifier_ORCID 
primary 'Verdino, P.'       1 ? 
primary 'Westritschnig, K.' 2 ? 
primary 'Valenta, R.'       3 ? 
primary 'Keller, W.'        4 ? 
# 
loop_
_entity.id 
_entity.type 
_entity.src_method 
_entity.pdbx_description 
_entity.formula_weight 
_entity.pdbx_number_of_molecules 
_entity.pdbx_ec 
_entity.pdbx_mutation 
_entity.pdbx_fragment 
_entity.details 
1 polymer     man 'Polcalcin Phl p 7' 8684.694 2   ? ? ? ? 
2 non-polymer syn 'SULFATE ION'       96.063   3   ? ? ? ? 
3 non-polymer syn 'CALCIUM ION'       40.078   4   ? ? ? ? 
4 water       nat water               18.015   157 ? ? ? ? 
# 
_entity_name_com.entity_id   1 
_entity_name_com.name        'Timothy Grass Pollen Allergen Phl p 7, P7' 
# 
_entity_poly.entity_id                      1 
_entity_poly.type                           'polypeptide(L)' 
_entity_poly.nstd_linkage                   no 
_entity_poly.nstd_monomer                   no 
_entity_poly.pdbx_seq_one_letter_code       MADDMERIFKRFDTNGDGKISLSELTDALRTLGSTSADEVQRMMAEIDTDGDGFIDFNEFISFCNANPGLMKDVAKVF 
_entity_poly.pdbx_seq_one_letter_code_can   MADDMERIFKRFDTNGDGKISLSELTDALRTLGSTSADEVQRMMAEIDTDGDGFIDFNEFISFCNANPGLMKDVAKVF 
_entity_poly.pdbx_strand_id                 A,B 
_entity_poly.pdbx_target_identifier         ? 
# 
loop_
_pdbx_entity_nonpoly.entity_id 
_pdbx_entity_nonpoly.name 
_pdbx_entity_nonpoly.comp_id 
2 'SULFATE ION' SO4 
3 'CALCIUM ION' CA  
4 water         HOH 
# 
loop_
_entity_poly_seq.entity_id 
_entity_poly_seq.num 
_entity_poly_seq.mon_id 
_entity_poly_seq.hetero 
1 1  MET n 
1 2  ALA n 
1 3  ASP n 
1 4  ASP n 
1 5  MET n 
1 6  GLU n 
1 7  ARG n 
1 8  ILE n 
1 9  PHE n 
1 10 LYS n 
1 11 ARG n 
1 12 PHE n 
1 13 ASP n 
1 14 THR n 
1 15 ASN n 
1 16 GLY n 
1 17 ASP n 
1 18 GLY n 
1 19 LYS n 
1 20 ILE n 
1 21 SER n 
1 22 LEU n 
1 23 SER n 
1 24 GLU n 
1 25 LEU n 
1 26 THR n 
1 27 ASP n 
1 28 ALA n 
1 29 LEU n 
1 30 ARG n 
1 31 THR n 
1 32 LEU n 
1 33 GLY n 
1 34 SER n 
1 35 THR n 
1 36 SER n 
1 37 ALA n 
1 38 ASP n 
1 39 GLU n 
1 40 VAL n 
1 41 GLN n 
1 42 ARG n 
1 43 MET n 
1 44 MET n 
1 45 ALA n 
1 46 GLU n 
1 47 ILE n 
1 48 ASP n 
1 49 THR n 
1 50 ASP n 
1 51 GLY n 
1 52 ASP n 
1 53 GLY n 
1 54 PHE n 
1 55 ILE n 
1 56 ASP n 
1 57 PHE n 
1 58 ASN n 
1 59 GLU n 
1 60 PHE n 
1 61 ILE n 
1 62 SER n 
1 63 PHE n 
1 64 CYS n 
1 65 ASN n 
1 66 ALA n 
1 67 ASN n 
1 68 PRO n 
1 69 GLY n 
1 70 LEU n 
1 71 MET n 
1 72 LYS n 
1 73 ASP n 
1 74 VAL n 
1 75 ALA n 
1 76 LYS n 
1 77 VAL n 
1 78 PHE n 
# 
_entity_src_gen.entity_id                          1 
_entity_src_gen.pdbx_src_id                        1 
_entity_src_gen.pdbx_alt_source_flag               sample 
_entity_src_gen.pdbx_seq_type                      ? 
_entity_src_gen.pdbx_beg_seq_num                   ? 
_entity_src_gen.pdbx_end_seq_num                   ? 
_entity_src_gen.gene_src_common_name               'timothy grass' 
_entity_src_gen.gene_src_genus                     Phleum 
_entity_src_gen.pdbx_gene_src_gene                 Phlpr 
_entity_src_gen.gene_src_species                   ? 
_entity_src_gen.gene_src_strain                    ? 
_entity_src_gen.gene_src_tissue                    ? 
_entity_src_gen.gene_src_tissue_fraction           ? 
_entity_src_gen.gene_src_details                   ? 
_entity_src_gen.pdbx_gene_src_fragment             ? 
_entity_src_gen.pdbx_gene_src_scientific_name      'Phleum pratense' 
_entity_src_gen.pdbx_gene_src_ncbi_taxonomy_id     15957 
_entity_src_gen.pdbx_gene_src_variant              ? 
_entity_src_gen.pdbx_gene_src_cell_line            ? 
_entity_src_gen.pdbx_gene_src_atcc                 ? 
_entity_src_gen.pdbx_gene_src_organ                ? 
_entity_src_gen.pdbx_gene_src_organelle            ? 
_entity_src_gen.pdbx_gene_src_cell                 ? 
_entity_src_gen.pdbx_gene_src_cellular_location    ? 
_entity_src_gen.host_org_common_name               ? 
_entity_src_gen.pdbx_host_org_scientific_name      'Escherichia coli BL21(DE3)' 
_entity_src_gen.pdbx_host_org_ncbi_taxonomy_id     469008 
_entity_src_gen.host_org_genus                     Escherichia 
_entity_src_gen.pdbx_host_org_gene                 ? 
_entity_src_gen.pdbx_host_org_organ                ? 
_entity_src_gen.host_org_species                   'Escherichia coli' 
_entity_src_gen.pdbx_host_org_tissue               ? 
_entity_src_gen.pdbx_host_org_tissue_fraction      ? 
_entity_src_gen.pdbx_host_org_strain               'BL 21 (DE 3)' 
_entity_src_gen.pdbx_host_org_variant              ? 
_entity_src_gen.pdbx_host_org_cell_line            ? 
_entity_src_gen.pdbx_host_org_atcc                 ? 
_entity_src_gen.pdbx_host_org_culture_collection   ? 
_entity_src_gen.pdbx_host_org_cell                 ? 
_entity_src_gen.pdbx_host_org_organelle            ? 
_entity_src_gen.pdbx_host_org_cellular_location    ? 
_entity_src_gen.pdbx_host_org_vector_type          plasmid 
_entity_src_gen.pdbx_host_org_vector               ? 
_entity_src_gen.host_org_details                   ? 
_entity_src_gen.expression_system_id               ? 
_entity_src_gen.plasmid_name                       'pET 17b' 
_entity_src_gen.plasmid_details                    ? 
_entity_src_gen.pdbx_description                   ? 
# 
loop_
_chem_comp.id 
_chem_comp.type 
_chem_comp.mon_nstd_flag 
_chem_comp.name 
_chem_comp.pdbx_synonyms 
_chem_comp.formula 
_chem_comp.formula_weight 
ALA 'L-peptide linking' y ALANINE         ? 'C3 H7 N O2'     89.093  
ARG 'L-peptide linking' y ARGININE        ? 'C6 H15 N4 O2 1' 175.209 
ASN 'L-peptide linking' y ASPARAGINE      ? 'C4 H8 N2 O3'    132.118 
ASP 'L-peptide linking' y 'ASPARTIC ACID' ? 'C4 H7 N O4'     133.103 
CA  non-polymer         . 'CALCIUM ION'   ? 'Ca 2'           40.078  
CYS 'L-peptide linking' y CYSTEINE        ? 'C3 H7 N O2 S'   121.158 
GLN 'L-peptide linking' y GLUTAMINE       ? 'C5 H10 N2 O3'   146.144 
GLU 'L-peptide linking' y 'GLUTAMIC ACID' ? 'C5 H9 N O4'     147.129 
GLY 'peptide linking'   y GLYCINE         ? 'C2 H5 N O2'     75.067  
HOH non-polymer         . WATER           ? 'H2 O'           18.015  
ILE 'L-peptide linking' y ISOLEUCINE      ? 'C6 H13 N O2'    131.173 
LEU 'L-peptide linking' y LEUCINE         ? 'C6 H13 N O2'    131.173 
LYS 'L-peptide linking' y LYSINE          ? 'C6 H15 N2 O2 1' 147.195 
MET 'L-peptide linking' y METHIONINE      ? 'C5 H11 N O2 S'  149.211 
PHE 'L-peptide linking' y PHENYLALANINE   ? 'C9 H11 N O2'    165.189 
PRO 'L-peptide linking' y PROLINE         ? 'C5 H9 N O2'     115.130 
SER 'L-peptide linking' y SERINE          ? 'C3 H7 N O3'     105.093 
SO4 non-polymer         . 'SULFATE ION'   ? 'O4 S -2'        96.063  
THR 'L-peptide linking' y THREONINE       ? 'C4 H9 N O3'     119.119 
VAL 'L-peptide linking' y VALINE          ? 'C5 H11 N O2'    117.146 
# 
loop_
_pdbx_poly_seq_scheme.asym_id 
_pdbx_poly_seq_scheme.entity_id 
_pdbx_poly_seq_scheme.seq_id 
_pdbx_poly_seq_scheme.mon_id 
_pdbx_poly_seq_scheme.ndb_seq_num 
_pdbx_poly_seq_scheme.pdb_seq_num 
_pdbx_poly_seq_scheme.auth_seq_num 
_pdbx_poly_seq_scheme.pdb_mon_id 
_pdbx_poly_seq_scheme.auth_mon_id 
_pdbx_poly_seq_scheme.pdb_strand_id 
_pdbx_poly_seq_scheme.pdb_ins_code 
_pdbx_poly_seq_scheme.hetero 
A 1 1  MET 1  1  ?  ?   ?   A . n 
A 1 2  ALA 2  2  ?  ?   ?   A . n 
A 1 3  ASP 3  3  3  ASP ASP A . n 
A 1 4  ASP 4  4  4  ASP ASP A . n 
A 1 5  MET 5  5  5  MET MET A . n 
A 1 6  GLU 6  6  6  GLU GLU A . n 
A 1 7  ARG 7  7  7  ARG ARG A . n 
A 1 8  ILE 8  8  8  ILE ILE A . n 
A 1 9  PHE 9  9  9  PHE PHE A . n 
A 1 10 LYS 10 10 10 LYS LYS A . n 
A 1 11 ARG 11 11 11 ARG ARG A . n 
A 1 12 PHE 12 12 12 PHE PHE A . n 
A 1 13 ASP 13 13 13 ASP ASP A . n 
A 1 14 THR 14 14 14 THR THR A . n 
A 1 15 ASN 15 15 15 ASN ASN A . n 
A 1 16 GLY 16 16 16 GLY GLY A . n 
A 1 17 ASP 17 17 17 ASP ASP A . n 
A 1 18 GLY 18 18 18 GLY GLY A . n 
A 1 19 LYS 19 19 19 LYS LYS A . n 
A 1 20 ILE 20 20 20 ILE ILE A . n 
A 1 21 SER 21 21 21 SER SER A . n 
A 1 22 LEU 22 22 22 LEU LEU A . n 
A 1 23 SER 23 23 23 SER SER A . n 
A 1 24 GLU 24 24 24 GLU GLU A . n 
A 1 25 LEU 25 25 25 LEU LEU A . n 
A 1 26 THR 26 26 26 THR THR A . n 
A 1 27 ASP 27 27 27 ASP ASP A . n 
A 1 28 ALA 28 28 28 ALA ALA A . n 
A 1 29 LEU 29 29 29 LEU LEU A . n 
A 1 30 ARG 30 30 30 ARG ARG A . n 
A 1 31 THR 31 31 31 THR THR A . n 
A 1 32 LEU 32 32 32 LEU LEU A . n 
A 1 33 GLY 33 33 33 GLY GLY A . n 
A 1 34 SER 34 34 34 SER SER A . n 
A 1 35 THR 35 35 35 THR THR A . n 
A 1 36 SER 36 36 36 SER SER A . n 
A 1 37 ALA 37 37 37 ALA ALA A . n 
A 1 38 ASP 38 38 38 ASP ASP A . n 
A 1 39 GLU 39 39 39 GLU GLU A . n 
A 1 40 VAL 40 40 40 VAL VAL A . n 
A 1 41 GLN 41 41 41 GLN GLN A . n 
A 1 42 ARG 42 42 42 ARG ARG A . n 
A 1 43 MET 43 43 43 MET MET A . n 
A 1 44 MET 44 44 44 MET MET A . n 
A 1 45 ALA 45 45 45 ALA ALA A . n 
A 1 46 GLU 46 46 46 GLU GLU A . n 
A 1 47 ILE 47 47 47 ILE ILE A . n 
A 1 48 ASP 48 48 48 ASP ASP A . n 
A 1 49 THR 49 49 49 THR THR A . n 
A 1 50 ASP 50 50 50 ASP ASP A . n 
A 1 51 GLY 51 51 51 GLY GLY A . n 
A 1 52 ASP 52 52 52 ASP ASP A . n 
A 1 53 GLY 53 53 53 GLY GLY A . n 
A 1 54 PHE 54 54 54 PHE PHE A . n 
A 1 55 ILE 55 55 55 ILE ILE A . n 
A 1 56 ASP 56 56 56 ASP ASP A . n 
A 1 57 PHE 57 57 57 PHE PHE A . n 
A 1 58 ASN 58 58 58 ASN ASN A . n 
A 1 59 GLU 59 59 59 GLU GLU A . n 
A 1 60 PHE 60 60 60 PHE PHE A . n 
A 1 61 ILE 61 61 61 ILE ILE A . n 
A 1 62 SER 62 62 62 SER SER A . n 
A 1 63 PHE 63 63 63 PHE PHE A . n 
A 1 64 CYS 64 64 64 CYS CYS A . n 
A 1 65 ASN 65 65 65 ASN ASN A . n 
A 1 66 ALA 66 66 66 ALA ALA A . n 
A 1 67 ASN 67 67 67 ASN ASN A . n 
A 1 68 PRO 68 68 68 PRO PRO A . n 
A 1 69 GLY 69 69 69 GLY GLY A . n 
A 1 70 LEU 70 70 70 LEU LEU A . n 
A 1 71 MET 71 71 71 MET MET A . n 
A 1 72 LYS 72 72 72 LYS LYS A . n 
A 1 73 ASP 73 73 73 ASP ASP A . n 
A 1 74 VAL 74 74 74 VAL VAL A . n 
A 1 75 ALA 75 75 75 ALA ALA A . n 
A 1 76 LYS 76 76 76 LYS LYS A . n 
A 1 77 VAL 77 77 77 VAL VAL A . n 
A 1 78 PHE 78 78 78 PHE PHE A . n 
B 1 1  MET 1  1  ?  ?   ?   B . n 
B 1 2  ALA 2  2  ?  ?   ?   B . n 
B 1 3  ASP 3  3  3  ASP ASP B . n 
B 1 4  ASP 4  4  4  ASP ASP B . n 
B 1 5  MET 5  5  5  MET MET B . n 
B 1 6  GLU 6  6  6  GLU GLU B . n 
B 1 7  ARG 7  7  7  ARG ARG B . n 
B 1 8  ILE 8  8  8  ILE ILE B . n 
B 1 9  PHE 9  9  9  PHE PHE B . n 
B 1 10 LYS 10 10 10 LYS LYS B . n 
B 1 11 ARG 11 11 11 ARG ARG B . n 
B 1 12 PHE 12 12 12 PHE PHE B . n 
B 1 13 ASP 13 13 13 ASP ASP B . n 
B 1 14 THR 14 14 14 THR THR B . n 
B 1 15 ASN 15 15 15 ASN ASN B . n 
B 1 16 GLY 16 16 16 GLY GLY B . n 
B 1 17 ASP 17 17 17 ASP ASP B . n 
B 1 18 GLY 18 18 18 GLY GLY B . n 
B 1 19 LYS 19 19 19 LYS LYS B . n 
B 1 20 ILE 20 20 20 ILE ILE B . n 
B 1 21 SER 21 21 21 SER SER B . n 
B 1 22 LEU 22 22 22 LEU LEU B . n 
B 1 23 SER 23 23 23 SER SER B . n 
B 1 24 GLU 24 24 24 GLU GLU B . n 
B 1 25 LEU 25 25 25 LEU LEU B . n 
B 1 26 THR 26 26 26 THR THR B . n 
B 1 27 ASP 27 27 27 ASP ASP B . n 
B 1 28 ALA 28 28 28 ALA ALA B . n 
B 1 29 LEU 29 29 29 LEU LEU B . n 
B 1 30 ARG 30 30 30 ARG ARG B . n 
B 1 31 THR 31 31 31 THR THR B . n 
B 1 32 LEU 32 32 32 LEU LEU B . n 
B 1 33 GLY 33 33 33 GLY GLY B . n 
B 1 34 SER 34 34 34 SER SER B . n 
B 1 35 THR 35 35 35 THR THR B . n 
B 1 36 SER 36 36 36 SER SER B . n 
B 1 37 ALA 37 37 37 ALA ALA B . n 
B 1 38 ASP 38 38 38 ASP ASP B . n 
B 1 39 GLU 39 39 39 GLU GLU B . n 
B 1 40 VAL 40 40 40 VAL VAL B . n 
B 1 41 GLN 41 41 41 GLN GLN B . n 
B 1 42 ARG 42 42 42 ARG ARG B . n 
B 1 43 MET 43 43 43 MET MET B . n 
B 1 44 MET 44 44 44 MET MET B . n 
B 1 45 ALA 45 45 45 ALA ALA B . n 
B 1 46 GLU 46 46 46 GLU GLU B . n 
B 1 47 ILE 47 47 47 ILE ILE B . n 
B 1 48 ASP 48 48 48 ASP ASP B . n 
B 1 49 THR 49 49 49 THR THR B . n 
B 1 50 ASP 50 50 50 ASP ASP B . n 
B 1 51 GLY 51 51 51 GLY GLY B . n 
B 1 52 ASP 52 52 52 ASP ASP B . n 
B 1 53 GLY 53 53 53 GLY GLY B . n 
B 1 54 PHE 54 54 54 PHE PHE B . n 
B 1 55 ILE 55 55 55 ILE ILE B . n 
B 1 56 ASP 56 56 56 ASP ASP B . n 
B 1 57 PHE 57 57 57 PHE PHE B . n 
B 1 58 ASN 58 58 58 ASN ASN B . n 
B 1 59 GLU 59 59 59 GLU GLU B . n 
B 1 60 PHE 60 60 60 PHE PHE B . n 
B 1 61 ILE 61 61 61 ILE ILE B . n 
B 1 62 SER 62 62 62 SER SER B . n 
B 1 63 PHE 63 63 63 PHE PHE B . n 
B 1 64 CYS 64 64 64 CYS CYS B . n 
B 1 65 ASN 65 65 65 ASN ASN B . n 
B 1 66 ALA 66 66 66 ALA ALA B . n 
B 1 67 ASN 67 67 67 ASN ASN B . n 
B 1 68 PRO 68 68 68 PRO PRO B . n 
B 1 69 GLY 69 69 69 GLY GLY B . n 
B 1 70 LEU 70 70 70 LEU LEU B . n 
B 1 71 MET 71 71 71 MET MET B . n 
B 1 72 LYS 72 72 72 LYS LYS B . n 
B 1 73 ASP 73 73 73 ASP ASP B . n 
B 1 74 VAL 74 74 74 VAL VAL B . n 
B 1 75 ALA 75 75 75 ALA ALA B . n 
B 1 76 LYS 76 76 76 LYS LYS B . n 
B 1 77 VAL 77 77 77 VAL VAL B . n 
B 1 78 PHE 78 78 78 PHE PHE B . n 
# 
loop_
_pdbx_nonpoly_scheme.asym_id 
_pdbx_nonpoly_scheme.entity_id 
_pdbx_nonpoly_scheme.mon_id 
_pdbx_nonpoly_scheme.ndb_seq_num 
_pdbx_nonpoly_scheme.pdb_seq_num 
_pdbx_nonpoly_scheme.auth_seq_num 
_pdbx_nonpoly_scheme.pdb_mon_id 
_pdbx_nonpoly_scheme.auth_mon_id 
_pdbx_nonpoly_scheme.pdb_strand_id 
_pdbx_nonpoly_scheme.pdb_ins_code 
C 2 SO4 1  2001 2001 SO4 SO4 A . 
D 3 CA  1  1001 1001 CA  CA  A . 
E 3 CA  1  1002 1002 CA  CA  A . 
F 2 SO4 1  2002 2002 SO4 SO4 B . 
G 2 SO4 1  2003 2003 SO4 SO4 B . 
H 3 CA  1  1003 1003 CA  CA  B . 
I 3 CA  1  1004 1004 CA  CA  B . 
J 4 HOH 1  2002 201  HOH HOH A . 
J 4 HOH 2  2003 202  HOH HOH A . 
J 4 HOH 3  2004 4    HOH HOH A . 
J 4 HOH 4  2005 6    HOH HOH A . 
J 4 HOH 5  2006 7    HOH HOH A . 
J 4 HOH 6  2007 13   HOH HOH A . 
J 4 HOH 7  2008 14   HOH HOH A . 
J 4 HOH 8  2009 15   HOH HOH A . 
J 4 HOH 9  2010 16   HOH HOH A . 
J 4 HOH 10 2011 17   HOH HOH A . 
J 4 HOH 11 2012 19   HOH HOH A . 
J 4 HOH 12 2013 23   HOH HOH A . 
J 4 HOH 13 2014 26   HOH HOH A . 
J 4 HOH 14 2015 29   HOH HOH A . 
J 4 HOH 15 2016 32   HOH HOH A . 
J 4 HOH 16 2017 34   HOH HOH A . 
J 4 HOH 17 2018 37   HOH HOH A . 
J 4 HOH 18 2019 39   HOH HOH A . 
J 4 HOH 19 2020 41   HOH HOH A . 
J 4 HOH 20 2021 45   HOH HOH A . 
J 4 HOH 21 2022 47   HOH HOH A . 
J 4 HOH 22 2023 48   HOH HOH A . 
J 4 HOH 23 2024 49   HOH HOH A . 
J 4 HOH 24 2025 50   HOH HOH A . 
J 4 HOH 25 2026 53   HOH HOH A . 
J 4 HOH 26 2027 54   HOH HOH A . 
J 4 HOH 27 2028 56   HOH HOH A . 
J 4 HOH 28 2029 59   HOH HOH A . 
J 4 HOH 29 2030 61   HOH HOH A . 
J 4 HOH 30 2031 65   HOH HOH A . 
J 4 HOH 31 2032 66   HOH HOH A . 
J 4 HOH 32 2033 67   HOH HOH A . 
J 4 HOH 33 2034 70   HOH HOH A . 
J 4 HOH 34 2035 71   HOH HOH A . 
J 4 HOH 35 2036 73   HOH HOH A . 
J 4 HOH 36 2037 74   HOH HOH A . 
J 4 HOH 37 2038 75   HOH HOH A . 
J 4 HOH 38 2039 76   HOH HOH A . 
J 4 HOH 39 2040 79   HOH HOH A . 
J 4 HOH 40 2041 82   HOH HOH A . 
J 4 HOH 41 2042 83   HOH HOH A . 
J 4 HOH 42 2043 86   HOH HOH A . 
J 4 HOH 43 2044 87   HOH HOH A . 
J 4 HOH 44 2045 88   HOH HOH A . 
J 4 HOH 45 2046 92   HOH HOH A . 
J 4 HOH 46 2047 95   HOH HOH A . 
J 4 HOH 47 2048 97   HOH HOH A . 
J 4 HOH 48 2049 100  HOH HOH A . 
J 4 HOH 49 2050 101  HOH HOH A . 
J 4 HOH 50 2051 102  HOH HOH A . 
J 4 HOH 51 2052 103  HOH HOH A . 
J 4 HOH 52 2053 105  HOH HOH A . 
J 4 HOH 53 2054 106  HOH HOH A . 
J 4 HOH 54 2055 107  HOH HOH A . 
J 4 HOH 55 2056 109  HOH HOH A . 
J 4 HOH 56 2057 111  HOH HOH A . 
J 4 HOH 57 2058 114  HOH HOH A . 
J 4 HOH 58 2059 115  HOH HOH A . 
J 4 HOH 59 2060 116  HOH HOH A . 
J 4 HOH 60 2061 117  HOH HOH A . 
J 4 HOH 61 2062 118  HOH HOH A . 
J 4 HOH 62 2063 120  HOH HOH A . 
J 4 HOH 63 2064 122  HOH HOH A . 
J 4 HOH 64 2065 124  HOH HOH A . 
J 4 HOH 65 2066 125  HOH HOH A . 
J 4 HOH 66 2067 129  HOH HOH A . 
J 4 HOH 67 2068 130  HOH HOH A . 
J 4 HOH 68 2069 132  HOH HOH A . 
J 4 HOH 69 2070 133  HOH HOH A . 
J 4 HOH 70 2071 134  HOH HOH A . 
J 4 HOH 71 2072 142  HOH HOH A . 
J 4 HOH 72 2073 143  HOH HOH A . 
J 4 HOH 73 2074 144  HOH HOH A . 
J 4 HOH 74 2075 151  HOH HOH A . 
J 4 HOH 75 2076 153  HOH HOH A . 
K 4 HOH 1  2004 203  HOH HOH B . 
K 4 HOH 2  2005 204  HOH HOH B . 
K 4 HOH 3  2006 1    HOH HOH B . 
K 4 HOH 4  2007 2    HOH HOH B . 
K 4 HOH 5  2008 3    HOH HOH B . 
K 4 HOH 6  2009 5    HOH HOH B . 
K 4 HOH 7  2010 8    HOH HOH B . 
K 4 HOH 8  2011 9    HOH HOH B . 
K 4 HOH 9  2012 10   HOH HOH B . 
K 4 HOH 10 2013 11   HOH HOH B . 
K 4 HOH 11 2014 12   HOH HOH B . 
K 4 HOH 12 2015 18   HOH HOH B . 
K 4 HOH 13 2016 20   HOH HOH B . 
K 4 HOH 14 2017 21   HOH HOH B . 
K 4 HOH 15 2018 22   HOH HOH B . 
K 4 HOH 16 2019 24   HOH HOH B . 
K 4 HOH 17 2020 25   HOH HOH B . 
K 4 HOH 18 2021 27   HOH HOH B . 
K 4 HOH 19 2022 28   HOH HOH B . 
K 4 HOH 20 2023 30   HOH HOH B . 
K 4 HOH 21 2024 31   HOH HOH B . 
K 4 HOH 22 2025 33   HOH HOH B . 
K 4 HOH 23 2026 35   HOH HOH B . 
K 4 HOH 24 2027 36   HOH HOH B . 
K 4 HOH 25 2028 38   HOH HOH B . 
K 4 HOH 26 2029 40   HOH HOH B . 
K 4 HOH 27 2030 42   HOH HOH B . 
K 4 HOH 28 2031 43   HOH HOH B . 
K 4 HOH 29 2032 44   HOH HOH B . 
K 4 HOH 30 2033 46   HOH HOH B . 
K 4 HOH 31 2034 51   HOH HOH B . 
K 4 HOH 32 2035 52   HOH HOH B . 
K 4 HOH 33 2036 55   HOH HOH B . 
K 4 HOH 34 2037 57   HOH HOH B . 
K 4 HOH 35 2038 58   HOH HOH B . 
K 4 HOH 36 2039 60   HOH HOH B . 
K 4 HOH 37 2040 62   HOH HOH B . 
K 4 HOH 38 2041 63   HOH HOH B . 
K 4 HOH 39 2042 64   HOH HOH B . 
K 4 HOH 40 2043 68   HOH HOH B . 
K 4 HOH 41 2044 69   HOH HOH B . 
K 4 HOH 42 2045 72   HOH HOH B . 
K 4 HOH 43 2046 77   HOH HOH B . 
K 4 HOH 44 2047 78   HOH HOH B . 
K 4 HOH 45 2048 80   HOH HOH B . 
K 4 HOH 46 2049 81   HOH HOH B . 
K 4 HOH 47 2050 84   HOH HOH B . 
K 4 HOH 48 2051 85   HOH HOH B . 
K 4 HOH 49 2052 89   HOH HOH B . 
K 4 HOH 50 2053 90   HOH HOH B . 
K 4 HOH 51 2054 91   HOH HOH B . 
K 4 HOH 52 2055 93   HOH HOH B . 
K 4 HOH 53 2056 94   HOH HOH B . 
K 4 HOH 54 2057 96   HOH HOH B . 
K 4 HOH 55 2058 98   HOH HOH B . 
K 4 HOH 56 2059 99   HOH HOH B . 
K 4 HOH 57 2060 104  HOH HOH B . 
K 4 HOH 58 2061 108  HOH HOH B . 
K 4 HOH 59 2062 110  HOH HOH B . 
K 4 HOH 60 2063 112  HOH HOH B . 
K 4 HOH 61 2064 113  HOH HOH B . 
K 4 HOH 62 2065 119  HOH HOH B . 
K 4 HOH 63 2066 121  HOH HOH B . 
K 4 HOH 64 2067 123  HOH HOH B . 
K 4 HOH 65 2068 126  HOH HOH B . 
K 4 HOH 66 2069 127  HOH HOH B . 
K 4 HOH 67 2070 128  HOH HOH B . 
K 4 HOH 68 2071 131  HOH HOH B . 
K 4 HOH 69 2072 135  HOH HOH B . 
K 4 HOH 70 2073 136  HOH HOH B . 
K 4 HOH 71 2074 137  HOH HOH B . 
K 4 HOH 72 2075 138  HOH HOH B . 
K 4 HOH 73 2076 139  HOH HOH B . 
K 4 HOH 74 2077 140  HOH HOH B . 
K 4 HOH 75 2078 141  HOH HOH B . 
K 4 HOH 76 2079 145  HOH HOH B . 
K 4 HOH 77 2080 146  HOH HOH B . 
K 4 HOH 78 2081 147  HOH HOH B . 
K 4 HOH 79 2082 148  HOH HOH B . 
K 4 HOH 80 2083 149  HOH HOH B . 
K 4 HOH 81 2084 150  HOH HOH B . 
K 4 HOH 82 2085 152  HOH HOH B . 
# 
loop_
_software.name 
_software.classification 
_software.version 
_software.citation_id 
_software.pdbx_ordinal 
MAR345    'data collection' . ? 1 
SCALEPACK 'data scaling'    . ? 2 
SOLVE     phasing           . ? 3 
CNS       refinement        . ? 4 
# 
_cell.entry_id           1K9U 
_cell.length_a           31.084 
_cell.length_b           56.205 
_cell.length_c           37.238 
_cell.angle_alpha        90.00 
_cell.angle_beta         90.23 
_cell.angle_gamma        90.00 
_cell.Z_PDB              4 
_cell.pdbx_unique_axis   ? 
# 
_symmetry.entry_id                         1K9U 
_symmetry.space_group_name_H-M             'P 1 21 1' 
_symmetry.pdbx_full_space_group_name_H-M   ? 
_symmetry.cell_setting                     ? 
_symmetry.Int_Tables_number                4 
# 
_exptl.entry_id          1K9U 
_exptl.method            'X-RAY DIFFRACTION' 
_exptl.crystals_number   1 
# 
_exptl_crystal.id                    1 
_exptl_crystal.density_meas          ? 
_exptl_crystal.density_Matthews      1.87 
_exptl_crystal.density_percent_sol   34.31 
_exptl_crystal.description           ? 
# 
_exptl_crystal_grow.crystal_id      1 
_exptl_crystal_grow.method          'VAPOR DIFFUSION, SITTING DROP' 
_exptl_crystal_grow.temp            293 
_exptl_crystal_grow.temp_details    ? 
_exptl_crystal_grow.pH              3.3 
_exptl_crystal_grow.pdbx_details    
'ammonium sulfate, PEG 4000, alanine/HCl, pH 3.3, VAPOR DIFFUSION, SITTING DROP, temperature 293K' 
_exptl_crystal_grow.pdbx_pH_range   . 
# 
_diffrn.id                     1 
_diffrn.ambient_temp           100 
_diffrn.ambient_temp_details   ? 
_diffrn.crystal_id             1 
# 
_diffrn_detector.diffrn_id              1 
_diffrn_detector.detector               CCD 
_diffrn_detector.type                   MARRESEARCH 
_diffrn_detector.pdbx_collection_date   2001-06-08 
_diffrn_detector.details                ? 
# 
_diffrn_radiation.diffrn_id                        1 
_diffrn_radiation.wavelength_id                    1 
_diffrn_radiation.pdbx_monochromatic_or_laue_m_l   M 
_diffrn_radiation.monochromator                    'triangular monochromator' 
_diffrn_radiation.pdbx_diffrn_protocol             'SINGLE WAVELENGTH' 
_diffrn_radiation.pdbx_scattering_type             x-ray 
# 
_diffrn_radiation_wavelength.id           1 
_diffrn_radiation_wavelength.wavelength   0.8482 
_diffrn_radiation_wavelength.wt           1.0 
# 
_diffrn_source.diffrn_id                   1 
_diffrn_source.source                      SYNCHROTRON 
_diffrn_source.type                        'EMBL/DESY, HAMBURG BEAMLINE X11' 
_diffrn_source.pdbx_synchrotron_site       'EMBL/DESY, HAMBURG' 
_diffrn_source.pdbx_synchrotron_beamline   X11 
_diffrn_source.pdbx_wavelength             ? 
_diffrn_source.pdbx_wavelength_list        0.8482 
# 
_reflns.entry_id                     1K9U 
_reflns.observed_criterion_sigma_I   0 
_reflns.observed_criterion_sigma_F   0 
_reflns.d_resolution_low             14 
_reflns.d_resolution_high            1.75 
_reflns.number_obs                   13072 
_reflns.number_all                   13072 
_reflns.percent_possible_obs         100 
_reflns.pdbx_Rmerge_I_obs            ? 
_reflns.pdbx_Rsym_value              0.047 
_reflns.pdbx_netI_over_sigmaI        35.3 
_reflns.B_iso_Wilson_estimate        26.5 
_reflns.pdbx_redundancy              4.7 
_reflns.R_free_details               ? 
_reflns.limit_h_max                  ? 
_reflns.limit_h_min                  ? 
_reflns.limit_k_max                  ? 
_reflns.limit_k_min                  ? 
_reflns.limit_l_max                  ? 
_reflns.limit_l_min                  ? 
_reflns.observed_criterion_F_max     ? 
_reflns.observed_criterion_F_min     ? 
_reflns.pdbx_diffrn_id               1 
_reflns.pdbx_ordinal                 1 
# 
_reflns_shell.d_res_high             1.75 
_reflns_shell.d_res_low              1.78 
_reflns_shell.percent_possible_all   99.8 
_reflns_shell.Rmerge_I_obs           ? 
_reflns_shell.pdbx_Rsym_value        0.185 
_reflns_shell.meanI_over_sigI_obs    7.9 
_reflns_shell.pdbx_redundancy        3.7 
_reflns_shell.percent_possible_obs   ? 
_reflns_shell.number_unique_all      638 
_reflns_shell.pdbx_diffrn_id         ? 
_reflns_shell.pdbx_ordinal           1 
# 
_refine.entry_id                                 1K9U 
_refine.ls_number_reflns_obs                     12982 
_refine.ls_number_reflns_all                     12982 
_refine.pdbx_ls_sigma_I                          0 
_refine.pdbx_ls_sigma_F                          0 
_refine.pdbx_data_cutoff_high_absF               ? 
_refine.pdbx_data_cutoff_low_absF                ? 
_refine.ls_d_res_low                             13.92 
_refine.ls_d_res_high                            1.75 
_refine.ls_percent_reflns_obs                    99.6 
_refine.ls_R_factor_obs                          ? 
_refine.ls_R_factor_all                          ? 
_refine.ls_R_factor_R_work                       0.192 
_refine.ls_R_factor_R_free                       0.223 
_refine.ls_R_factor_R_free_error                 ? 
_refine.ls_R_factor_R_free_error_details         ? 
_refine.ls_percent_reflns_R_free                 5.1 
_refine.ls_number_reflns_R_free                  664 
_refine.ls_number_parameters                     ? 
_refine.ls_number_restraints                     ? 
_refine.occupancy_min                            ? 
_refine.occupancy_max                            ? 
_refine.B_iso_mean                               22.7 
_refine.aniso_B[1][1]                            ? 
_refine.aniso_B[2][2]                            ? 
_refine.aniso_B[3][3]                            ? 
_refine.aniso_B[1][2]                            ? 
_refine.aniso_B[1][3]                            ? 
_refine.aniso_B[2][3]                            ? 
_refine.solvent_model_details                    ? 
_refine.solvent_model_param_ksol                 ? 
_refine.solvent_model_param_bsol                 ? 
_refine.pdbx_ls_cross_valid_method               ? 
_refine.details                                  ? 
_refine.pdbx_starting_model                      ? 
_refine.pdbx_method_to_determine_struct          SAD 
_refine.pdbx_isotropic_thermal_model             isotropic 
_refine.pdbx_stereochemistry_target_values       'Engh and Huber' 
_refine.pdbx_stereochem_target_val_spec_case     ? 
_refine.pdbx_R_Free_selection_details            RANDOM 
_refine.pdbx_overall_ESU_R_Free                  ? 
_refine.overall_SU_B                             ? 
_refine.ls_redundancy_reflns_obs                 ? 
_refine.B_iso_min                                ? 
_refine.B_iso_max                                ? 
_refine.correlation_coeff_Fo_to_Fc               ? 
_refine.overall_SU_R_Cruickshank_DPI             ? 
_refine.overall_SU_R_free                        ? 
_refine.overall_SU_ML                            ? 
_refine.pdbx_overall_ESU_R                       ? 
_refine.pdbx_data_cutoff_high_rms_absF           ? 
_refine.correlation_coeff_Fo_to_Fc_free          ? 
_refine.pdbx_solvent_vdw_probe_radii             ? 
_refine.pdbx_solvent_ion_probe_radii             ? 
_refine.pdbx_solvent_shrinkage_radii             ? 
_refine.pdbx_refine_id                           'X-RAY DIFFRACTION' 
_refine.pdbx_diffrn_id                           1 
_refine.pdbx_TLS_residual_ADP_flag               ? 
_refine.pdbx_overall_phase_error                 ? 
_refine.pdbx_overall_SU_R_free_Cruickshank_DPI   ? 
_refine.pdbx_overall_SU_R_Blow_DPI               ? 
_refine.pdbx_overall_SU_R_free_Blow_DPI          ? 
# 
_refine_analyze.entry_id                        1K9U 
_refine_analyze.Luzzati_coordinate_error_obs    0.19 
_refine_analyze.Luzzati_sigma_a_obs             0.11 
_refine_analyze.Luzzati_d_res_low_obs           5.0 
_refine_analyze.Luzzati_coordinate_error_free   0.23 
_refine_analyze.Luzzati_sigma_a_free            0.14 
_refine_analyze.Luzzati_d_res_low_free          ? 
_refine_analyze.number_disordered_residues      ? 
_refine_analyze.occupancy_sum_hydrogen          ? 
_refine_analyze.occupancy_sum_non_hydrogen      ? 
_refine_analyze.pdbx_Luzzati_d_res_high_obs     ? 
_refine_analyze.pdbx_refine_id                  'X-RAY DIFFRACTION' 
# 
_refine_hist.pdbx_refine_id                   'X-RAY DIFFRACTION' 
_refine_hist.cycle_id                         LAST 
_refine_hist.pdbx_number_atoms_protein        1282 
_refine_hist.pdbx_number_atoms_nucleic_acid   0 
_refine_hist.pdbx_number_atoms_ligand         19 
_refine_hist.number_atoms_solvent             157 
_refine_hist.number_atoms_total               1458 
_refine_hist.d_res_high                       1.75 
_refine_hist.d_res_low                        13.92 
# 
loop_
_refine_ls_restr.type 
_refine_ls_restr.dev_ideal 
_refine_ls_restr.dev_ideal_target 
_refine_ls_restr.weight 
_refine_ls_restr.number 
_refine_ls_restr.pdbx_refine_id 
_refine_ls_restr.pdbx_restraint_function 
c_angle_deg        0.97   ? ? ? 'X-RAY DIFFRACTION' ? 
c_bond_d           0.0046 ? ? ? 'X-RAY DIFFRACTION' ? 
c_dihedral_angle_d 18.76  ? ? ? 'X-RAY DIFFRACTION' ? 
c_improper_angle_d 0.66   ? ? ? 'X-RAY DIFFRACTION' ? 
# 
_refine_ls_shell.pdbx_total_number_of_bins_used   ? 
_refine_ls_shell.d_res_high                       1.75 
_refine_ls_shell.d_res_low                        1.81 
_refine_ls_shell.number_reflns_R_work             ? 
_refine_ls_shell.R_factor_R_work                  0.233 
_refine_ls_shell.percent_reflns_obs               100 
_refine_ls_shell.R_factor_R_free                  0.313 
_refine_ls_shell.R_factor_R_free_error            ? 
_refine_ls_shell.percent_reflns_R_free            ? 
_refine_ls_shell.number_reflns_R_free             73 
_refine_ls_shell.number_reflns_obs                1294 
_refine_ls_shell.redundancy_reflns_obs            ? 
_refine_ls_shell.number_reflns_all                ? 
_refine_ls_shell.pdbx_refine_id                   'X-RAY DIFFRACTION' 
_refine_ls_shell.R_factor_all                     ? 
# 
_struct.entry_id                  1K9U 
_struct.title                     'Crystal Structure of the Calcium-Binding Pollen Allergen Phl p 7 (Polcalcin) at 1.75 Angstroem' 
_struct.pdbx_model_details        ? 
_struct.pdbx_CASP_flag            ? 
_struct.pdbx_model_type_details   ? 
# 
_struct_keywords.entry_id        1K9U 
_struct_keywords.pdbx_keywords   ALLERGEN 
_struct_keywords.text            'pollen allergen, calcium-binding, EF-hand, cross-reactivity, ALLERGEN' 
# 
loop_
_struct_asym.id 
_struct_asym.pdbx_blank_PDB_chainid_flag 
_struct_asym.pdbx_modified 
_struct_asym.entity_id 
_struct_asym.details 
A N N 1 ? 
B N N 1 ? 
C N N 2 ? 
D N N 3 ? 
E N N 3 ? 
F N N 2 ? 
G N N 2 ? 
H N N 3 ? 
I N N 3 ? 
J N N 4 ? 
K N N 4 ? 
# 
_struct_ref.id                         1 
_struct_ref.db_name                    UNP 
_struct_ref.db_code                    POLC7_PHLPR 
_struct_ref.entity_id                  1 
_struct_ref.pdbx_seq_one_letter_code   MADDMERIFKRFDTNGDGKISLSELTDALRTLGSTSADEVQRMMAEIDTDGDGFIDFNEFISFCNANPGLMKDVAKVF 
_struct_ref.pdbx_align_begin           1 
_struct_ref.pdbx_db_accession          O82040 
_struct_ref.pdbx_db_isoform            ? 
# 
loop_
_struct_ref_seq.align_id 
_struct_ref_seq.ref_id 
_struct_ref_seq.pdbx_PDB_id_code 
_struct_ref_seq.pdbx_strand_id 
_struct_ref_seq.seq_align_beg 
_struct_ref_seq.pdbx_seq_align_beg_ins_code 
_struct_ref_seq.seq_align_end 
_struct_ref_seq.pdbx_seq_align_end_ins_code 
_struct_ref_seq.pdbx_db_accession 
_struct_ref_seq.db_align_beg 
_struct_ref_seq.pdbx_db_align_beg_ins_code 
_struct_ref_seq.db_align_end 
_struct_ref_seq.pdbx_db_align_end_ins_code 
_struct_ref_seq.pdbx_auth_seq_align_beg 
_struct_ref_seq.pdbx_auth_seq_align_end 
1 1 1K9U A 1 ? 78 ? O82040 1 ? 78 ? 1 78 
2 1 1K9U B 1 ? 78 ? O82040 1 ? 78 ? 1 78 
# 
_pdbx_struct_assembly.id                   1 
_pdbx_struct_assembly.details              author_and_software_defined_assembly 
_pdbx_struct_assembly.method_details       PISA 
_pdbx_struct_assembly.oligomeric_details   dimeric 
_pdbx_struct_assembly.oligomeric_count     2 
# 
loop_
_pdbx_struct_assembly_prop.biol_id 
_pdbx_struct_assembly_prop.type 
_pdbx_struct_assembly_prop.value 
_pdbx_struct_assembly_prop.details 
1 'ABSA (A^2)' 5910 ? 
1 MORE         -130 ? 
1 'SSA (A^2)'  7970 ? 
# 
_pdbx_struct_assembly_gen.assembly_id       1 
_pdbx_struct_assembly_gen.oper_expression   1 
_pdbx_struct_assembly_gen.asym_id_list      A,B,C,D,E,F,G,H,I,J,K 
# 
_pdbx_struct_oper_list.id                   1 
_pdbx_struct_oper_list.type                 'identity operation' 
_pdbx_struct_oper_list.name                 1_555 
_pdbx_struct_oper_list.symmetry_operation   x,y,z 
_pdbx_struct_oper_list.matrix[1][1]         1.0000000000 
_pdbx_struct_oper_list.matrix[1][2]         0.0000000000 
_pdbx_struct_oper_list.matrix[1][3]         0.0000000000 
_pdbx_struct_oper_list.vector[1]            0.0000000000 
_pdbx_struct_oper_list.matrix[2][1]         0.0000000000 
_pdbx_struct_oper_list.matrix[2][2]         1.0000000000 
_pdbx_struct_oper_list.matrix[2][3]         0.0000000000 
_pdbx_struct_oper_list.vector[2]            0.0000000000 
_pdbx_struct_oper_list.matrix[3][1]         0.0000000000 
_pdbx_struct_oper_list.matrix[3][2]         0.0000000000 
_pdbx_struct_oper_list.matrix[3][3]         1.0000000000 
_pdbx_struct_oper_list.vector[3]            0.0000000000 
# 
_struct_biol.id                    1 
_struct_biol.pdbx_parent_biol_id   ? 
_struct_biol.details               ? 
# 
loop_
_struct_conf.conf_type_id 
_struct_conf.id 
_struct_conf.pdbx_PDB_helix_id 
_struct_conf.beg_label_comp_id 
_struct_conf.beg_label_asym_id 
_struct_conf.beg_label_seq_id 
_struct_conf.pdbx_beg_PDB_ins_code 
_struct_conf.end_label_comp_id 
_struct_conf.end_label_asym_id 
_struct_conf.end_label_seq_id 
_struct_conf.pdbx_end_PDB_ins_code 
_struct_conf.beg_auth_comp_id 
_struct_conf.beg_auth_asym_id 
_struct_conf.beg_auth_seq_id 
_struct_conf.end_auth_comp_id 
_struct_conf.end_auth_asym_id 
_struct_conf.end_auth_seq_id 
_struct_conf.pdbx_PDB_helix_class 
_struct_conf.details 
_struct_conf.pdbx_PDB_helix_length 
HELX_P HELX_P1  1  ASP A 3  ? ASP A 13 ? ASP A 3  ASP A 13 1 ? 11 
HELX_P HELX_P2  2  SER A 21 ? SER A 34 ? SER A 21 SER A 34 1 ? 14 
HELX_P HELX_P3  3  SER A 36 ? ASP A 48 ? SER A 36 ASP A 48 1 ? 13 
HELX_P HELX_P4  4  PHE A 57 ? ASN A 67 ? PHE A 57 ASN A 67 1 ? 11 
HELX_P HELX_P5  5  PRO A 68 ? LYS A 76 ? PRO A 68 LYS A 76 1 ? 9  
HELX_P HELX_P6  6  ASP B 3  ? ASP B 13 ? ASP B 3  ASP B 13 1 ? 11 
HELX_P HELX_P7  7  SER B 21 ? GLY B 33 ? SER B 21 GLY B 33 1 ? 13 
HELX_P HELX_P8  8  SER B 36 ? ASP B 48 ? SER B 36 ASP B 48 1 ? 13 
HELX_P HELX_P9  9  PHE B 57 ? ASN B 67 ? PHE B 57 ASN B 67 1 ? 11 
HELX_P HELX_P10 10 PRO B 68 ? ASP B 73 ? PRO B 68 ASP B 73 1 ? 6  
# 
_struct_conf_type.id          HELX_P 
_struct_conf_type.criteria    ? 
_struct_conf_type.reference   ? 
# 
loop_
_struct_conn.id 
_struct_conn.conn_type_id 
_struct_conn.pdbx_leaving_atom_flag 
_struct_conn.pdbx_PDB_id 
_struct_conn.ptnr1_label_asym_id 
_struct_conn.ptnr1_label_comp_id 
_struct_conn.ptnr1_label_seq_id 
_struct_conn.ptnr1_label_atom_id 
_struct_conn.pdbx_ptnr1_label_alt_id 
_struct_conn.pdbx_ptnr1_PDB_ins_code 
_struct_conn.pdbx_ptnr1_standard_comp_id 
_struct_conn.ptnr1_symmetry 
_struct_conn.ptnr2_label_asym_id 
_struct_conn.ptnr2_label_comp_id 
_struct_conn.ptnr2_label_seq_id 
_struct_conn.ptnr2_label_atom_id 
_struct_conn.pdbx_ptnr2_label_alt_id 
_struct_conn.pdbx_ptnr2_PDB_ins_code 
_struct_conn.ptnr1_auth_asym_id 
_struct_conn.ptnr1_auth_comp_id 
_struct_conn.ptnr1_auth_seq_id 
_struct_conn.ptnr2_auth_asym_id 
_struct_conn.ptnr2_auth_comp_id 
_struct_conn.ptnr2_auth_seq_id 
_struct_conn.ptnr2_symmetry 
_struct_conn.pdbx_ptnr3_label_atom_id 
_struct_conn.pdbx_ptnr3_label_seq_id 
_struct_conn.pdbx_ptnr3_label_comp_id 
_struct_conn.pdbx_ptnr3_label_asym_id 
_struct_conn.pdbx_ptnr3_label_alt_id 
_struct_conn.pdbx_ptnr3_PDB_ins_code 
_struct_conn.details 
_struct_conn.pdbx_dist_value 
_struct_conn.pdbx_value_order 
_struct_conn.pdbx_role 
metalc1  metalc ? ? A ASP 13 OD1 ? ? ? 1_555 D CA  . CA ? ? A ASP 13   A CA  1001 1_555 ? ? ? ? ? ? ? 2.274 ? ? 
metalc2  metalc ? ? A ASN 15 OD1 ? ? ? 1_555 D CA  . CA ? ? A ASN 15   A CA  1001 1_555 ? ? ? ? ? ? ? 2.315 ? ? 
metalc3  metalc ? ? A ASP 17 OD1 ? ? ? 1_555 D CA  . CA ? ? A ASP 17   A CA  1001 1_555 ? ? ? ? ? ? ? 2.414 ? ? 
metalc4  metalc ? ? A LYS 19 O   ? ? ? 1_555 D CA  . CA ? ? A LYS 19   A CA  1001 1_555 ? ? ? ? ? ? ? 2.287 ? ? 
metalc5  metalc ? ? A GLU 24 OE1 ? ? ? 1_555 D CA  . CA ? ? A GLU 24   A CA  1001 1_555 ? ? ? ? ? ? ? 2.423 ? ? 
metalc6  metalc ? ? A GLU 24 OE2 ? ? ? 1_555 D CA  . CA ? ? A GLU 24   A CA  1001 1_555 ? ? ? ? ? ? ? 2.587 ? ? 
metalc7  metalc ? ? A ASP 48 OD1 ? ? ? 1_555 E CA  . CA ? ? A ASP 48   A CA  1002 1_555 ? ? ? ? ? ? ? 2.296 ? ? 
metalc8  metalc ? ? A ASP 50 OD1 ? ? ? 1_555 E CA  . CA ? ? A ASP 50   A CA  1002 1_555 ? ? ? ? ? ? ? 2.406 ? ? 
metalc9  metalc ? ? A ASP 52 OD1 ? ? ? 1_555 E CA  . CA ? ? A ASP 52   A CA  1002 1_555 ? ? ? ? ? ? ? 2.224 ? ? 
metalc10 metalc ? ? A PHE 54 O   ? ? ? 1_555 E CA  . CA ? ? A PHE 54   A CA  1002 1_555 ? ? ? ? ? ? ? 2.289 ? ? 
metalc11 metalc ? ? A GLU 59 OE2 ? ? ? 1_555 E CA  . CA ? ? A GLU 59   A CA  1002 1_555 ? ? ? ? ? ? ? 2.612 ? ? 
metalc12 metalc ? ? A GLU 59 OE1 ? ? ? 1_555 E CA  . CA ? ? A GLU 59   A CA  1002 1_555 ? ? ? ? ? ? ? 2.427 ? ? 
metalc13 metalc ? ? D CA  .  CA  ? ? ? 1_555 J HOH . O  ? ? A CA  1001 A HOH 2002 1_555 ? ? ? ? ? ? ? 2.456 ? ? 
metalc14 metalc ? ? E CA  .  CA  ? ? ? 1_555 J HOH . O  ? ? A CA  1002 A HOH 2003 1_555 ? ? ? ? ? ? ? 2.369 ? ? 
metalc15 metalc ? ? B ASP 13 OD1 ? ? ? 1_555 H CA  . CA ? ? B ASP 13   B CA  1003 1_555 ? ? ? ? ? ? ? 2.260 ? ? 
metalc16 metalc ? ? B ASN 15 OD1 ? ? ? 1_555 H CA  . CA ? ? B ASN 15   B CA  1003 1_555 ? ? ? ? ? ? ? 2.373 ? ? 
metalc17 metalc ? ? B ASP 17 OD1 ? ? ? 1_555 H CA  . CA ? ? B ASP 17   B CA  1003 1_555 ? ? ? ? ? ? ? 2.458 ? ? 
metalc18 metalc ? ? B LYS 19 O   A ? ? 1_555 H CA  . CA ? ? B LYS 19   B CA  1003 1_555 ? ? ? ? ? ? ? 2.244 ? ? 
metalc19 metalc ? ? B LYS 19 O   B ? ? 1_555 H CA  . CA ? ? B LYS 19   B CA  1003 1_555 ? ? ? ? ? ? ? 2.238 ? ? 
metalc20 metalc ? ? B GLU 24 OE1 ? ? ? 1_555 H CA  . CA ? ? B GLU 24   B CA  1003 1_555 ? ? ? ? ? ? ? 2.447 ? ? 
metalc21 metalc ? ? B GLU 24 OE2 ? ? ? 1_555 H CA  . CA ? ? B GLU 24   B CA  1003 1_555 ? ? ? ? ? ? ? 2.525 ? ? 
metalc22 metalc ? ? B ASP 48 OD1 ? ? ? 1_555 I CA  . CA ? ? B ASP 48   B CA  1004 1_555 ? ? ? ? ? ? ? 2.287 ? ? 
metalc23 metalc ? ? B ASP 50 OD1 ? ? ? 1_555 I CA  . CA ? ? B ASP 50   B CA  1004 1_555 ? ? ? ? ? ? ? 2.395 ? ? 
metalc24 metalc ? ? B ASP 52 OD1 ? ? ? 1_555 I CA  . CA ? ? B ASP 52   B CA  1004 1_555 ? ? ? ? ? ? ? 2.439 ? ? 
metalc25 metalc ? ? B PHE 54 O   ? ? ? 1_555 I CA  . CA ? ? B PHE 54   B CA  1004 1_555 ? ? ? ? ? ? ? 2.335 ? ? 
metalc26 metalc ? ? B GLU 59 OE2 ? ? ? 1_555 I CA  . CA ? ? B GLU 59   B CA  1004 1_555 ? ? ? ? ? ? ? 2.487 ? ? 
metalc27 metalc ? ? B GLU 59 OE1 ? ? ? 1_555 I CA  . CA ? ? B GLU 59   B CA  1004 1_555 ? ? ? ? ? ? ? 2.359 ? ? 
metalc28 metalc ? ? H CA  .  CA  ? ? ? 1_555 K HOH . O  ? ? B CA  1003 B HOH 2004 1_555 ? ? ? ? ? ? ? 2.300 ? ? 
metalc29 metalc ? ? I CA  .  CA  ? ? ? 1_555 K HOH . O  ? ? B CA  1004 B HOH 2005 1_555 ? ? ? ? ? ? ? 2.349 ? ? 
# 
_struct_conn_type.id          metalc 
_struct_conn_type.criteria    ? 
_struct_conn_type.reference   ? 
# 
loop_
_pdbx_struct_conn_angle.id 
_pdbx_struct_conn_angle.ptnr1_label_atom_id 
_pdbx_struct_conn_angle.ptnr1_label_alt_id 
_pdbx_struct_conn_angle.ptnr1_label_asym_id 
_pdbx_struct_conn_angle.ptnr1_label_comp_id 
_pdbx_struct_conn_angle.ptnr1_label_seq_id 
_pdbx_struct_conn_angle.ptnr1_auth_atom_id 
_pdbx_struct_conn_angle.ptnr1_auth_asym_id 
_pdbx_struct_conn_angle.ptnr1_auth_comp_id 
_pdbx_struct_conn_angle.ptnr1_auth_seq_id 
_pdbx_struct_conn_angle.ptnr1_PDB_ins_code 
_pdbx_struct_conn_angle.ptnr1_symmetry 
_pdbx_struct_conn_angle.ptnr2_label_atom_id 
_pdbx_struct_conn_angle.ptnr2_label_alt_id 
_pdbx_struct_conn_angle.ptnr2_label_asym_id 
_pdbx_struct_conn_angle.ptnr2_label_comp_id 
_pdbx_struct_conn_angle.ptnr2_label_seq_id 
_pdbx_struct_conn_angle.ptnr2_auth_atom_id 
_pdbx_struct_conn_angle.ptnr2_auth_asym_id 
_pdbx_struct_conn_angle.ptnr2_auth_comp_id 
_pdbx_struct_conn_angle.ptnr2_auth_seq_id 
_pdbx_struct_conn_angle.ptnr2_PDB_ins_code 
_pdbx_struct_conn_angle.ptnr2_symmetry 
_pdbx_struct_conn_angle.ptnr3_label_atom_id 
_pdbx_struct_conn_angle.ptnr3_label_alt_id 
_pdbx_struct_conn_angle.ptnr3_label_asym_id 
_pdbx_struct_conn_angle.ptnr3_label_comp_id 
_pdbx_struct_conn_angle.ptnr3_label_seq_id 
_pdbx_struct_conn_angle.ptnr3_auth_atom_id 
_pdbx_struct_conn_angle.ptnr3_auth_asym_id 
_pdbx_struct_conn_angle.ptnr3_auth_comp_id 
_pdbx_struct_conn_angle.ptnr3_auth_seq_id 
_pdbx_struct_conn_angle.ptnr3_PDB_ins_code 
_pdbx_struct_conn_angle.ptnr3_symmetry 
_pdbx_struct_conn_angle.value 
_pdbx_struct_conn_angle.value_esd 
1  OD1 ? A ASP 13 ? A ASP 13 ? 1_555 CA ? D CA . ? A CA 1001 ? 1_555 OD1 ? A ASN 15 ? A ASN 15   ? 1_555 85.9  ? 
2  OD1 ? A ASP 13 ? A ASP 13 ? 1_555 CA ? D CA . ? A CA 1001 ? 1_555 OD1 ? A ASP 17 ? A ASP 17   ? 1_555 83.2  ? 
3  OD1 ? A ASN 15 ? A ASN 15 ? 1_555 CA ? D CA . ? A CA 1001 ? 1_555 OD1 ? A ASP 17 ? A ASP 17   ? 1_555 76.7  ? 
4  OD1 ? A ASP 13 ? A ASP 13 ? 1_555 CA ? D CA . ? A CA 1001 ? 1_555 O   ? A LYS 19 ? A LYS 19   ? 1_555 87.9  ? 
5  OD1 ? A ASN 15 ? A ASN 15 ? 1_555 CA ? D CA . ? A CA 1001 ? 1_555 O   ? A LYS 19 ? A LYS 19   ? 1_555 155.6 ? 
6  OD1 ? A ASP 17 ? A ASP 17 ? 1_555 CA ? D CA . ? A CA 1001 ? 1_555 O   ? A LYS 19 ? A LYS 19   ? 1_555 79.1  ? 
7  OD1 ? A ASP 13 ? A ASP 13 ? 1_555 CA ? D CA . ? A CA 1001 ? 1_555 OE1 ? A GLU 24 ? A GLU 24   ? 1_555 101.5 ? 
8  OD1 ? A ASN 15 ? A ASN 15 ? 1_555 CA ? D CA . ? A CA 1001 ? 1_555 OE1 ? A GLU 24 ? A GLU 24   ? 1_555 126.1 ? 
9  OD1 ? A ASP 17 ? A ASP 17 ? 1_555 CA ? D CA . ? A CA 1001 ? 1_555 OE1 ? A GLU 24 ? A GLU 24   ? 1_555 156.7 ? 
10 O   ? A LYS 19 ? A LYS 19 ? 1_555 CA ? D CA . ? A CA 1001 ? 1_555 OE1 ? A GLU 24 ? A GLU 24   ? 1_555 78.3  ? 
11 OD1 ? A ASP 13 ? A ASP 13 ? 1_555 CA ? D CA . ? A CA 1001 ? 1_555 OE2 ? A GLU 24 ? A GLU 24   ? 1_555 96.2  ? 
12 OD1 ? A ASN 15 ? A ASN 15 ? 1_555 CA ? D CA . ? A CA 1001 ? 1_555 OE2 ? A GLU 24 ? A GLU 24   ? 1_555 74.4  ? 
13 OD1 ? A ASP 17 ? A ASP 17 ? 1_555 CA ? D CA . ? A CA 1001 ? 1_555 OE2 ? A GLU 24 ? A GLU 24   ? 1_555 151.1 ? 
14 O   ? A LYS 19 ? A LYS 19 ? 1_555 CA ? D CA . ? A CA 1001 ? 1_555 OE2 ? A GLU 24 ? A GLU 24   ? 1_555 129.8 ? 
15 OE1 ? A GLU 24 ? A GLU 24 ? 1_555 CA ? D CA . ? A CA 1001 ? 1_555 OE2 ? A GLU 24 ? A GLU 24   ? 1_555 51.8  ? 
16 OD1 ? A ASP 13 ? A ASP 13 ? 1_555 CA ? D CA . ? A CA 1001 ? 1_555 O   ? J HOH .  ? A HOH 2002 ? 1_555 166.6 ? 
17 OD1 ? A ASN 15 ? A ASN 15 ? 1_555 CA ? D CA . ? A CA 1001 ? 1_555 O   ? J HOH .  ? A HOH 2002 ? 1_555 90.2  ? 
18 OD1 ? A ASP 17 ? A ASP 17 ? 1_555 CA ? D CA . ? A CA 1001 ? 1_555 O   ? J HOH .  ? A HOH 2002 ? 1_555 83.4  ? 
19 O   ? A LYS 19 ? A LYS 19 ? 1_555 CA ? D CA . ? A CA 1001 ? 1_555 O   ? J HOH .  ? A HOH 2002 ? 1_555 90.5  ? 
20 OE1 ? A GLU 24 ? A GLU 24 ? 1_555 CA ? D CA . ? A CA 1001 ? 1_555 O   ? J HOH .  ? A HOH 2002 ? 1_555 91.2  ? 
21 OE2 ? A GLU 24 ? A GLU 24 ? 1_555 CA ? D CA . ? A CA 1001 ? 1_555 O   ? J HOH .  ? A HOH 2002 ? 1_555 95.1  ? 
22 OD1 ? A ASP 48 ? A ASP 48 ? 1_555 CA ? E CA . ? A CA 1002 ? 1_555 OD1 ? A ASP 50 ? A ASP 50   ? 1_555 80.7  ? 
23 OD1 ? A ASP 48 ? A ASP 48 ? 1_555 CA ? E CA . ? A CA 1002 ? 1_555 OD1 ? A ASP 52 ? A ASP 52   ? 1_555 86.4  ? 
24 OD1 ? A ASP 50 ? A ASP 50 ? 1_555 CA ? E CA . ? A CA 1002 ? 1_555 OD1 ? A ASP 52 ? A ASP 52   ? 1_555 72.4  ? 
25 OD1 ? A ASP 48 ? A ASP 48 ? 1_555 CA ? E CA . ? A CA 1002 ? 1_555 O   ? A PHE 54 ? A PHE 54   ? 1_555 79.8  ? 
26 OD1 ? A ASP 50 ? A ASP 50 ? 1_555 CA ? E CA . ? A CA 1002 ? 1_555 O   ? A PHE 54 ? A PHE 54   ? 1_555 146.0 ? 
27 OD1 ? A ASP 52 ? A ASP 52 ? 1_555 CA ? E CA . ? A CA 1002 ? 1_555 O   ? A PHE 54 ? A PHE 54   ? 1_555 78.7  ? 
28 OD1 ? A ASP 48 ? A ASP 48 ? 1_555 CA ? E CA . ? A CA 1002 ? 1_555 OE2 ? A GLU 59 ? A GLU 59   ? 1_555 86.1  ? 
29 OD1 ? A ASP 50 ? A ASP 50 ? 1_555 CA ? E CA . ? A CA 1002 ? 1_555 OE2 ? A GLU 59 ? A GLU 59   ? 1_555 79.0  ? 
30 OD1 ? A ASP 52 ? A ASP 52 ? 1_555 CA ? E CA . ? A CA 1002 ? 1_555 OE2 ? A GLU 59 ? A GLU 59   ? 1_555 151.2 ? 
31 O   ? A PHE 54 ? A PHE 54 ? 1_555 CA ? E CA . ? A CA 1002 ? 1_555 OE2 ? A GLU 59 ? A GLU 59   ? 1_555 126.9 ? 
32 OD1 ? A ASP 48 ? A ASP 48 ? 1_555 CA ? E CA . ? A CA 1002 ? 1_555 OE1 ? A GLU 59 ? A GLU 59   ? 1_555 101.5 ? 
33 OD1 ? A ASP 50 ? A ASP 50 ? 1_555 CA ? E CA . ? A CA 1002 ? 1_555 OE1 ? A GLU 59 ? A GLU 59   ? 1_555 129.7 ? 
34 OD1 ? A ASP 52 ? A ASP 52 ? 1_555 CA ? E CA . ? A CA 1002 ? 1_555 OE1 ? A GLU 59 ? A GLU 59   ? 1_555 157.3 ? 
35 O   ? A PHE 54 ? A PHE 54 ? 1_555 CA ? E CA . ? A CA 1002 ? 1_555 OE1 ? A GLU 59 ? A GLU 59   ? 1_555 81.7  ? 
36 OE2 ? A GLU 59 ? A GLU 59 ? 1_555 CA ? E CA . ? A CA 1002 ? 1_555 OE1 ? A GLU 59 ? A GLU 59   ? 1_555 51.4  ? 
37 OD1 ? A ASP 48 ? A ASP 48 ? 1_555 CA ? E CA . ? A CA 1002 ? 1_555 O   ? J HOH .  ? A HOH 2003 ? 1_555 167.2 ? 
38 OD1 ? A ASP 50 ? A ASP 50 ? 1_555 CA ? E CA . ? A CA 1002 ? 1_555 O   ? J HOH .  ? A HOH 2003 ? 1_555 92.2  ? 
39 OD1 ? A ASP 52 ? A ASP 52 ? 1_555 CA ? E CA . ? A CA 1002 ? 1_555 O   ? J HOH .  ? A HOH 2003 ? 1_555 81.2  ? 
40 O   ? A PHE 54 ? A PHE 54 ? 1_555 CA ? E CA . ? A CA 1002 ? 1_555 O   ? J HOH .  ? A HOH 2003 ? 1_555 100.9 ? 
41 OE2 ? A GLU 59 ? A GLU 59 ? 1_555 CA ? E CA . ? A CA 1002 ? 1_555 O   ? J HOH .  ? A HOH 2003 ? 1_555 103.1 ? 
42 OE1 ? A GLU 59 ? A GLU 59 ? 1_555 CA ? E CA . ? A CA 1002 ? 1_555 O   ? J HOH .  ? A HOH 2003 ? 1_555 91.3  ? 
43 OD1 ? B ASP 13 ? B ASP 13 ? 1_555 CA ? H CA . ? B CA 1003 ? 1_555 OD1 ? B ASN 15 ? B ASN 15   ? 1_555 81.8  ? 
44 OD1 ? B ASP 13 ? B ASP 13 ? 1_555 CA ? H CA . ? B CA 1003 ? 1_555 OD1 ? B ASP 17 ? B ASP 17   ? 1_555 85.7  ? 
45 OD1 ? B ASN 15 ? B ASN 15 ? 1_555 CA ? H CA . ? B CA 1003 ? 1_555 OD1 ? B ASP 17 ? B ASP 17   ? 1_555 75.1  ? 
46 OD1 ? B ASP 13 ? B ASP 13 ? 1_555 CA ? H CA . ? B CA 1003 ? 1_555 O   A B LYS 19 ? B LYS 19   ? 1_555 86.8  ? 
47 OD1 ? B ASN 15 ? B ASN 15 ? 1_555 CA ? H CA . ? B CA 1003 ? 1_555 O   A B LYS 19 ? B LYS 19   ? 1_555 154.1 ? 
48 OD1 ? B ASP 17 ? B ASP 17 ? 1_555 CA ? H CA . ? B CA 1003 ? 1_555 O   A B LYS 19 ? B LYS 19   ? 1_555 80.9  ? 
49 OD1 ? B ASP 13 ? B ASP 13 ? 1_555 CA ? H CA . ? B CA 1003 ? 1_555 O   B B LYS 19 ? B LYS 19   ? 1_555 85.8  ? 
50 OD1 ? B ASN 15 ? B ASN 15 ? 1_555 CA ? H CA . ? B CA 1003 ? 1_555 O   B B LYS 19 ? B LYS 19   ? 1_555 154.1 ? 
51 OD1 ? B ASP 17 ? B ASP 17 ? 1_555 CA ? H CA . ? B CA 1003 ? 1_555 O   B B LYS 19 ? B LYS 19   ? 1_555 81.3  ? 
52 O   A B LYS 19 ? B LYS 19 ? 1_555 CA ? H CA . ? B CA 1003 ? 1_555 O   B B LYS 19 ? B LYS 19   ? 1_555 1.1   ? 
53 OD1 ? B ASP 13 ? B ASP 13 ? 1_555 CA ? H CA . ? B CA 1003 ? 1_555 OE1 ? B GLU 24 ? B GLU 24   ? 1_555 103.6 ? 
54 OD1 ? B ASN 15 ? B ASN 15 ? 1_555 CA ? H CA . ? B CA 1003 ? 1_555 OE1 ? B GLU 24 ? B GLU 24   ? 1_555 128.2 ? 
55 OD1 ? B ASP 17 ? B ASP 17 ? 1_555 CA ? H CA . ? B CA 1003 ? 1_555 OE1 ? B GLU 24 ? B GLU 24   ? 1_555 155.5 ? 
56 O   A B LYS 19 ? B LYS 19 ? 1_555 CA ? H CA . ? B CA 1003 ? 1_555 OE1 ? B GLU 24 ? B GLU 24   ? 1_555 77.1  ? 
57 O   B B LYS 19 ? B LYS 19 ? 1_555 CA ? H CA . ? B CA 1003 ? 1_555 OE1 ? B GLU 24 ? B GLU 24   ? 1_555 76.9  ? 
58 OD1 ? B ASP 13 ? B ASP 13 ? 1_555 CA ? H CA . ? B CA 1003 ? 1_555 OE2 ? B GLU 24 ? B GLU 24   ? 1_555 92.2  ? 
59 OD1 ? B ASN 15 ? B ASN 15 ? 1_555 CA ? H CA . ? B CA 1003 ? 1_555 OE2 ? B GLU 24 ? B GLU 24   ? 1_555 76.3  ? 
60 OD1 ? B ASP 17 ? B ASP 17 ? 1_555 CA ? H CA . ? B CA 1003 ? 1_555 OE2 ? B GLU 24 ? B GLU 24   ? 1_555 151.4 ? 
61 O   A B LYS 19 ? B LYS 19 ? 1_555 CA ? H CA . ? B CA 1003 ? 1_555 OE2 ? B GLU 24 ? B GLU 24   ? 1_555 127.6 ? 
62 O   B B LYS 19 ? B LYS 19 ? 1_555 CA ? H CA . ? B CA 1003 ? 1_555 OE2 ? B GLU 24 ? B GLU 24   ? 1_555 127.1 ? 
63 OE1 ? B GLU 24 ? B GLU 24 ? 1_555 CA ? H CA . ? B CA 1003 ? 1_555 OE2 ? B GLU 24 ? B GLU 24   ? 1_555 52.2  ? 
64 OD1 ? B ASP 13 ? B ASP 13 ? 1_555 CA ? H CA . ? B CA 1003 ? 1_555 O   ? K HOH .  ? B HOH 2004 ? 1_555 166.2 ? 
65 OD1 ? B ASN 15 ? B ASN 15 ? 1_555 CA ? H CA . ? B CA 1003 ? 1_555 O   ? K HOH .  ? B HOH 2004 ? 1_555 93.4  ? 
66 OD1 ? B ASP 17 ? B ASP 17 ? 1_555 CA ? H CA . ? B CA 1003 ? 1_555 O   ? K HOH .  ? B HOH 2004 ? 1_555 80.5  ? 
67 O   A B LYS 19 ? B LYS 19 ? 1_555 CA ? H CA . ? B CA 1003 ? 1_555 O   ? K HOH .  ? B HOH 2004 ? 1_555 92.2  ? 
68 O   B B LYS 19 ? B LYS 19 ? 1_555 CA ? H CA . ? B CA 1003 ? 1_555 O   ? K HOH .  ? B HOH 2004 ? 1_555 93.3  ? 
69 OE1 ? B GLU 24 ? B GLU 24 ? 1_555 CA ? H CA . ? B CA 1003 ? 1_555 O   ? K HOH .  ? B HOH 2004 ? 1_555 89.6  ? 
70 OE2 ? B GLU 24 ? B GLU 24 ? 1_555 CA ? H CA . ? B CA 1003 ? 1_555 O   ? K HOH .  ? B HOH 2004 ? 1_555 99.2  ? 
71 OD1 ? B ASP 48 ? B ASP 48 ? 1_555 CA ? I CA . ? B CA 1004 ? 1_555 OD1 ? B ASP 50 ? B ASP 50   ? 1_555 81.1  ? 
72 OD1 ? B ASP 48 ? B ASP 48 ? 1_555 CA ? I CA . ? B CA 1004 ? 1_555 OD1 ? B ASP 52 ? B ASP 52   ? 1_555 86.0  ? 
73 OD1 ? B ASP 50 ? B ASP 50 ? 1_555 CA ? I CA . ? B CA 1004 ? 1_555 OD1 ? B ASP 52 ? B ASP 52   ? 1_555 78.6  ? 
74 OD1 ? B ASP 48 ? B ASP 48 ? 1_555 CA ? I CA . ? B CA 1004 ? 1_555 O   ? B PHE 54 ? B PHE 54   ? 1_555 85.1  ? 
75 OD1 ? B ASP 50 ? B ASP 50 ? 1_555 CA ? I CA . ? B CA 1004 ? 1_555 O   ? B PHE 54 ? B PHE 54   ? 1_555 156.2 ? 
76 OD1 ? B ASP 52 ? B ASP 52 ? 1_555 CA ? I CA . ? B CA 1004 ? 1_555 O   ? B PHE 54 ? B PHE 54   ? 1_555 81.2  ? 
77 OD1 ? B ASP 48 ? B ASP 48 ? 1_555 CA ? I CA . ? B CA 1004 ? 1_555 OE2 ? B GLU 59 ? B GLU 59   ? 1_555 88.4  ? 
78 OD1 ? B ASP 50 ? B ASP 50 ? 1_555 CA ? I CA . ? B CA 1004 ? 1_555 OE2 ? B GLU 59 ? B GLU 59   ? 1_555 73.3  ? 
79 OD1 ? B ASP 52 ? B ASP 52 ? 1_555 CA ? I CA . ? B CA 1004 ? 1_555 OE2 ? B GLU 59 ? B GLU 59   ? 1_555 151.9 ? 
80 O   ? B PHE 54 ? B PHE 54 ? 1_555 CA ? I CA . ? B CA 1004 ? 1_555 OE2 ? B GLU 59 ? B GLU 59   ? 1_555 125.7 ? 
81 OD1 ? B ASP 48 ? B ASP 48 ? 1_555 CA ? I CA . ? B CA 1004 ? 1_555 OE1 ? B GLU 59 ? B GLU 59   ? 1_555 113.3 ? 
82 OD1 ? B ASP 50 ? B ASP 50 ? 1_555 CA ? I CA . ? B CA 1004 ? 1_555 OE1 ? B GLU 59 ? B GLU 59   ? 1_555 122.9 ? 
83 OD1 ? B ASP 52 ? B ASP 52 ? 1_555 CA ? I CA . ? B CA 1004 ? 1_555 OE1 ? B GLU 59 ? B GLU 59   ? 1_555 151.9 ? 
84 O   ? B PHE 54 ? B PHE 54 ? 1_555 CA ? I CA . ? B CA 1004 ? 1_555 OE1 ? B GLU 59 ? B GLU 59   ? 1_555 80.4  ? 
85 OE2 ? B GLU 59 ? B GLU 59 ? 1_555 CA ? I CA . ? B CA 1004 ? 1_555 OE1 ? B GLU 59 ? B GLU 59   ? 1_555 53.6  ? 
86 OD1 ? B ASP 48 ? B ASP 48 ? 1_555 CA ? I CA . ? B CA 1004 ? 1_555 O   ? K HOH .  ? B HOH 2005 ? 1_555 162.0 ? 
87 OD1 ? B ASP 50 ? B ASP 50 ? 1_555 CA ? I CA . ? B CA 1004 ? 1_555 O   ? K HOH .  ? B HOH 2005 ? 1_555 88.5  ? 
88 OD1 ? B ASP 52 ? B ASP 52 ? 1_555 CA ? I CA . ? B CA 1004 ? 1_555 O   ? K HOH .  ? B HOH 2005 ? 1_555 77.5  ? 
89 O   ? B PHE 54 ? B PHE 54 ? 1_555 CA ? I CA . ? B CA 1004 ? 1_555 O   ? K HOH .  ? B HOH 2005 ? 1_555 99.4  ? 
90 OE2 ? B GLU 59 ? B GLU 59 ? 1_555 CA ? I CA . ? B CA 1004 ? 1_555 O   ? K HOH .  ? B HOH 2005 ? 1_555 102.7 ? 
91 OE1 ? B GLU 59 ? B GLU 59 ? 1_555 CA ? I CA . ? B CA 1004 ? 1_555 O   ? K HOH .  ? B HOH 2005 ? 1_555 84.7  ? 
# 
loop_
_struct_sheet.id 
_struct_sheet.type 
_struct_sheet.number_strands 
_struct_sheet.details 
A ? 2 ? 
B ? 2 ? 
# 
loop_
_struct_sheet_order.sheet_id 
_struct_sheet_order.range_id_1 
_struct_sheet_order.range_id_2 
_struct_sheet_order.offset 
_struct_sheet_order.sense 
A 1 2 ? anti-parallel 
B 1 2 ? anti-parallel 
# 
loop_
_struct_sheet_range.sheet_id 
_struct_sheet_range.id 
_struct_sheet_range.beg_label_comp_id 
_struct_sheet_range.beg_label_asym_id 
_struct_sheet_range.beg_label_seq_id 
_struct_sheet_range.pdbx_beg_PDB_ins_code 
_struct_sheet_range.end_label_comp_id 
_struct_sheet_range.end_label_asym_id 
_struct_sheet_range.end_label_seq_id 
_struct_sheet_range.pdbx_end_PDB_ins_code 
_struct_sheet_range.beg_auth_comp_id 
_struct_sheet_range.beg_auth_asym_id 
_struct_sheet_range.beg_auth_seq_id 
_struct_sheet_range.end_auth_comp_id 
_struct_sheet_range.end_auth_asym_id 
_struct_sheet_range.end_auth_seq_id 
A 1 LYS A 19 ? ILE A 20 ? LYS A 19 ILE A 20 
A 2 ILE B 55 ? ASP B 56 ? ILE B 55 ASP B 56 
B 1 ILE A 55 ? ASP A 56 ? ILE A 55 ASP A 56 
B 2 LYS B 19 ? ILE B 20 ? LYS B 19 ILE B 20 
# 
loop_
_pdbx_struct_sheet_hbond.sheet_id 
_pdbx_struct_sheet_hbond.range_id_1 
_pdbx_struct_sheet_hbond.range_id_2 
_pdbx_struct_sheet_hbond.range_1_label_atom_id 
_pdbx_struct_sheet_hbond.range_1_label_comp_id 
_pdbx_struct_sheet_hbond.range_1_label_asym_id 
_pdbx_struct_sheet_hbond.range_1_label_seq_id 
_pdbx_struct_sheet_hbond.range_1_PDB_ins_code 
_pdbx_struct_sheet_hbond.range_1_auth_atom_id 
_pdbx_struct_sheet_hbond.range_1_auth_comp_id 
_pdbx_struct_sheet_hbond.range_1_auth_asym_id 
_pdbx_struct_sheet_hbond.range_1_auth_seq_id 
_pdbx_struct_sheet_hbond.range_2_label_atom_id 
_pdbx_struct_sheet_hbond.range_2_label_comp_id 
_pdbx_struct_sheet_hbond.range_2_label_asym_id 
_pdbx_struct_sheet_hbond.range_2_label_seq_id 
_pdbx_struct_sheet_hbond.range_2_PDB_ins_code 
_pdbx_struct_sheet_hbond.range_2_auth_atom_id 
_pdbx_struct_sheet_hbond.range_2_auth_comp_id 
_pdbx_struct_sheet_hbond.range_2_auth_asym_id 
_pdbx_struct_sheet_hbond.range_2_auth_seq_id 
A 1 2 N ILE A 20 ? N ILE A 20 O ILE B 55 ? O ILE B 55 
B 1 2 N ILE A 55 ? N ILE A 55 O ILE B 20 ? O ILE B 20 
# 
loop_
_struct_site.id 
_struct_site.pdbx_evidence_code 
_struct_site.pdbx_auth_asym_id 
_struct_site.pdbx_auth_comp_id 
_struct_site.pdbx_auth_seq_id 
_struct_site.pdbx_auth_ins_code 
_struct_site.pdbx_num_residues 
_struct_site.details 
AC1 Software A SO4 2001 ? 4 'BINDING SITE FOR RESIDUE SO4 A 2001' 
AC2 Software B SO4 2002 ? 3 'BINDING SITE FOR RESIDUE SO4 B 2002' 
AC3 Software B SO4 2003 ? 2 'BINDING SITE FOR RESIDUE SO4 B 2003' 
AC4 Software A CA  1001 ? 6 'BINDING SITE FOR RESIDUE CA A 1001'  
AC5 Software A CA  1002 ? 6 'BINDING SITE FOR RESIDUE CA A 1002'  
AC6 Software B CA  1003 ? 6 'BINDING SITE FOR RESIDUE CA B 1003'  
AC7 Software B CA  1004 ? 6 'BINDING SITE FOR RESIDUE CA B 1004'  
# 
loop_
_struct_site_gen.id 
_struct_site_gen.site_id 
_struct_site_gen.pdbx_num_res 
_struct_site_gen.label_comp_id 
_struct_site_gen.label_asym_id 
_struct_site_gen.label_seq_id 
_struct_site_gen.pdbx_auth_ins_code 
_struct_site_gen.auth_comp_id 
_struct_site_gen.auth_asym_id 
_struct_site_gen.auth_seq_id 
_struct_site_gen.label_atom_id 
_struct_site_gen.label_alt_id 
_struct_site_gen.symmetry 
_struct_site_gen.details 
1  AC1 4 ARG A 42 ? ARG A 42   . ? 1_555 ? 
2  AC1 4 HOH J .  ? HOH A 2036 . ? 1_555 ? 
3  AC1 4 HOH J .  ? HOH A 2044 . ? 1_555 ? 
4  AC1 4 HOH J .  ? HOH A 2063 . ? 1_555 ? 
5  AC2 3 ASP B 50 ? ASP B 50   . ? 1_555 ? 
6  AC2 3 ASP B 56 ? ASP B 56   . ? 1_555 ? 
7  AC2 3 ASN B 58 ? ASN B 58   . ? 1_555 ? 
8  AC3 2 LYS A 76 ? LYS A 76   . ? 1_555 ? 
9  AC3 2 ARG B 42 ? ARG B 42   . ? 1_555 ? 
10 AC4 6 ASP A 13 ? ASP A 13   . ? 1_555 ? 
11 AC4 6 ASN A 15 ? ASN A 15   . ? 1_555 ? 
12 AC4 6 ASP A 17 ? ASP A 17   . ? 1_555 ? 
13 AC4 6 LYS A 19 ? LYS A 19   . ? 1_555 ? 
14 AC4 6 GLU A 24 ? GLU A 24   . ? 1_555 ? 
15 AC4 6 HOH J .  ? HOH A 2002 . ? 1_555 ? 
16 AC5 6 ASP A 48 ? ASP A 48   . ? 1_555 ? 
17 AC5 6 ASP A 50 ? ASP A 50   . ? 1_555 ? 
18 AC5 6 ASP A 52 ? ASP A 52   . ? 1_555 ? 
19 AC5 6 PHE A 54 ? PHE A 54   . ? 1_555 ? 
20 AC5 6 GLU A 59 ? GLU A 59   . ? 1_555 ? 
21 AC5 6 HOH J .  ? HOH A 2003 . ? 1_555 ? 
22 AC6 6 ASP B 13 ? ASP B 13   . ? 1_555 ? 
23 AC6 6 ASN B 15 ? ASN B 15   . ? 1_555 ? 
24 AC6 6 ASP B 17 ? ASP B 17   . ? 1_555 ? 
25 AC6 6 LYS B 19 ? LYS B 19   . ? 1_555 ? 
26 AC6 6 GLU B 24 ? GLU B 24   . ? 1_555 ? 
27 AC6 6 HOH K .  ? HOH B 2004 . ? 1_555 ? 
28 AC7 6 ASP B 48 ? ASP B 48   . ? 1_555 ? 
29 AC7 6 ASP B 50 ? ASP B 50   . ? 1_555 ? 
30 AC7 6 ASP B 52 ? ASP B 52   . ? 1_555 ? 
31 AC7 6 PHE B 54 ? PHE B 54   . ? 1_555 ? 
32 AC7 6 GLU B 59 ? GLU B 59   . ? 1_555 ? 
33 AC7 6 HOH K .  ? HOH B 2005 . ? 1_555 ? 
# 
_pdbx_database_remark.id     650 
_pdbx_database_remark.text   
;HELIX
determination method: author determined
;
# 
loop_
_pdbx_unobs_or_zero_occ_residues.id 
_pdbx_unobs_or_zero_occ_residues.PDB_model_num 
_pdbx_unobs_or_zero_occ_residues.polymer_flag 
_pdbx_unobs_or_zero_occ_residues.occupancy_flag 
_pdbx_unobs_or_zero_occ_residues.auth_asym_id 
_pdbx_unobs_or_zero_occ_residues.auth_comp_id 
_pdbx_unobs_or_zero_occ_residues.auth_seq_id 
_pdbx_unobs_or_zero_occ_residues.PDB_ins_code 
_pdbx_unobs_or_zero_occ_residues.label_asym_id 
_pdbx_unobs_or_zero_occ_residues.label_comp_id 
_pdbx_unobs_or_zero_occ_residues.label_seq_id 
1 1 Y 1 A MET 1 ? A MET 1 
2 1 Y 1 A ALA 2 ? A ALA 2 
3 1 Y 1 B MET 1 ? B MET 1 
4 1 Y 1 B ALA 2 ? B ALA 2 
# 
loop_
_chem_comp_atom.comp_id 
_chem_comp_atom.atom_id 
_chem_comp_atom.type_symbol 
_chem_comp_atom.pdbx_aromatic_flag 
_chem_comp_atom.pdbx_stereo_config 
_chem_comp_atom.pdbx_ordinal 
ALA N    N  N N 1   
ALA CA   C  N S 2   
ALA C    C  N N 3   
ALA O    O  N N 4   
ALA CB   C  N N 5   
ALA OXT  O  N N 6   
ALA H    H  N N 7   
ALA H2   H  N N 8   
ALA HA   H  N N 9   
ALA HB1  H  N N 10  
ALA HB2  H  N N 11  
ALA HB3  H  N N 12  
ALA HXT  H  N N 13  
ARG N    N  N N 14  
ARG CA   C  N S 15  
ARG C    C  N N 16  
ARG O    O  N N 17  
ARG CB   C  N N 18  
ARG CG   C  N N 19  
ARG CD   C  N N 20  
ARG NE   N  N N 21  
ARG CZ   C  N N 22  
ARG NH1  N  N N 23  
ARG NH2  N  N N 24  
ARG OXT  O  N N 25  
ARG H    H  N N 26  
ARG H2   H  N N 27  
ARG HA   H  N N 28  
ARG HB2  H  N N 29  
ARG HB3  H  N N 30  
ARG HG2  H  N N 31  
ARG HG3  H  N N 32  
ARG HD2  H  N N 33  
ARG HD3  H  N N 34  
ARG HE   H  N N 35  
ARG HH11 H  N N 36  
ARG HH12 H  N N 37  
ARG HH21 H  N N 38  
ARG HH22 H  N N 39  
ARG HXT  H  N N 40  
ASN N    N  N N 41  
ASN CA   C  N S 42  
ASN C    C  N N 43  
ASN O    O  N N 44  
ASN CB   C  N N 45  
ASN CG   C  N N 46  
ASN OD1  O  N N 47  
ASN ND2  N  N N 48  
ASN OXT  O  N N 49  
ASN H    H  N N 50  
ASN H2   H  N N 51  
ASN HA   H  N N 52  
ASN HB2  H  N N 53  
ASN HB3  H  N N 54  
ASN HD21 H  N N 55  
ASN HD22 H  N N 56  
ASN HXT  H  N N 57  
ASP N    N  N N 58  
ASP CA   C  N S 59  
ASP C    C  N N 60  
ASP O    O  N N 61  
ASP CB   C  N N 62  
ASP CG   C  N N 63  
ASP OD1  O  N N 64  
ASP OD2  O  N N 65  
ASP OXT  O  N N 66  
ASP H    H  N N 67  
ASP H2   H  N N 68  
ASP HA   H  N N 69  
ASP HB2  H  N N 70  
ASP HB3  H  N N 71  
ASP HD2  H  N N 72  
ASP HXT  H  N N 73  
CA  CA   CA N N 74  
CYS N    N  N N 75  
CYS CA   C  N R 76  
CYS C    C  N N 77  
CYS O    O  N N 78  
CYS CB   C  N N 79  
CYS SG   S  N N 80  
CYS OXT  O  N N 81  
CYS H    H  N N 82  
CYS H2   H  N N 83  
CYS HA   H  N N 84  
CYS HB2  H  N N 85  
CYS HB3  H  N N 86  
CYS HG   H  N N 87  
CYS HXT  H  N N 88  
GLN N    N  N N 89  
GLN CA   C  N S 90  
GLN C    C  N N 91  
GLN O    O  N N 92  
GLN CB   C  N N 93  
GLN CG   C  N N 94  
GLN CD   C  N N 95  
GLN OE1  O  N N 96  
GLN NE2  N  N N 97  
GLN OXT  O  N N 98  
GLN H    H  N N 99  
GLN H2   H  N N 100 
GLN HA   H  N N 101 
GLN HB2  H  N N 102 
GLN HB3  H  N N 103 
GLN HG2  H  N N 104 
GLN HG3  H  N N 105 
GLN HE21 H  N N 106 
GLN HE22 H  N N 107 
GLN HXT  H  N N 108 
GLU N    N  N N 109 
GLU CA   C  N S 110 
GLU C    C  N N 111 
GLU O    O  N N 112 
GLU CB   C  N N 113 
GLU CG   C  N N 114 
GLU CD   C  N N 115 
GLU OE1  O  N N 116 
GLU OE2  O  N N 117 
GLU OXT  O  N N 118 
GLU H    H  N N 119 
GLU H2   H  N N 120 
GLU HA   H  N N 121 
GLU HB2  H  N N 122 
GLU HB3  H  N N 123 
GLU HG2  H  N N 124 
GLU HG3  H  N N 125 
GLU HE2  H  N N 126 
GLU HXT  H  N N 127 
GLY N    N  N N 128 
GLY CA   C  N N 129 
GLY C    C  N N 130 
GLY O    O  N N 131 
GLY OXT  O  N N 132 
GLY H    H  N N 133 
GLY H2   H  N N 134 
GLY HA2  H  N N 135 
GLY HA3  H  N N 136 
GLY HXT  H  N N 137 
HOH O    O  N N 138 
HOH H1   H  N N 139 
HOH H2   H  N N 140 
ILE N    N  N N 141 
ILE CA   C  N S 142 
ILE C    C  N N 143 
ILE O    O  N N 144 
ILE CB   C  N S 145 
ILE CG1  C  N N 146 
ILE CG2  C  N N 147 
ILE CD1  C  N N 148 
ILE OXT  O  N N 149 
ILE H    H  N N 150 
ILE H2   H  N N 151 
ILE HA   H  N N 152 
ILE HB   H  N N 153 
ILE HG12 H  N N 154 
ILE HG13 H  N N 155 
ILE HG21 H  N N 156 
ILE HG22 H  N N 157 
ILE HG23 H  N N 158 
ILE HD11 H  N N 159 
ILE HD12 H  N N 160 
ILE HD13 H  N N 161 
ILE HXT  H  N N 162 
LEU N    N  N N 163 
LEU CA   C  N S 164 
LEU C    C  N N 165 
LEU O    O  N N 166 
LEU CB   C  N N 167 
LEU CG   C  N N 168 
LEU CD1  C  N N 169 
LEU CD2  C  N N 170 
LEU OXT  O  N N 171 
LEU H    H  N N 172 
LEU H2   H  N N 173 
LEU HA   H  N N 174 
LEU HB2  H  N N 175 
LEU HB3  H  N N 176 
LEU HG   H  N N 177 
LEU HD11 H  N N 178 
LEU HD12 H  N N 179 
LEU HD13 H  N N 180 
LEU HD21 H  N N 181 
LEU HD22 H  N N 182 
LEU HD23 H  N N 183 
LEU HXT  H  N N 184 
LYS N    N  N N 185 
LYS CA   C  N S 186 
LYS C    C  N N 187 
LYS O    O  N N 188 
LYS CB   C  N N 189 
LYS CG   C  N N 190 
LYS CD   C  N N 191 
LYS CE   C  N N 192 
LYS NZ   N  N N 193 
LYS OXT  O  N N 194 
LYS H    H  N N 195 
LYS H2   H  N N 196 
LYS HA   H  N N 197 
LYS HB2  H  N N 198 
LYS HB3  H  N N 199 
LYS HG2  H  N N 200 
LYS HG3  H  N N 201 
LYS HD2  H  N N 202 
LYS HD3  H  N N 203 
LYS HE2  H  N N 204 
LYS HE3  H  N N 205 
LYS HZ1  H  N N 206 
LYS HZ2  H  N N 207 
LYS HZ3  H  N N 208 
LYS HXT  H  N N 209 
MET N    N  N N 210 
MET CA   C  N S 211 
MET C    C  N N 212 
MET O    O  N N 213 
MET CB   C  N N 214 
MET CG   C  N N 215 
MET SD   S  N N 216 
MET CE   C  N N 217 
MET OXT  O  N N 218 
MET H    H  N N 219 
MET H2   H  N N 220 
MET HA   H  N N 221 
MET HB2  H  N N 222 
MET HB3  H  N N 223 
MET HG2  H  N N 224 
MET HG3  H  N N 225 
MET HE1  H  N N 226 
MET HE2  H  N N 227 
MET HE3  H  N N 228 
MET HXT  H  N N 229 
PHE N    N  N N 230 
PHE CA   C  N S 231 
PHE C    C  N N 232 
PHE O    O  N N 233 
PHE CB   C  N N 234 
PHE CG   C  Y N 235 
PHE CD1  C  Y N 236 
PHE CD2  C  Y N 237 
PHE CE1  C  Y N 238 
PHE CE2  C  Y N 239 
PHE CZ   C  Y N 240 
PHE OXT  O  N N 241 
PHE H    H  N N 242 
PHE H2   H  N N 243 
PHE HA   H  N N 244 
PHE HB2  H  N N 245 
PHE HB3  H  N N 246 
PHE HD1  H  N N 247 
PHE HD2  H  N N 248 
PHE HE1  H  N N 249 
PHE HE2  H  N N 250 
PHE HZ   H  N N 251 
PHE HXT  H  N N 252 
PRO N    N  N N 253 
PRO CA   C  N S 254 
PRO C    C  N N 255 
PRO O    O  N N 256 
PRO CB   C  N N 257 
PRO CG   C  N N 258 
PRO CD   C  N N 259 
PRO OXT  O  N N 260 
PRO H    H  N N 261 
PRO HA   H  N N 262 
PRO HB2  H  N N 263 
PRO HB3  H  N N 264 
PRO HG2  H  N N 265 
PRO HG3  H  N N 266 
PRO HD2  H  N N 267 
PRO HD3  H  N N 268 
PRO HXT  H  N N 269 
SER N    N  N N 270 
SER CA   C  N S 271 
SER C    C  N N 272 
SER O    O  N N 273 
SER CB   C  N N 274 
SER OG   O  N N 275 
SER OXT  O  N N 276 
SER H    H  N N 277 
SER H2   H  N N 278 
SER HA   H  N N 279 
SER HB2  H  N N 280 
SER HB3  H  N N 281 
SER HG   H  N N 282 
SER HXT  H  N N 283 
SO4 S    S  N N 284 
SO4 O1   O  N N 285 
SO4 O2   O  N N 286 
SO4 O3   O  N N 287 
SO4 O4   O  N N 288 
THR N    N  N N 289 
THR CA   C  N S 290 
THR C    C  N N 291 
THR O    O  N N 292 
THR CB   C  N R 293 
THR OG1  O  N N 294 
THR CG2  C  N N 295 
THR OXT  O  N N 296 
THR H    H  N N 297 
THR H2   H  N N 298 
THR HA   H  N N 299 
THR HB   H  N N 300 
THR HG1  H  N N 301 
THR HG21 H  N N 302 
THR HG22 H  N N 303 
THR HG23 H  N N 304 
THR HXT  H  N N 305 
VAL N    N  N N 306 
VAL CA   C  N S 307 
VAL C    C  N N 308 
VAL O    O  N N 309 
VAL CB   C  N N 310 
VAL CG1  C  N N 311 
VAL CG2  C  N N 312 
VAL OXT  O  N N 313 
VAL H    H  N N 314 
VAL H2   H  N N 315 
VAL HA   H  N N 316 
VAL HB   H  N N 317 
VAL HG11 H  N N 318 
VAL HG12 H  N N 319 
VAL HG13 H  N N 320 
VAL HG21 H  N N 321 
VAL HG22 H  N N 322 
VAL HG23 H  N N 323 
VAL HXT  H  N N 324 
# 
loop_
_chem_comp_bond.comp_id 
_chem_comp_bond.atom_id_1 
_chem_comp_bond.atom_id_2 
_chem_comp_bond.value_order 
_chem_comp_bond.pdbx_aromatic_flag 
_chem_comp_bond.pdbx_stereo_config 
_chem_comp_bond.pdbx_ordinal 
ALA N   CA   sing N N 1   
ALA N   H    sing N N 2   
ALA N   H2   sing N N 3   
ALA CA  C    sing N N 4   
ALA CA  CB   sing N N 5   
ALA CA  HA   sing N N 6   
ALA C   O    doub N N 7   
ALA C   OXT  sing N N 8   
ALA CB  HB1  sing N N 9   
ALA CB  HB2  sing N N 10  
ALA CB  HB3  sing N N 11  
ALA OXT HXT  sing N N 12  
ARG N   CA   sing N N 13  
ARG N   H    sing N N 14  
ARG N   H2   sing N N 15  
ARG CA  C    sing N N 16  
ARG CA  CB   sing N N 17  
ARG CA  HA   sing N N 18  
ARG C   O    doub N N 19  
ARG C   OXT  sing N N 20  
ARG CB  CG   sing N N 21  
ARG CB  HB2  sing N N 22  
ARG CB  HB3  sing N N 23  
ARG CG  CD   sing N N 24  
ARG CG  HG2  sing N N 25  
ARG CG  HG3  sing N N 26  
ARG CD  NE   sing N N 27  
ARG CD  HD2  sing N N 28  
ARG CD  HD3  sing N N 29  
ARG NE  CZ   sing N N 30  
ARG NE  HE   sing N N 31  
ARG CZ  NH1  sing N N 32  
ARG CZ  NH2  doub N N 33  
ARG NH1 HH11 sing N N 34  
ARG NH1 HH12 sing N N 35  
ARG NH2 HH21 sing N N 36  
ARG NH2 HH22 sing N N 37  
ARG OXT HXT  sing N N 38  
ASN N   CA   sing N N 39  
ASN N   H    sing N N 40  
ASN N   H2   sing N N 41  
ASN CA  C    sing N N 42  
ASN CA  CB   sing N N 43  
ASN CA  HA   sing N N 44  
ASN C   O    doub N N 45  
ASN C   OXT  sing N N 46  
ASN CB  CG   sing N N 47  
ASN CB  HB2  sing N N 48  
ASN CB  HB3  sing N N 49  
ASN CG  OD1  doub N N 50  
ASN CG  ND2  sing N N 51  
ASN ND2 HD21 sing N N 52  
ASN ND2 HD22 sing N N 53  
ASN OXT HXT  sing N N 54  
ASP N   CA   sing N N 55  
ASP N   H    sing N N 56  
ASP N   H2   sing N N 57  
ASP CA  C    sing N N 58  
ASP CA  CB   sing N N 59  
ASP CA  HA   sing N N 60  
ASP C   O    doub N N 61  
ASP C   OXT  sing N N 62  
ASP CB  CG   sing N N 63  
ASP CB  HB2  sing N N 64  
ASP CB  HB3  sing N N 65  
ASP CG  OD1  doub N N 66  
ASP CG  OD2  sing N N 67  
ASP OD2 HD2  sing N N 68  
ASP OXT HXT  sing N N 69  
CYS N   CA   sing N N 70  
CYS N   H    sing N N 71  
CYS N   H2   sing N N 72  
CYS CA  C    sing N N 73  
CYS CA  CB   sing N N 74  
CYS CA  HA   sing N N 75  
CYS C   O    doub N N 76  
CYS C   OXT  sing N N 77  
CYS CB  SG   sing N N 78  
CYS CB  HB2  sing N N 79  
CYS CB  HB3  sing N N 80  
CYS SG  HG   sing N N 81  
CYS OXT HXT  sing N N 82  
GLN N   CA   sing N N 83  
GLN N   H    sing N N 84  
GLN N   H2   sing N N 85  
GLN CA  C    sing N N 86  
GLN CA  CB   sing N N 87  
GLN CA  HA   sing N N 88  
GLN C   O    doub N N 89  
GLN C   OXT  sing N N 90  
GLN CB  CG   sing N N 91  
GLN CB  HB2  sing N N 92  
GLN CB  HB3  sing N N 93  
GLN CG  CD   sing N N 94  
GLN CG  HG2  sing N N 95  
GLN CG  HG3  sing N N 96  
GLN CD  OE1  doub N N 97  
GLN CD  NE2  sing N N 98  
GLN NE2 HE21 sing N N 99  
GLN NE2 HE22 sing N N 100 
GLN OXT HXT  sing N N 101 
GLU N   CA   sing N N 102 
GLU N   H    sing N N 103 
GLU N   H2   sing N N 104 
GLU CA  C    sing N N 105 
GLU CA  CB   sing N N 106 
GLU CA  HA   sing N N 107 
GLU C   O    doub N N 108 
GLU C   OXT  sing N N 109 
GLU CB  CG   sing N N 110 
GLU CB  HB2  sing N N 111 
GLU CB  HB3  sing N N 112 
GLU CG  CD   sing N N 113 
GLU CG  HG2  sing N N 114 
GLU CG  HG3  sing N N 115 
GLU CD  OE1  doub N N 116 
GLU CD  OE2  sing N N 117 
GLU OE2 HE2  sing N N 118 
GLU OXT HXT  sing N N 119 
GLY N   CA   sing N N 120 
GLY N   H    sing N N 121 
GLY N   H2   sing N N 122 
GLY CA  C    sing N N 123 
GLY CA  HA2  sing N N 124 
GLY CA  HA3  sing N N 125 
GLY C   O    doub N N 126 
GLY C   OXT  sing N N 127 
GLY OXT HXT  sing N N 128 
HOH O   H1   sing N N 129 
HOH O   H2   sing N N 130 
ILE N   CA   sing N N 131 
ILE N   H    sing N N 132 
ILE N   H2   sing N N 133 
ILE CA  C    sing N N 134 
ILE CA  CB   sing N N 135 
ILE CA  HA   sing N N 136 
ILE C   O    doub N N 137 
ILE C   OXT  sing N N 138 
ILE CB  CG1  sing N N 139 
ILE CB  CG2  sing N N 140 
ILE CB  HB   sing N N 141 
ILE CG1 CD1  sing N N 142 
ILE CG1 HG12 sing N N 143 
ILE CG1 HG13 sing N N 144 
ILE CG2 HG21 sing N N 145 
ILE CG2 HG22 sing N N 146 
ILE CG2 HG23 sing N N 147 
ILE CD1 HD11 sing N N 148 
ILE CD1 HD12 sing N N 149 
ILE CD1 HD13 sing N N 150 
ILE OXT HXT  sing N N 151 
LEU N   CA   sing N N 152 
LEU N   H    sing N N 153 
LEU N   H2   sing N N 154 
LEU CA  C    sing N N 155 
LEU CA  CB   sing N N 156 
LEU CA  HA   sing N N 157 
LEU C   O    doub N N 158 
LEU C   OXT  sing N N 159 
LEU CB  CG   sing N N 160 
LEU CB  HB2  sing N N 161 
LEU CB  HB3  sing N N 162 
LEU CG  CD1  sing N N 163 
LEU CG  CD2  sing N N 164 
LEU CG  HG   sing N N 165 
LEU CD1 HD11 sing N N 166 
LEU CD1 HD12 sing N N 167 
LEU CD1 HD13 sing N N 168 
LEU CD2 HD21 sing N N 169 
LEU CD2 HD22 sing N N 170 
LEU CD2 HD23 sing N N 171 
LEU OXT HXT  sing N N 172 
LYS N   CA   sing N N 173 
LYS N   H    sing N N 174 
LYS N   H2   sing N N 175 
LYS CA  C    sing N N 176 
LYS CA  CB   sing N N 177 
LYS CA  HA   sing N N 178 
LYS C   O    doub N N 179 
LYS C   OXT  sing N N 180 
LYS CB  CG   sing N N 181 
LYS CB  HB2  sing N N 182 
LYS CB  HB3  sing N N 183 
LYS CG  CD   sing N N 184 
LYS CG  HG2  sing N N 185 
LYS CG  HG3  sing N N 186 
LYS CD  CE   sing N N 187 
LYS CD  HD2  sing N N 188 
LYS CD  HD3  sing N N 189 
LYS CE  NZ   sing N N 190 
LYS CE  HE2  sing N N 191 
LYS CE  HE3  sing N N 192 
LYS NZ  HZ1  sing N N 193 
LYS NZ  HZ2  sing N N 194 
LYS NZ  HZ3  sing N N 195 
LYS OXT HXT  sing N N 196 
MET N   CA   sing N N 197 
MET N   H    sing N N 198 
MET N   H2   sing N N 199 
MET CA  C    sing N N 200 
MET CA  CB   sing N N 201 
MET CA  HA   sing N N 202 
MET C   O    doub N N 203 
MET C   OXT  sing N N 204 
MET CB  CG   sing N N 205 
MET CB  HB2  sing N N 206 
MET CB  HB3  sing N N 207 
MET CG  SD   sing N N 208 
MET CG  HG2  sing N N 209 
MET CG  HG3  sing N N 210 
MET SD  CE   sing N N 211 
MET CE  HE1  sing N N 212 
MET CE  HE2  sing N N 213 
MET CE  HE3  sing N N 214 
MET OXT HXT  sing N N 215 
PHE N   CA   sing N N 216 
PHE N   H    sing N N 217 
PHE N   H2   sing N N 218 
PHE CA  C    sing N N 219 
PHE CA  CB   sing N N 220 
PHE CA  HA   sing N N 221 
PHE C   O    doub N N 222 
PHE C   OXT  sing N N 223 
PHE CB  CG   sing N N 224 
PHE CB  HB2  sing N N 225 
PHE CB  HB3  sing N N 226 
PHE CG  CD1  doub Y N 227 
PHE CG  CD2  sing Y N 228 
PHE CD1 CE1  sing Y N 229 
PHE CD1 HD1  sing N N 230 
PHE CD2 CE2  doub Y N 231 
PHE CD2 HD2  sing N N 232 
PHE CE1 CZ   doub Y N 233 
PHE CE1 HE1  sing N N 234 
PHE CE2 CZ   sing Y N 235 
PHE CE2 HE2  sing N N 236 
PHE CZ  HZ   sing N N 237 
PHE OXT HXT  sing N N 238 
PRO N   CA   sing N N 239 
PRO N   CD   sing N N 240 
PRO N   H    sing N N 241 
PRO CA  C    sing N N 242 
PRO CA  CB   sing N N 243 
PRO CA  HA   sing N N 244 
PRO C   O    doub N N 245 
PRO C   OXT  sing N N 246 
PRO CB  CG   sing N N 247 
PRO CB  HB2  sing N N 248 
PRO CB  HB3  sing N N 249 
PRO CG  CD   sing N N 250 
PRO CG  HG2  sing N N 251 
PRO CG  HG3  sing N N 252 
PRO CD  HD2  sing N N 253 
PRO CD  HD3  sing N N 254 
PRO OXT HXT  sing N N 255 
SER N   CA   sing N N 256 
SER N   H    sing N N 257 
SER N   H2   sing N N 258 
SER CA  C    sing N N 259 
SER CA  CB   sing N N 260 
SER CA  HA   sing N N 261 
SER C   O    doub N N 262 
SER C   OXT  sing N N 263 
SER CB  OG   sing N N 264 
SER CB  HB2  sing N N 265 
SER CB  HB3  sing N N 266 
SER OG  HG   sing N N 267 
SER OXT HXT  sing N N 268 
SO4 S   O1   doub N N 269 
SO4 S   O2   doub N N 270 
SO4 S   O3   sing N N 271 
SO4 S   O4   sing N N 272 
THR N   CA   sing N N 273 
THR N   H    sing N N 274 
THR N   H2   sing N N 275 
THR CA  C    sing N N 276 
THR CA  CB   sing N N 277 
THR CA  HA   sing N N 278 
THR C   O    doub N N 279 
THR C   OXT  sing N N 280 
THR CB  OG1  sing N N 281 
THR CB  CG2  sing N N 282 
THR CB  HB   sing N N 283 
THR OG1 HG1  sing N N 284 
THR CG2 HG21 sing N N 285 
THR CG2 HG22 sing N N 286 
THR CG2 HG23 sing N N 287 
THR OXT HXT  sing N N 288 
VAL N   CA   sing N N 289 
VAL N   H    sing N N 290 
VAL N   H2   sing N N 291 
VAL CA  C    sing N N 292 
VAL CA  CB   sing N N 293 
VAL CA  HA   sing N N 294 
VAL C   O    doub N N 295 
VAL C   OXT  sing N N 296 
VAL CB  CG1  sing N N 297 
VAL CB  CG2  sing N N 298 
VAL CB  HB   sing N N 299 
VAL CG1 HG11 sing N N 300 
VAL CG1 HG12 sing N N 301 
VAL CG1 HG13 sing N N 302 
VAL CG2 HG21 sing N N 303 
VAL CG2 HG22 sing N N 304 
VAL CG2 HG23 sing N N 305 
VAL OXT HXT  sing N N 306 
# 
_atom_sites.entry_id                    1K9U 
_atom_sites.fract_transf_matrix[1][1]   0.00228913 
_atom_sites.fract_transf_matrix[1][2]   -0.02433652 
_atom_sites.fract_transf_matrix[1][3]   0.02091611 
_atom_sites.fract_transf_matrix[2][1]   0.01333707 
_atom_sites.fract_transf_matrix[2][2]   -0.00692908 
_atom_sites.fract_transf_matrix[2][3]   -0.00952185 
_atom_sites.fract_transf_matrix[3][1]   0.01767927 
_atom_sites.fract_transf_matrix[3][2]   0.01402908 
_atom_sites.fract_transf_matrix[3][3]   0.01455401 
_atom_sites.fract_transf_vector[1]      0.821913 
_atom_sites.fract_transf_vector[2]      0.103608 
_atom_sites.fract_transf_vector[3]      0.266335 
# 
loop_
_atom_type.symbol 
C  
CA 
N  
O  
S  
# 
loop_
_atom_site.group_PDB 
_atom_site.id 
_atom_site.type_symbol 
_atom_site.label_atom_id 
_atom_site.label_alt_id 
_atom_site.label_comp_id 
_atom_site.label_asym_id 
_atom_site.label_entity_id 
_atom_site.label_seq_id 
_atom_site.pdbx_PDB_ins_code 
_atom_site.Cartn_x 
_atom_site.Cartn_y 
_atom_site.Cartn_z 
_atom_site.occupancy 
_atom_site.B_iso_or_equiv 
_atom_site.pdbx_formal_charge 
_atom_site.auth_seq_id 
_atom_site.auth_comp_id 
_atom_site.auth_asym_id 
_atom_site.auth_atom_id 
_atom_site.pdbx_PDB_model_num 
ATOM   1    N  N   . ASP A 1 3  ? 6.076   16.152  -9.211  1.00 39.18 ? 3    ASP A N   1 
ATOM   2    C  CA  . ASP A 1 3  ? 5.035   15.761  -8.223  1.00 39.62 ? 3    ASP A CA  1 
ATOM   3    C  C   . ASP A 1 3  ? 5.522   14.601  -7.372  1.00 39.01 ? 3    ASP A C   1 
ATOM   4    O  O   . ASP A 1 3  ? 6.652   14.140  -7.525  1.00 38.55 ? 3    ASP A O   1 
ATOM   5    C  CB  . ASP A 1 3  ? 3.737   15.369  -8.939  1.00 41.15 ? 3    ASP A CB  1 
ATOM   6    C  CG  . ASP A 1 3  ? 3.898   14.150  -9.831  1.00 42.44 ? 3    ASP A CG  1 
ATOM   7    O  OD1 . ASP A 1 3  ? 5.005   13.571  -9.878  1.00 42.26 ? 3    ASP A OD1 1 
ATOM   8    O  OD2 . ASP A 1 3  ? 2.905   13.769  -10.486 1.00 44.30 ? 3    ASP A OD2 1 
ATOM   9    N  N   . ASP A 1 4  ? 4.663   14.126  -6.479  1.00 37.83 ? 4    ASP A N   1 
ATOM   10   C  CA  . ASP A 1 4  ? 5.024   13.026  -5.600  1.00 37.99 ? 4    ASP A CA  1 
ATOM   11   C  C   . ASP A 1 4  ? 5.214   11.708  -6.351  1.00 35.72 ? 4    ASP A C   1 
ATOM   12   O  O   . ASP A 1 4  ? 5.916   10.819  -5.877  1.00 36.35 ? 4    ASP A O   1 
ATOM   13   C  CB  . ASP A 1 4  ? 3.962   12.863  -4.507  1.00 39.99 ? 4    ASP A CB  1 
ATOM   14   C  CG  . ASP A 1 4  ? 4.442   12.005  -3.353  1.00 42.62 ? 4    ASP A CG  1 
ATOM   15   O  OD1 . ASP A 1 4  ? 5.472   12.360  -2.742  1.00 43.64 ? 4    ASP A OD1 1 
ATOM   16   O  OD2 . ASP A 1 4  ? 3.792   10.981  -3.051  1.00 43.48 ? 4    ASP A OD2 1 
ATOM   17   N  N   A MET A 1 5  ? 4.587   11.577  -7.519  0.50 35.17 ? 5    MET A N   1 
ATOM   18   N  N   B MET A 1 5  ? 4.592   11.593  -7.518  0.50 35.18 ? 5    MET A N   1 
ATOM   19   C  CA  A MET A 1 5  ? 4.725   10.353  -8.309  0.50 33.80 ? 5    MET A CA  1 
ATOM   20   C  CA  B MET A 1 5  ? 4.689   10.379  -8.316  0.50 33.87 ? 5    MET A CA  1 
ATOM   21   C  C   A MET A 1 5  ? 6.169   10.170  -8.744  0.50 32.65 ? 5    MET A C   1 
ATOM   22   C  C   B MET A 1 5  ? 6.129   10.162  -8.790  0.50 32.68 ? 5    MET A C   1 
ATOM   23   O  O   A MET A 1 5  ? 6.787   9.142   -8.476  0.50 31.63 ? 5    MET A O   1 
ATOM   24   O  O   B MET A 1 5  ? 6.704   9.095   -8.581  0.50 31.52 ? 5    MET A O   1 
ATOM   25   C  CB  A MET A 1 5  ? 3.843   10.384  -9.563  0.50 33.90 ? 5    MET A CB  1 
ATOM   26   C  CB  B MET A 1 5  ? 3.732   10.467  -9.508  0.50 33.95 ? 5    MET A CB  1 
ATOM   27   C  CG  A MET A 1 5  ? 2.379   10.054  -9.337  0.50 33.69 ? 5    MET A CG  1 
ATOM   28   C  CG  B MET A 1 5  ? 3.315   9.109   -10.059 0.50 33.91 ? 5    MET A CG  1 
ATOM   29   S  SD  A MET A 1 5  ? 1.609   9.354   -10.823 0.50 34.27 ? 5    MET A SD  1 
ATOM   30   S  SD  B MET A 1 5  ? 2.003   9.207   -11.299 0.50 33.26 ? 5    MET A SD  1 
ATOM   31   C  CE  A MET A 1 5  ? 1.571   10.786  -11.905 0.50 33.38 ? 5    MET A CE  1 
ATOM   32   C  CE  B MET A 1 5  ? 0.574   9.538   -10.259 0.50 33.30 ? 5    MET A CE  1 
ATOM   33   N  N   . GLU A 1 6  ? 6.700   11.181  -9.424  1.00 32.10 ? 6    GLU A N   1 
ATOM   34   C  CA  . GLU A 1 6  ? 8.072   11.131  -9.915  1.00 30.09 ? 6    GLU A CA  1 
ATOM   35   C  C   . GLU A 1 6  ? 9.012   11.051  -8.716  1.00 28.37 ? 6    GLU A C   1 
ATOM   36   O  O   . GLU A 1 6  ? 10.007  10.325  -8.741  1.00 24.69 ? 6    GLU A O   1 
ATOM   37   C  CB  . GLU A 1 6  ? 8.368   12.392  -10.732 1.00 32.77 ? 6    GLU A CB  1 
ATOM   38   C  CG  . GLU A 1 6  ? 9.628   12.362  -11.591 1.00 35.63 ? 6    GLU A CG  1 
ATOM   39   C  CD  . GLU A 1 6  ? 10.909  12.310  -10.783 1.00 38.18 ? 6    GLU A CD  1 
ATOM   40   O  OE1 . GLU A 1 6  ? 10.979  12.981  -9.732  1.00 40.64 ? 6    GLU A OE1 1 
ATOM   41   O  OE2 . GLU A 1 6  ? 11.854  11.611  -11.210 1.00 38.40 ? 6    GLU A OE2 1 
ATOM   42   N  N   . ARG A 1 7  ? 8.683   11.796  -7.664  1.00 26.37 ? 7    ARG A N   1 
ATOM   43   C  CA  . ARG A 1 7  ? 9.498   11.820  -6.452  1.00 25.42 ? 7    ARG A CA  1 
ATOM   44   C  C   . ARG A 1 7  ? 9.596   10.448  -5.803  1.00 20.51 ? 7    ARG A C   1 
ATOM   45   O  O   . ARG A 1 7  ? 10.686  10.006  -5.440  1.00 18.31 ? 7    ARG A O   1 
ATOM   46   C  CB  . ARG A 1 7  ? 8.927   12.818  -5.441  1.00 29.09 ? 7    ARG A CB  1 
ATOM   47   C  CG  . ARG A 1 7  ? 9.000   14.271  -5.875  1.00 34.36 ? 7    ARG A CG  1 
ATOM   48   C  CD  . ARG A 1 7  ? 8.294   15.206  -4.891  1.00 38.15 ? 7    ARG A CD  1 
ATOM   49   N  NE  . ARG A 1 7  ? 8.902   15.202  -3.560  1.00 41.84 ? 7    ARG A NE  1 
ATOM   50   C  CZ  . ARG A 1 7  ? 8.690   14.273  -2.631  1.00 43.34 ? 7    ARG A CZ  1 
ATOM   51   N  NH1 . ARG A 1 7  ? 7.875   13.257  -2.874  1.00 44.18 ? 7    ARG A NH1 1 
ATOM   52   N  NH2 . ARG A 1 7  ? 9.298   14.360  -1.456  1.00 45.75 ? 7    ARG A NH2 1 
ATOM   53   N  N   . ILE A 1 8  ? 8.450   9.787   -5.650  1.00 20.90 ? 8    ILE A N   1 
ATOM   54   C  CA  . ILE A 1 8  ? 8.394   8.459   -5.042  1.00 19.55 ? 8    ILE A CA  1 
ATOM   55   C  C   . ILE A 1 8  ? 9.111   7.430   -5.913  1.00 16.50 ? 8    ILE A C   1 
ATOM   56   O  O   . ILE A 1 8  ? 9.840   6.577   -5.409  1.00 15.61 ? 8    ILE A O   1 
ATOM   57   C  CB  . ILE A 1 8  ? 6.926   7.992   -4.834  1.00 23.10 ? 8    ILE A CB  1 
ATOM   58   C  CG1 . ILE A 1 8  ? 6.226   8.896   -3.813  1.00 25.66 ? 8    ILE A CG1 1 
ATOM   59   C  CG2 . ILE A 1 8  ? 6.896   6.544   -4.361  1.00 25.54 ? 8    ILE A CG2 1 
ATOM   60   C  CD1 . ILE A 1 8  ? 6.861   8.886   -2.440  1.00 29.39 ? 8    ILE A CD1 1 
ATOM   61   N  N   . PHE A 1 9  ? 8.898   7.511   -7.222  1.00 15.91 ? 9    PHE A N   1 
ATOM   62   C  CA  . PHE A 1 9  ? 9.537   6.577   -8.147  1.00 14.56 ? 9    PHE A CA  1 
ATOM   63   C  C   . PHE A 1 9  ? 11.055  6.696   -8.029  1.00 13.53 ? 9    PHE A C   1 
ATOM   64   O  O   . PHE A 1 9  ? 11.767  5.696   -7.918  1.00 13.24 ? 9    PHE A O   1 
ATOM   65   C  CB  . PHE A 1 9  ? 9.110   6.882   -9.586  1.00 15.03 ? 9    PHE A CB  1 
ATOM   66   C  CG  . PHE A 1 9  ? 9.593   5.871   -10.587 1.00 15.29 ? 9    PHE A CG  1 
ATOM   67   C  CD1 . PHE A 1 9  ? 8.901   4.675   -10.781 1.00 15.51 ? 9    PHE A CD1 1 
ATOM   68   C  CD2 . PHE A 1 9  ? 10.749  6.104   -11.327 1.00 14.78 ? 9    PHE A CD2 1 
ATOM   69   C  CE1 . PHE A 1 9  ? 9.356   3.725   -11.696 1.00 14.14 ? 9    PHE A CE1 1 
ATOM   70   C  CE2 . PHE A 1 9  ? 11.216  5.160   -12.245 1.00 17.33 ? 9    PHE A CE2 1 
ATOM   71   C  CZ  . PHE A 1 9  ? 10.517  3.967   -12.430 1.00 15.88 ? 9    PHE A CZ  1 
ATOM   72   N  N   . LYS A 1 10 ? 11.545  7.929   -8.049  1.00 13.13 ? 10   LYS A N   1 
ATOM   73   C  CA  . LYS A 1 10 ? 12.973  8.194   -7.958  1.00 15.53 ? 10   LYS A CA  1 
ATOM   74   C  C   . LYS A 1 10 ? 13.567  7.714   -6.637  1.00 16.63 ? 10   LYS A C   1 
ATOM   75   O  O   . LYS A 1 10 ? 14.668  7.161   -6.600  1.00 16.59 ? 10   LYS A O   1 
ATOM   76   C  CB  . LYS A 1 10 ? 13.222  9.695   -8.121  1.00 18.21 ? 10   LYS A CB  1 
ATOM   77   C  CG  . LYS A 1 10 ? 14.674  10.102  -8.029  1.00 20.82 ? 10   LYS A CG  1 
ATOM   78   C  CD  . LYS A 1 10 ? 14.820  11.579  -8.332  1.00 21.20 ? 10   LYS A CD  1 
ATOM   79   C  CE  . LYS A 1 10 ? 16.266  12.020  -8.281  1.00 22.56 ? 10   LYS A CE  1 
ATOM   80   N  NZ  . LYS A 1 10 ? 16.379  13.453  -8.660  1.00 20.78 ? 10   LYS A NZ  1 
ATOM   81   N  N   . ARG A 1 11 ? 12.830  7.924   -5.552  1.00 16.61 ? 11   ARG A N   1 
ATOM   82   C  CA  . ARG A 1 11 ? 13.294  7.522   -4.232  1.00 18.51 ? 11   ARG A CA  1 
ATOM   83   C  C   . ARG A 1 11 ? 13.618  6.039   -4.166  1.00 19.13 ? 11   ARG A C   1 
ATOM   84   O  O   . ARG A 1 11 ? 14.585  5.633   -3.515  1.00 21.56 ? 11   ARG A O   1 
ATOM   85   C  CB  . ARG A 1 11 ? 12.241  7.853   -3.169  1.00 21.01 ? 11   ARG A CB  1 
ATOM   86   C  CG  . ARG A 1 11 ? 12.577  7.296   -1.791  1.00 28.76 ? 11   ARG A CG  1 
ATOM   87   C  CD  . ARG A 1 11 ? 11.610  7.780   -0.723  1.00 33.18 ? 11   ARG A CD  1 
ATOM   88   N  NE  . ARG A 1 11 ? 11.987  7.291   0.602   1.00 36.46 ? 11   ARG A NE  1 
ATOM   89   C  CZ  . ARG A 1 11 ? 11.402  7.671   1.734   1.00 37.80 ? 11   ARG A CZ  1 
ATOM   90   N  NH1 . ARG A 1 11 ? 10.407  8.546   1.707   1.00 39.51 ? 11   ARG A NH1 1 
ATOM   91   N  NH2 . ARG A 1 11 ? 11.814  7.177   2.895   1.00 39.10 ? 11   ARG A NH2 1 
ATOM   92   N  N   . PHE A 1 12 ? 12.824  5.226   -4.847  1.00 17.43 ? 12   PHE A N   1 
ATOM   93   C  CA  . PHE A 1 12 ? 13.059  3.797   -4.795  1.00 18.63 ? 12   PHE A CA  1 
ATOM   94   C  C   . PHE A 1 12 ? 13.839  3.198   -5.952  1.00 16.03 ? 12   PHE A C   1 
ATOM   95   O  O   . PHE A 1 12 ? 14.216  2.030   -5.904  1.00 13.41 ? 12   PHE A O   1 
ATOM   96   C  CB  . PHE A 1 12 ? 11.736  3.085   -4.551  1.00 20.25 ? 12   PHE A CB  1 
ATOM   97   C  CG  . PHE A 1 12 ? 11.163  3.383   -3.192  1.00 24.68 ? 12   PHE A CG  1 
ATOM   98   C  CD1 . PHE A 1 12 ? 11.877  3.047   -2.041  1.00 25.50 ? 12   PHE A CD1 1 
ATOM   99   C  CD2 . PHE A 1 12 ? 9.955   4.056   -3.056  1.00 24.58 ? 12   PHE A CD2 1 
ATOM   100  C  CE1 . PHE A 1 12 ? 11.396  3.381   -0.774  1.00 24.79 ? 12   PHE A CE1 1 
ATOM   101  C  CE2 . PHE A 1 12 ? 9.465   4.395   -1.794  1.00 25.64 ? 12   PHE A CE2 1 
ATOM   102  C  CZ  . PHE A 1 12 ? 10.190  4.056   -0.651  1.00 24.10 ? 12   PHE A CZ  1 
ATOM   103  N  N   . ASP A 1 13 ? 14.097  3.999   -6.983  1.00 15.29 ? 13   ASP A N   1 
ATOM   104  C  CA  . ASP A 1 13 ? 14.916  3.533   -8.098  1.00 15.01 ? 13   ASP A CA  1 
ATOM   105  C  C   . ASP A 1 13 ? 16.351  3.801   -7.646  1.00 14.97 ? 13   ASP A C   1 
ATOM   106  O  O   . ASP A 1 13 ? 16.997  4.765   -8.074  1.00 17.03 ? 13   ASP A O   1 
ATOM   107  C  CB  . ASP A 1 13 ? 14.601  4.313   -9.377  1.00 14.71 ? 13   ASP A CB  1 
ATOM   108  C  CG  . ASP A 1 13 ? 15.546  3.972   -10.514 1.00 14.51 ? 13   ASP A CG  1 
ATOM   109  O  OD1 . ASP A 1 13 ? 16.197  2.905   -10.445 1.00 11.38 ? 13   ASP A OD1 1 
ATOM   110  O  OD2 . ASP A 1 13 ? 15.632  4.766   -11.481 1.00 12.99 ? 13   ASP A OD2 1 
ATOM   111  N  N   . THR A 1 14 ? 16.832  2.932   -6.765  1.00 15.11 ? 14   THR A N   1 
ATOM   112  C  CA  . THR A 1 14 ? 18.166  3.024   -6.177  1.00 16.93 ? 14   THR A CA  1 
ATOM   113  C  C   . THR A 1 14 ? 19.338  3.303   -7.111  1.00 17.11 ? 14   THR A C   1 
ATOM   114  O  O   . THR A 1 14 ? 20.145  4.198   -6.842  1.00 17.37 ? 14   THR A O   1 
ATOM   115  C  CB  . THR A 1 14 ? 18.475  1.742   -5.382  1.00 15.32 ? 14   THR A CB  1 
ATOM   116  O  OG1 . THR A 1 14 ? 17.492  1.592   -4.355  1.00 13.87 ? 14   THR A OG1 1 
ATOM   117  C  CG2 . THR A 1 14 ? 19.870  1.803   -4.758  1.00 17.33 ? 14   THR A CG2 1 
ATOM   118  N  N   . ASN A 1 15 ? 19.446  2.543   -8.198  1.00 16.58 ? 15   ASN A N   1 
ATOM   119  C  CA  . ASN A 1 15 ? 20.560  2.724   -9.124  1.00 14.76 ? 15   ASN A CA  1 
ATOM   120  C  C   . ASN A 1 15 ? 20.295  3.708   -10.257 1.00 15.49 ? 15   ASN A C   1 
ATOM   121  O  O   . ASN A 1 15 ? 21.101  3.833   -11.177 1.00 16.65 ? 15   ASN A O   1 
ATOM   122  C  CB  . ASN A 1 15 ? 20.992  1.370   -9.691  1.00 16.94 ? 15   ASN A CB  1 
ATOM   123  C  CG  . ASN A 1 15 ? 19.950  0.750   -10.602 1.00 14.83 ? 15   ASN A CG  1 
ATOM   124  O  OD1 . ASN A 1 15 ? 18.807  1.203   -10.671 1.00 13.69 ? 15   ASN A OD1 1 
ATOM   125  N  ND2 . ASN A 1 15 ? 20.345  -0.302  -11.307 1.00 19.45 ? 15   ASN A ND2 1 
ATOM   126  N  N   . GLY A 1 16 ? 19.166  4.401   -10.176 1.00 13.57 ? 16   GLY A N   1 
ATOM   127  C  CA  . GLY A 1 16 ? 18.803  5.397   -11.173 1.00 15.17 ? 16   GLY A CA  1 
ATOM   128  C  C   . GLY A 1 16 ? 18.765  4.990   -12.633 1.00 14.34 ? 16   GLY A C   1 
ATOM   129  O  O   . GLY A 1 16 ? 19.021  5.820   -13.509 1.00 14.13 ? 16   GLY A O   1 
ATOM   130  N  N   . ASP A 1 17 ? 18.439  3.736   -12.922 1.00 14.38 ? 17   ASP A N   1 
ATOM   131  C  CA  . ASP A 1 17 ? 18.382  3.309   -14.314 1.00 12.49 ? 17   ASP A CA  1 
ATOM   132  C  C   . ASP A 1 17 ? 16.995  3.505   -14.922 1.00 12.80 ? 17   ASP A C   1 
ATOM   133  O  O   . ASP A 1 17 ? 16.736  3.084   -16.047 1.00 14.01 ? 17   ASP A O   1 
ATOM   134  C  CB  . ASP A 1 17 ? 18.837  1.849   -14.458 1.00 12.94 ? 17   ASP A CB  1 
ATOM   135  C  CG  . ASP A 1 17 ? 17.950  0.873   -13.703 1.00 14.00 ? 17   ASP A CG  1 
ATOM   136  O  OD1 . ASP A 1 17 ? 17.021  1.321   -12.998 1.00 11.60 ? 17   ASP A OD1 1 
ATOM   137  O  OD2 . ASP A 1 17 ? 18.192  -0.346  -13.821 1.00 13.46 ? 17   ASP A OD2 1 
ATOM   138  N  N   . GLY A 1 18 ? 16.105  4.152   -14.173 1.00 11.81 ? 18   GLY A N   1 
ATOM   139  C  CA  . GLY A 1 18 ? 14.769  4.419   -14.677 1.00 11.87 ? 18   GLY A CA  1 
ATOM   140  C  C   . GLY A 1 18 ? 13.737  3.328   -14.471 1.00 12.84 ? 18   GLY A C   1 
ATOM   141  O  O   . GLY A 1 18 ? 12.600  3.463   -14.923 1.00 14.80 ? 18   GLY A O   1 
ATOM   142  N  N   . LYS A 1 19 ? 14.111  2.246   -13.796 1.00 11.37 ? 19   LYS A N   1 
ATOM   143  C  CA  . LYS A 1 19 ? 13.161  1.166   -13.554 1.00 11.29 ? 19   LYS A CA  1 
ATOM   144  C  C   . LYS A 1 19 ? 13.353  0.566   -12.171 1.00 10.27 ? 19   LYS A C   1 
ATOM   145  O  O   . LYS A 1 19 ? 14.466  0.542   -11.641 1.00 11.43 ? 19   LYS A O   1 
ATOM   146  C  CB  . LYS A 1 19 ? 13.291  0.083   -14.631 1.00 14.30 ? 19   LYS A CB  1 
ATOM   147  C  CG  . LYS A 1 19 ? 14.647  -0.587  -14.705 1.00 20.84 ? 19   LYS A CG  1 
ATOM   148  C  CD  . LYS A 1 19 ? 14.794  -1.384  -15.997 1.00 23.09 ? 19   LYS A CD  1 
ATOM   149  C  CE  . LYS A 1 19 ? 16.136  -2.101  -16.041 1.00 23.60 ? 19   LYS A CE  1 
ATOM   150  N  NZ  . LYS A 1 19 ? 16.333  -2.864  -17.302 1.00 26.74 ? 19   LYS A NZ  1 
ATOM   151  N  N   A ILE A 1 20 ? 12.260  0.088   -11.583 0.50 8.20  ? 20   ILE A N   1 
ATOM   152  N  N   B ILE A 1 20 ? 12.262  0.082   -11.586 0.50 8.42  ? 20   ILE A N   1 
ATOM   153  C  CA  A ILE A 1 20 ? 12.309  -0.506  -10.251 0.50 8.37  ? 20   ILE A CA  1 
ATOM   154  C  CA  B ILE A 1 20 ? 12.310  -0.508  -10.252 0.50 8.79  ? 20   ILE A CA  1 
ATOM   155  C  C   A ILE A 1 20 ? 12.487  -2.018  -10.336 0.50 8.83  ? 20   ILE A C   1 
ATOM   156  C  C   B ILE A 1 20 ? 12.482  -2.020  -10.328 0.50 9.04  ? 20   ILE A C   1 
ATOM   157  O  O   A ILE A 1 20 ? 11.637  -2.721  -10.880 0.50 9.46  ? 20   ILE A O   1 
ATOM   158  O  O   B ILE A 1 20 ? 11.625  -2.726  -10.860 0.50 9.58  ? 20   ILE A O   1 
ATOM   159  C  CB  A ILE A 1 20 ? 11.017  -0.209  -9.457  0.50 8.80  ? 20   ILE A CB  1 
ATOM   160  C  CB  B ILE A 1 20 ? 11.025  -0.181  -9.467  0.50 9.66  ? 20   ILE A CB  1 
ATOM   161  C  CG1 A ILE A 1 20 ? 10.740  1.298   -9.446  0.50 9.17  ? 20   ILE A CG1 1 
ATOM   162  C  CG1 B ILE A 1 20 ? 10.831  1.336   -9.420  0.50 10.71 ? 20   ILE A CG1 1 
ATOM   163  C  CG2 A ILE A 1 20 ? 11.149  -0.752  -8.033  0.50 9.19  ? 20   ILE A CG2 1 
ATOM   164  C  CG2 B ILE A 1 20 ? 11.111  -0.771  -8.057  0.50 9.98  ? 20   ILE A CG2 1 
ATOM   165  C  CD1 A ILE A 1 20 ? 11.841  2.141   -8.820  0.50 7.57  ? 20   ILE A CD1 1 
ATOM   166  C  CD1 B ILE A 1 20 ? 9.502   1.778   -8.846  0.50 11.43 ? 20   ILE A CD1 1 
ATOM   167  N  N   . SER A 1 21 ? 13.599  -2.510  -9.792  1.00 8.74  ? 21   SER A N   1 
ATOM   168  C  CA  . SER A 1 21 ? 13.896  -3.939  -9.797  1.00 9.34  ? 21   SER A CA  1 
ATOM   169  C  C   . SER A 1 21 ? 13.230  -4.663  -8.631  1.00 10.10 ? 21   SER A C   1 
ATOM   170  O  O   . SER A 1 21 ? 12.594  -4.049  -7.782  1.00 8.05  ? 21   SER A O   1 
ATOM   171  C  CB  . SER A 1 21 ? 15.410  -4.153  -9.709  1.00 11.01 ? 21   SER A CB  1 
ATOM   172  O  OG  . SER A 1 21 ? 15.886  -3.750  -8.437  1.00 11.38 ? 21   SER A OG  1 
ATOM   173  N  N   . LEU A 1 22 ? 13.394  -5.979  -8.585  1.00 9.23  ? 22   LEU A N   1 
ATOM   174  C  CA  . LEU A 1 22 ? 12.806  -6.760  -7.506  1.00 10.80 ? 22   LEU A CA  1 
ATOM   175  C  C   . LEU A 1 22 ? 13.399  -6.336  -6.164  1.00 9.85  ? 22   LEU A C   1 
ATOM   176  O  O   . LEU A 1 22 ? 12.679  -6.193  -5.178  1.00 8.80  ? 22   LEU A O   1 
ATOM   177  C  CB  . LEU A 1 22 ? 13.065  -8.249  -7.732  1.00 13.85 ? 22   LEU A CB  1 
ATOM   178  C  CG  . LEU A 1 22 ? 12.280  -9.223  -6.855  1.00 17.06 ? 22   LEU A CG  1 
ATOM   179  C  CD1 . LEU A 1 22 ? 10.781  -9.063  -7.110  1.00 17.80 ? 22   LEU A CD1 1 
ATOM   180  C  CD2 . LEU A 1 22 ? 12.732  -10.640 -7.180  1.00 21.78 ? 22   LEU A CD2 1 
ATOM   181  N  N   . SER A 1 23 ? 14.714  -6.132  -6.127  1.00 10.24 ? 23   SER A N   1 
ATOM   182  C  CA  . SER A 1 23 ? 15.369  -5.735  -4.883  1.00 10.58 ? 23   SER A CA  1 
ATOM   183  C  C   . SER A 1 23 ? 14.936  -4.337  -4.470  1.00 8.89  ? 23   SER A C   1 
ATOM   184  O  O   . SER A 1 23 ? 14.753  -4.065  -3.285  1.00 9.77  ? 23   SER A O   1 
ATOM   185  C  CB  . SER A 1 23 ? 16.898  -5.788  -5.022  1.00 13.01 ? 23   SER A CB  1 
ATOM   186  O  OG  . SER A 1 23 ? 17.379  -4.798  -5.909  1.00 14.52 ? 23   SER A OG  1 
ATOM   187  N  N   . GLU A 1 24 ? 14.754  -3.453  -5.447  1.00 6.90  ? 24   GLU A N   1 
ATOM   188  C  CA  . GLU A 1 24 ? 14.339  -2.093  -5.146  1.00 7.40  ? 24   GLU A CA  1 
ATOM   189  C  C   . GLU A 1 24 ? 12.897  -2.067  -4.657  1.00 6.34  ? 24   GLU A C   1 
ATOM   190  O  O   . GLU A 1 24 ? 12.548  -1.266  -3.797  1.00 9.61  ? 24   GLU A O   1 
ATOM   191  C  CB  . GLU A 1 24 ? 14.520  -1.200  -6.379  1.00 9.38  ? 24   GLU A CB  1 
ATOM   192  C  CG  . GLU A 1 24 ? 15.993  -1.027  -6.758  1.00 9.35  ? 24   GLU A CG  1 
ATOM   193  C  CD  . GLU A 1 24 ? 16.204  -0.295  -8.069  1.00 11.78 ? 24   GLU A CD  1 
ATOM   194  O  OE1 . GLU A 1 24 ? 15.264  -0.245  -8.887  1.00 10.47 ? 24   GLU A OE1 1 
ATOM   195  O  OE2 . GLU A 1 24 ? 17.324  0.216   -8.292  1.00 11.43 ? 24   GLU A OE2 1 
ATOM   196  N  N   . LEU A 1 25 ? 12.062  -2.950  -5.200  1.00 7.25  ? 25   LEU A N   1 
ATOM   197  C  CA  . LEU A 1 25 ? 10.668  -3.017  -4.774  1.00 7.39  ? 25   LEU A CA  1 
ATOM   198  C  C   . LEU A 1 25 ? 10.635  -3.586  -3.360  1.00 9.05  ? 25   LEU A C   1 
ATOM   199  O  O   . LEU A 1 25 ? 9.837   -3.167  -2.530  1.00 9.21  ? 25   LEU A O   1 
ATOM   200  C  CB  . LEU A 1 25 ? 9.860   -3.910  -5.721  1.00 8.67  ? 25   LEU A CB  1 
ATOM   201  C  CG  . LEU A 1 25 ? 8.386   -4.139  -5.360  1.00 9.96  ? 25   LEU A CG  1 
ATOM   202  C  CD1 . LEU A 1 25 ? 7.645   -2.814  -5.342  1.00 11.20 ? 25   LEU A CD1 1 
ATOM   203  C  CD2 . LEU A 1 25 ? 7.760   -5.083  -6.379  1.00 9.86  ? 25   LEU A CD2 1 
ATOM   204  N  N   . THR A 1 26 ? 11.512  -4.545  -3.091  1.00 9.56  ? 26   THR A N   1 
ATOM   205  C  CA  . THR A 1 26 ? 11.592  -5.147  -1.766  1.00 9.69  ? 26   THR A CA  1 
ATOM   206  C  C   . THR A 1 26 ? 11.939  -4.059  -0.746  1.00 9.76  ? 26   THR A C   1 
ATOM   207  O  O   . THR A 1 26 ? 11.339  -3.981  0.328   1.00 9.25  ? 26   THR A O   1 
ATOM   208  C  CB  . THR A 1 26 ? 12.680  -6.238  -1.717  1.00 10.29 ? 26   THR A CB  1 
ATOM   209  O  OG1 . THR A 1 26 ? 12.371  -7.271  -2.662  1.00 10.11 ? 26   THR A OG1 1 
ATOM   210  C  CG2 . THR A 1 26 ? 12.766  -6.842  -0.332  1.00 10.82 ? 26   THR A CG2 1 
ATOM   211  N  N   . ASP A 1 27 ? 12.911  -3.217  -1.082  1.00 8.70  ? 27   ASP A N   1 
ATOM   212  C  CA  . ASP A 1 27 ? 13.301  -2.142  -0.177  1.00 8.48  ? 27   ASP A CA  1 
ATOM   213  C  C   . ASP A 1 27 ? 12.158  -1.150  0.043   1.00 9.12  ? 27   ASP A C   1 
ATOM   214  O  O   . ASP A 1 27 ? 11.972  -0.656  1.153   1.00 9.93  ? 27   ASP A O   1 
ATOM   215  C  CB  . ASP A 1 27 ? 14.527  -1.397  -0.712  1.00 8.80  ? 27   ASP A CB  1 
ATOM   216  C  CG  . ASP A 1 27 ? 15.787  -2.225  -0.633  1.00 9.77  ? 27   ASP A CG  1 
ATOM   217  O  OD1 . ASP A 1 27 ? 15.956  -2.954  0.368   1.00 12.01 ? 27   ASP A OD1 1 
ATOM   218  O  OD2 . ASP A 1 27 ? 16.614  -2.134  -1.561  1.00 12.58 ? 27   ASP A OD2 1 
ATOM   219  N  N   . ALA A 1 28 ? 11.398  -0.858  -1.008  1.00 9.81  ? 28   ALA A N   1 
ATOM   220  C  CA  . ALA A 1 28 ? 10.271  0.071   -0.884  1.00 11.84 ? 28   ALA A CA  1 
ATOM   221  C  C   . ALA A 1 28 ? 9.250   -0.500  0.095   1.00 11.99 ? 28   ALA A C   1 
ATOM   222  O  O   . ALA A 1 28 ? 8.698   0.222   0.927   1.00 12.20 ? 28   ALA A O   1 
ATOM   223  C  CB  . ALA A 1 28 ? 9.615   0.310   -2.249  1.00 11.59 ? 28   ALA A CB  1 
ATOM   224  N  N   . LEU A 1 29 ? 9.003   -1.800  -0.002  1.00 11.18 ? 29   LEU A N   1 
ATOM   225  C  CA  . LEU A 1 29 ? 8.059   -2.449  0.901   1.00 12.84 ? 29   LEU A CA  1 
ATOM   226  C  C   . LEU A 1 29 ? 8.573   -2.441  2.343   1.00 13.96 ? 29   LEU A C   1 
ATOM   227  O  O   . LEU A 1 29 ? 7.807   -2.223  3.282   1.00 14.24 ? 29   LEU A O   1 
ATOM   228  C  CB  . LEU A 1 29 ? 7.789   -3.880  0.439   1.00 11.03 ? 29   LEU A CB  1 
ATOM   229  C  CG  . LEU A 1 29 ? 7.019   -3.972  -0.881  1.00 14.26 ? 29   LEU A CG  1 
ATOM   230  C  CD1 . LEU A 1 29 ? 6.946   -5.413  -1.356  1.00 16.23 ? 29   LEU A CD1 1 
ATOM   231  C  CD2 . LEU A 1 29 ? 5.625   -3.399  -0.677  1.00 16.45 ? 29   LEU A CD2 1 
ATOM   232  N  N   A ARG A 1 30 ? 9.871   -2.666  2.519   0.50 14.46 ? 30   ARG A N   1 
ATOM   233  N  N   B ARG A 1 30 ? 9.870   -2.677  2.518   0.50 14.43 ? 30   ARG A N   1 
ATOM   234  C  CA  A ARG A 1 30 ? 10.443  -2.673  3.857   0.50 16.73 ? 30   ARG A CA  1 
ATOM   235  C  CA  B ARG A 1 30 ? 10.445  -2.681  3.857   0.50 16.65 ? 30   ARG A CA  1 
ATOM   236  C  C   A ARG A 1 30 ? 10.434  -1.275  4.461   0.50 16.35 ? 30   ARG A C   1 
ATOM   237  C  C   B ARG A 1 30 ? 10.441  -1.277  4.459   0.50 16.33 ? 30   ARG A C   1 
ATOM   238  O  O   A ARG A 1 30 ? 10.404  -1.118  5.680   0.50 17.63 ? 30   ARG A O   1 
ATOM   239  O  O   B ARG A 1 30 ? 10.412  -1.118  5.679   0.50 17.64 ? 30   ARG A O   1 
ATOM   240  C  CB  A ARG A 1 30 ? 11.870  -3.218  3.829   0.50 18.93 ? 30   ARG A CB  1 
ATOM   241  C  CB  B ARG A 1 30 ? 11.862  -3.262  3.820   0.50 18.71 ? 30   ARG A CB  1 
ATOM   242  C  CG  A ARG A 1 30 ? 11.975  -4.616  3.248   0.50 23.23 ? 30   ARG A CG  1 
ATOM   243  C  CG  B ARG A 1 30 ? 11.882  -4.757  3.553   0.50 22.57 ? 30   ARG A CG  1 
ATOM   244  C  CD  A ARG A 1 30 ? 13.092  -5.410  3.907   0.50 26.00 ? 30   ARG A CD  1 
ATOM   245  C  CD  B ARG A 1 30 ? 13.287  -5.308  3.620   0.50 25.47 ? 30   ARG A CD  1 
ATOM   246  N  NE  A ARG A 1 30 ? 13.245  -6.740  3.323   0.50 28.27 ? 30   ARG A NE  1 
ATOM   247  N  NE  B ARG A 1 30 ? 13.313  -6.728  3.292   0.50 27.73 ? 30   ARG A NE  1 
ATOM   248  C  CZ  A ARG A 1 30 ? 12.265  -7.631  3.208   0.50 29.08 ? 30   ARG A CZ  1 
ATOM   249  C  CZ  B ARG A 1 30 ? 14.428  -7.433  3.164   0.50 28.05 ? 30   ARG A CZ  1 
ATOM   250  N  NH1 A ARG A 1 30 ? 11.042  -7.346  3.635   0.50 29.41 ? 30   ARG A NH1 1 
ATOM   251  N  NH1 B ARG A 1 30 ? 15.605  -6.850  3.335   0.50 27.68 ? 30   ARG A NH1 1 
ATOM   252  N  NH2 A ARG A 1 30 ? 12.510  -8.815  2.666   0.50 30.02 ? 30   ARG A NH2 1 
ATOM   253  N  NH2 B ARG A 1 30 ? 14.365  -8.721  2.874   0.50 30.24 ? 30   ARG A NH2 1 
ATOM   254  N  N   . THR A 1 31 ? 10.457  -0.260  3.602   1.00 16.05 ? 31   THR A N   1 
ATOM   255  C  CA  . THR A 1 31 ? 10.441  1.127   4.060   1.00 17.95 ? 31   THR A CA  1 
ATOM   256  C  C   . THR A 1 31 ? 9.040   1.422   4.576   1.00 19.71 ? 31   THR A C   1 
ATOM   257  O  O   . THR A 1 31 ? 8.861   1.993   5.653   1.00 18.35 ? 31   THR A O   1 
ATOM   258  C  CB  . THR A 1 31 ? 10.763  2.106   2.915   1.00 18.21 ? 31   THR A CB  1 
ATOM   259  O  OG1 . THR A 1 31 ? 12.128  1.942   2.519   1.00 18.04 ? 31   THR A OG1 1 
ATOM   260  C  CG2 . THR A 1 31 ? 10.540  3.545   3.357   1.00 20.56 ? 31   THR A CG2 1 
ATOM   261  N  N   . LEU A 1 32 ? 8.049   1.027   3.788   1.00 22.15 ? 32   LEU A N   1 
ATOM   262  C  CA  . LEU A 1 32 ? 6.654   1.212   4.155   1.00 24.01 ? 32   LEU A CA  1 
ATOM   263  C  C   . LEU A 1 32 ? 6.415   0.516   5.487   1.00 25.91 ? 32   LEU A C   1 
ATOM   264  O  O   . LEU A 1 32 ? 5.726   1.042   6.364   1.00 26.93 ? 32   LEU A O   1 
ATOM   265  C  CB  . LEU A 1 32 ? 5.754   0.615   3.068   1.00 24.62 ? 32   LEU A CB  1 
ATOM   266  C  CG  . LEU A 1 32 ? 4.263   0.402   3.346   1.00 29.21 ? 32   LEU A CG  1 
ATOM   267  C  CD1 . LEU A 1 32 ? 3.507   0.329   2.028   1.00 28.55 ? 32   LEU A CD1 1 
ATOM   268  C  CD2 . LEU A 1 32 ? 4.064   -0.880  4.149   1.00 30.22 ? 32   LEU A CD2 1 
ATOM   269  N  N   . GLY A 1 33 ? 7.012   -0.662  5.635   1.00 26.33 ? 33   GLY A N   1 
ATOM   270  C  CA  . GLY A 1 33 ? 6.861   -1.437  6.852   1.00 29.44 ? 33   GLY A CA  1 
ATOM   271  C  C   . GLY A 1 33 ? 7.483   -0.837  8.099   1.00 31.58 ? 33   GLY A C   1 
ATOM   272  O  O   . GLY A 1 33 ? 7.040   -1.133  9.208   1.00 32.81 ? 33   GLY A O   1 
ATOM   273  N  N   . SER A 1 34 ? 8.507   -0.002  7.937   1.00 32.11 ? 34   SER A N   1 
ATOM   274  C  CA  . SER A 1 34 ? 9.165   0.617   9.087   1.00 32.73 ? 34   SER A CA  1 
ATOM   275  C  C   . SER A 1 34 ? 8.703   2.060   9.278   1.00 33.13 ? 34   SER A C   1 
ATOM   276  O  O   . SER A 1 34 ? 9.412   2.883   9.859   1.00 32.86 ? 34   SER A O   1 
ATOM   277  C  CB  . SER A 1 34 ? 10.686  0.581   8.913   1.00 34.08 ? 34   SER A CB  1 
ATOM   278  O  OG  . SER A 1 34 ? 11.089  1.313   7.768   1.00 37.52 ? 34   SER A OG  1 
ATOM   279  N  N   . THR A 1 35 ? 7.505   2.350   8.786   1.00 32.65 ? 35   THR A N   1 
ATOM   280  C  CA  . THR A 1 35 ? 6.918   3.681   8.882   1.00 33.20 ? 35   THR A CA  1 
ATOM   281  C  C   . THR A 1 35 ? 6.476   4.012   10.304  1.00 32.98 ? 35   THR A C   1 
ATOM   282  O  O   . THR A 1 35 ? 5.849   3.192   10.975  1.00 31.19 ? 35   THR A O   1 
ATOM   283  C  CB  . THR A 1 35 ? 5.693   3.801   7.956   1.00 33.46 ? 35   THR A CB  1 
ATOM   284  O  OG1 . THR A 1 35 ? 6.107   3.632   6.594   1.00 36.32 ? 35   THR A OG1 1 
ATOM   285  C  CG2 . THR A 1 35 ? 5.031   5.155   8.119   1.00 33.27 ? 35   THR A CG2 1 
ATOM   286  N  N   . SER A 1 36 ? 6.805   5.220   10.754  1.00 33.55 ? 36   SER A N   1 
ATOM   287  C  CA  . SER A 1 36 ? 6.437   5.677   12.091  1.00 34.73 ? 36   SER A CA  1 
ATOM   288  C  C   . SER A 1 36 ? 4.945   5.985   12.170  1.00 34.26 ? 36   SER A C   1 
ATOM   289  O  O   . SER A 1 36 ? 4.339   6.401   11.184  1.00 32.05 ? 36   SER A O   1 
ATOM   290  C  CB  . SER A 1 36 ? 7.225   6.932   12.459  1.00 36.77 ? 36   SER A CB  1 
ATOM   291  O  OG  . SER A 1 36 ? 6.780   7.459   13.696  1.00 39.81 ? 36   SER A OG  1 
ATOM   292  N  N   . ALA A 1 37 ? 4.361   5.786   13.349  1.00 33.19 ? 37   ALA A N   1 
ATOM   293  C  CA  . ALA A 1 37 ? 2.939   6.042   13.546  1.00 33.41 ? 37   ALA A CA  1 
ATOM   294  C  C   . ALA A 1 37 ? 2.575   7.455   13.093  1.00 32.99 ? 37   ALA A C   1 
ATOM   295  O  O   . ALA A 1 37 ? 1.459   7.699   12.636  1.00 33.46 ? 37   ALA A O   1 
ATOM   296  C  CB  . ALA A 1 37 ? 2.568   5.841   15.013  1.00 33.40 ? 37   ALA A CB  1 
ATOM   297  N  N   . ASP A 1 38 ? 3.523   8.380   13.219  1.00 32.40 ? 38   ASP A N   1 
ATOM   298  C  CA  . ASP A 1 38 ? 3.310   9.767   12.813  1.00 32.47 ? 38   ASP A CA  1 
ATOM   299  C  C   . ASP A 1 38 ? 3.054   9.877   11.316  1.00 30.59 ? 38   ASP A C   1 
ATOM   300  O  O   . ASP A 1 38 ? 2.213   10.662  10.873  1.00 31.13 ? 38   ASP A O   1 
ATOM   301  C  CB  . ASP A 1 38 ? 4.527   10.617  13.182  1.00 35.68 ? 38   ASP A CB  1 
ATOM   302  C  CG  . ASP A 1 38 ? 4.336   11.370  14.481  1.00 38.39 ? 38   ASP A CG  1 
ATOM   303  O  OD1 . ASP A 1 38 ? 3.989   10.734  15.498  1.00 40.85 ? 38   ASP A OD1 1 
ATOM   304  O  OD2 . ASP A 1 38 ? 4.540   12.602  14.485  1.00 40.44 ? 38   ASP A OD2 1 
ATOM   305  N  N   . GLU A 1 39 ? 3.793   9.094   10.539  1.00 27.46 ? 39   GLU A N   1 
ATOM   306  C  CA  . GLU A 1 39 ? 3.638   9.091   9.092   1.00 25.17 ? 39   GLU A CA  1 
ATOM   307  C  C   . GLU A 1 39 ? 2.380   8.299   8.760   1.00 21.63 ? 39   GLU A C   1 
ATOM   308  O  O   . GLU A 1 39 ? 1.625   8.655   7.855   1.00 19.33 ? 39   GLU A O   1 
ATOM   309  C  CB  . GLU A 1 39 ? 4.840   8.422   8.424   1.00 28.14 ? 39   GLU A CB  1 
ATOM   310  C  CG  . GLU A 1 39 ? 6.193   8.900   8.918   1.00 33.80 ? 39   GLU A CG  1 
ATOM   311  C  CD  . GLU A 1 39 ? 7.341   8.131   8.285   1.00 36.88 ? 39   GLU A CD  1 
ATOM   312  O  OE1 . GLU A 1 39 ? 7.606   8.335   7.079   1.00 38.05 ? 39   GLU A OE1 1 
ATOM   313  O  OE2 . GLU A 1 39 ? 7.970   7.313   8.991   1.00 37.17 ? 39   GLU A OE2 1 
ATOM   314  N  N   . VAL A 1 40 ? 2.162   7.216   9.501   1.00 16.79 ? 40   VAL A N   1 
ATOM   315  C  CA  . VAL A 1 40 ? 0.996   6.373   9.279   1.00 15.86 ? 40   VAL A CA  1 
ATOM   316  C  C   . VAL A 1 40 ? -0.269  7.182   9.522   1.00 15.07 ? 40   VAL A C   1 
ATOM   317  O  O   . VAL A 1 40 ? -1.294  6.965   8.873   1.00 15.21 ? 40   VAL A O   1 
ATOM   318  C  CB  . VAL A 1 40 ? 1.008   5.139   10.215  1.00 17.45 ? 40   VAL A CB  1 
ATOM   319  C  CG1 . VAL A 1 40 ? -0.251  4.322   10.017  1.00 17.01 ? 40   VAL A CG1 1 
ATOM   320  C  CG2 . VAL A 1 40 ? 2.237   4.286   9.927   1.00 16.92 ? 40   VAL A CG2 1 
ATOM   321  N  N   . GLN A 1 41 ? -0.188  8.126   10.456  1.00 17.15 ? 41   GLN A N   1 
ATOM   322  C  CA  . GLN A 1 41 ? -1.327  8.971   10.779  1.00 18.44 ? 41   GLN A CA  1 
ATOM   323  C  C   . GLN A 1 41 ? -1.819  9.776   9.575   1.00 17.11 ? 41   GLN A C   1 
ATOM   324  O  O   . GLN A 1 41 ? -3.020  9.996   9.420   1.00 16.99 ? 41   GLN A O   1 
ATOM   325  C  CB  . GLN A 1 41 ? -0.977  9.924   11.928  1.00 20.44 ? 41   GLN A CB  1 
ATOM   326  C  CG  . GLN A 1 41 ? -2.013  11.016  12.151  1.00 28.18 ? 41   GLN A CG  1 
ATOM   327  C  CD  . GLN A 1 41 ? -3.422  10.472  12.338  1.00 32.76 ? 41   GLN A CD  1 
ATOM   328  O  OE1 . GLN A 1 41 ? -4.395  11.228  12.331  1.00 36.92 ? 41   GLN A OE1 1 
ATOM   329  N  NE2 . GLN A 1 41 ? -3.537  9.159   12.513  1.00 36.60 ? 41   GLN A NE2 1 
ATOM   330  N  N   A ARG A 1 42 ? -0.891  10.210  8.732   0.50 16.73 ? 42   ARG A N   1 
ATOM   331  N  N   B ARG A 1 42 ? -0.898  10.219  8.725   0.50 16.75 ? 42   ARG A N   1 
ATOM   332  C  CA  A ARG A 1 42 ? -1.248  10.986  7.550   0.50 16.31 ? 42   ARG A CA  1 
ATOM   333  C  CA  B ARG A 1 42 ? -1.287  10.994  7.552   0.50 16.36 ? 42   ARG A CA  1 
ATOM   334  C  C   A ARG A 1 42 ? -2.000  10.119  6.546   0.50 15.27 ? 42   ARG A C   1 
ATOM   335  C  C   B ARG A 1 42 ? -2.034  10.108  6.562   0.50 15.26 ? 42   ARG A C   1 
ATOM   336  O  O   A ARG A 1 42 ? -2.902  10.591  5.859   0.50 13.97 ? 42   ARG A O   1 
ATOM   337  O  O   B ARG A 1 42 ? -2.969  10.554  5.898   0.50 14.03 ? 42   ARG A O   1 
ATOM   338  C  CB  A ARG A 1 42 ? 0.013   11.574  6.911   0.50 19.08 ? 42   ARG A CB  1 
ATOM   339  C  CB  B ARG A 1 42 ? -0.059  11.617  6.886   0.50 19.09 ? 42   ARG A CB  1 
ATOM   340  C  CG  A ARG A 1 42 ? 0.781   12.492  7.849   0.50 23.29 ? 42   ARG A CG  1 
ATOM   341  C  CG  B ARG A 1 42 ? 0.789   12.431  7.846   0.50 23.56 ? 42   ARG A CG  1 
ATOM   342  C  CD  A ARG A 1 42 ? -0.082  13.661  8.307   0.50 26.32 ? 42   ARG A CD  1 
ATOM   343  C  CD  B ARG A 1 42 ? 1.775   13.334  7.131   0.50 26.32 ? 42   ARG A CD  1 
ATOM   344  N  NE  A ARG A 1 42 ? 0.343   14.182  9.604   0.50 30.63 ? 42   ARG A NE  1 
ATOM   345  N  NE  B ARG A 1 42 ? 2.813   13.814  8.038   0.50 31.97 ? 42   ARG A NE  1 
ATOM   346  C  CZ  A ARG A 1 42 ? 1.541   14.703  9.850   0.50 32.00 ? 42   ARG A CZ  1 
ATOM   347  C  CZ  B ARG A 1 42 ? 2.584   14.406  9.208   0.50 33.78 ? 42   ARG A CZ  1 
ATOM   348  N  NH1 A ARG A 1 42 ? 2.448   14.781  8.887   0.50 34.07 ? 42   ARG A NH1 1 
ATOM   349  N  NH1 B ARG A 1 42 ? 1.344   14.604  9.637   0.50 35.16 ? 42   ARG A NH1 1 
ATOM   350  N  NH2 A ARG A 1 42 ? 1.836   15.136  11.067  0.50 32.09 ? 42   ARG A NH2 1 
ATOM   351  N  NH2 B ARG A 1 42 ? 3.603   14.798  9.960   0.50 35.58 ? 42   ARG A NH2 1 
ATOM   352  N  N   . MET A 1 43 ? -1.621  8.848   6.468   1.00 13.87 ? 43   MET A N   1 
ATOM   353  C  CA  . MET A 1 43 ? -2.275  7.910   5.566   1.00 15.05 ? 43   MET A CA  1 
ATOM   354  C  C   . MET A 1 43 ? -3.663  7.636   6.140   1.00 15.14 ? 43   MET A C   1 
ATOM   355  O  O   . MET A 1 43 ? -4.662  7.616   5.420   1.00 16.46 ? 43   MET A O   1 
ATOM   356  C  CB  . MET A 1 43 ? -1.485  6.601   5.490   1.00 15.34 ? 43   MET A CB  1 
ATOM   357  C  CG  . MET A 1 43 ? -2.101  5.584   4.557   1.00 17.76 ? 43   MET A CG  1 
ATOM   358  S  SD  . MET A 1 43 ? -1.279  3.982   4.632   1.00 21.21 ? 43   MET A SD  1 
ATOM   359  C  CE  . MET A 1 43 ? -2.660  2.904   4.249   1.00 20.87 ? 43   MET A CE  1 
ATOM   360  N  N   A MET A 1 44 ? -3.723  7.423   7.448   0.50 16.37 ? 44   MET A N   1 
ATOM   361  N  N   B MET A 1 44 ? -3.705  7.437   7.455   0.50 16.52 ? 44   MET A N   1 
ATOM   362  C  CA  A MET A 1 44 ? -4.994  7.145   8.097   0.50 16.98 ? 44   MET A CA  1 
ATOM   363  C  CA  B MET A 1 44 ? -4.944  7.177   8.184   0.50 17.26 ? 44   MET A CA  1 
ATOM   364  C  C   A MET A 1 44 ? -5.979  8.295   7.913   0.50 16.34 ? 44   MET A C   1 
ATOM   365  C  C   B MET A 1 44 ? -5.962  8.288   7.950   0.50 16.49 ? 44   MET A C   1 
ATOM   366  O  O   A MET A 1 44 ? -7.155  8.070   7.635   0.50 16.18 ? 44   MET A O   1 
ATOM   367  O  O   B MET A 1 44 ? -7.131  8.029   7.670   0.50 16.28 ? 44   MET A O   1 
ATOM   368  C  CB  A MET A 1 44 ? -4.776  6.865   9.583   0.50 18.38 ? 44   MET A CB  1 
ATOM   369  C  CB  B MET A 1 44 ? -4.645  7.072   9.686   0.50 19.04 ? 44   MET A CB  1 
ATOM   370  C  CG  A MET A 1 44 ? -6.048  6.528   10.330  0.50 22.09 ? 44   MET A CG  1 
ATOM   371  C  CG  B MET A 1 44 ? -5.847  7.251   10.604  0.50 22.77 ? 44   MET A CG  1 
ATOM   372  S  SD  A MET A 1 44 ? -5.715  5.726   11.898  0.50 22.83 ? 44   MET A SD  1 
ATOM   373  S  SD  B MET A 1 44 ? -7.032  5.898   10.537  0.50 24.95 ? 44   MET A SD  1 
ATOM   374  C  CE  A MET A 1 44 ? -6.127  4.037   11.500  0.50 25.61 ? 44   MET A CE  1 
ATOM   375  C  CE  B MET A 1 44 ? -6.521  4.920   11.957  0.50 24.46 ? 44   MET A CE  1 
ATOM   376  N  N   . ALA A 1 45 ? -5.498  9.528   8.069   1.00 14.62 ? 45   ALA A N   1 
ATOM   377  C  CA  . ALA A 1 45 ? -6.354  10.697  7.897   1.00 14.82 ? 45   ALA A CA  1 
ATOM   378  C  C   . ALA A 1 45 ? -6.990  10.756  6.509   1.00 16.17 ? 45   ALA A C   1 
ATOM   379  O  O   . ALA A 1 45 ? -8.138  11.173  6.365   1.00 16.73 ? 45   ALA A O   1 
ATOM   380  C  CB  . ALA A 1 45 ? -5.550  11.976  8.167   1.00 14.88 ? 45   ALA A CB  1 
ATOM   381  N  N   . GLU A 1 46 ? -6.245  10.339  5.491   1.00 15.41 ? 46   GLU A N   1 
ATOM   382  C  CA  . GLU A 1 46 ? -6.756  10.350  4.121   1.00 15.50 ? 46   GLU A CA  1 
ATOM   383  C  C   . GLU A 1 46 ? -7.899  9.352   3.935   1.00 16.29 ? 46   GLU A C   1 
ATOM   384  O  O   . GLU A 1 46 ? -8.895  9.654   3.279   1.00 16.51 ? 46   GLU A O   1 
ATOM   385  C  CB  . GLU A 1 46 ? -5.626  10.027  3.130   1.00 15.71 ? 46   GLU A CB  1 
ATOM   386  C  CG  . GLU A 1 46 ? -4.604  11.147  2.935   1.00 15.54 ? 46   GLU A CG  1 
ATOM   387  C  CD  . GLU A 1 46 ? -5.104  12.257  2.022   1.00 17.20 ? 46   GLU A CD  1 
ATOM   388  O  OE1 . GLU A 1 46 ? -6.280  12.203  1.604   1.00 16.29 ? 46   GLU A OE1 1 
ATOM   389  O  OE2 . GLU A 1 46 ? -4.319  13.185  1.719   1.00 17.91 ? 46   GLU A OE2 1 
ATOM   390  N  N   . ILE A 1 47 ? -7.751  8.167   4.522   1.00 17.55 ? 47   ILE A N   1 
ATOM   391  C  CA  . ILE A 1 47 ? -8.761  7.117   4.414   1.00 16.86 ? 47   ILE A CA  1 
ATOM   392  C  C   . ILE A 1 47 ? -9.922  7.326   5.382   1.00 17.89 ? 47   ILE A C   1 
ATOM   393  O  O   . ILE A 1 47 ? -11.062 6.960   5.091   1.00 18.23 ? 47   ILE A O   1 
ATOM   394  C  CB  . ILE A 1 47 ? -8.132  5.732   4.683   1.00 17.71 ? 47   ILE A CB  1 
ATOM   395  C  CG1 . ILE A 1 47 ? -6.992  5.487   3.690   1.00 19.13 ? 47   ILE A CG1 1 
ATOM   396  C  CG2 . ILE A 1 47 ? -9.188  4.636   4.552   1.00 14.52 ? 47   ILE A CG2 1 
ATOM   397  C  CD1 . ILE A 1 47 ? -6.175  4.240   3.974   1.00 19.75 ? 47   ILE A CD1 1 
ATOM   398  N  N   . ASP A 1 48 ? -9.618  7.913   6.537   1.00 19.31 ? 48   ASP A N   1 
ATOM   399  C  CA  . ASP A 1 48 ? -10.609 8.184   7.575   1.00 20.63 ? 48   ASP A CA  1 
ATOM   400  C  C   . ASP A 1 48 ? -11.471 9.368   7.145   1.00 23.24 ? 48   ASP A C   1 
ATOM   401  O  O   . ASP A 1 48 ? -11.216 10.509  7.523   1.00 23.48 ? 48   ASP A O   1 
ATOM   402  C  CB  . ASP A 1 48 ? -9.879  8.479   8.891   1.00 19.82 ? 48   ASP A CB  1 
ATOM   403  C  CG  . ASP A 1 48 ? -10.815 8.863   10.022  1.00 21.58 ? 48   ASP A CG  1 
ATOM   404  O  OD1 . ASP A 1 48 ? -12.029 8.579   9.938   1.00 19.53 ? 48   ASP A OD1 1 
ATOM   405  O  OD2 . ASP A 1 48 ? -10.318 9.441   11.011  1.00 20.04 ? 48   ASP A OD2 1 
ATOM   406  N  N   . THR A 1 49 ? -12.501 9.073   6.357   1.00 25.62 ? 49   THR A N   1 
ATOM   407  C  CA  . THR A 1 49 ? -13.403 10.085  5.818   1.00 29.67 ? 49   THR A CA  1 
ATOM   408  C  C   . THR A 1 49 ? -14.185 10.928  6.825   1.00 30.35 ? 49   THR A C   1 
ATOM   409  O  O   . THR A 1 49 ? -14.372 12.123  6.602   1.00 30.78 ? 49   THR A O   1 
ATOM   410  C  CB  . THR A 1 49 ? -14.408 9.450   4.841   1.00 30.76 ? 49   THR A CB  1 
ATOM   411  O  OG1 . THR A 1 49 ? -13.706 8.604   3.924   1.00 33.20 ? 49   THR A OG1 1 
ATOM   412  C  CG2 . THR A 1 49 ? -15.135 10.531  4.056   1.00 32.96 ? 49   THR A CG2 1 
ATOM   413  N  N   . ASP A 1 50 ? -14.652 10.328  7.919   1.00 32.39 ? 50   ASP A N   1 
ATOM   414  C  CA  . ASP A 1 50 ? -15.401 11.103  8.906   1.00 33.49 ? 50   ASP A CA  1 
ATOM   415  C  C   . ASP A 1 50 ? -14.522 11.695  10.005  1.00 34.30 ? 50   ASP A C   1 
ATOM   416  O  O   . ASP A 1 50 ? -15.016 12.359  10.915  1.00 36.67 ? 50   ASP A O   1 
ATOM   417  C  CB  . ASP A 1 50 ? -16.537 10.275  9.529   1.00 33.72 ? 50   ASP A CB  1 
ATOM   418  C  CG  . ASP A 1 50 ? -16.065 8.957   10.110  1.00 33.87 ? 50   ASP A CG  1 
ATOM   419  O  OD1 . ASP A 1 50 ? -14.962 8.907   10.692  1.00 31.56 ? 50   ASP A OD1 1 
ATOM   420  O  OD2 . ASP A 1 50 ? -16.821 7.969   10.000  1.00 35.56 ? 50   ASP A OD2 1 
ATOM   421  N  N   . GLY A 1 51 ? -13.220 11.451  9.911   1.00 34.53 ? 51   GLY A N   1 
ATOM   422  C  CA  . GLY A 1 51 ? -12.273 11.986  10.877  1.00 33.67 ? 51   GLY A CA  1 
ATOM   423  C  C   . GLY A 1 51 ? -12.464 11.656  12.348  1.00 34.08 ? 51   GLY A C   1 
ATOM   424  O  O   . GLY A 1 51 ? -12.194 12.496  13.206  1.00 33.98 ? 51   GLY A O   1 
ATOM   425  N  N   . ASP A 1 52 ? -12.907 10.440  12.657  1.00 33.37 ? 52   ASP A N   1 
ATOM   426  C  CA  . ASP A 1 52 ? -13.103 10.055  14.051  1.00 32.05 ? 52   ASP A CA  1 
ATOM   427  C  C   . ASP A 1 52 ? -11.848 9.402   14.630  1.00 31.36 ? 52   ASP A C   1 
ATOM   428  O  O   . ASP A 1 52 ? -11.846 8.951   15.778  1.00 31.79 ? 52   ASP A O   1 
ATOM   429  C  CB  . ASP A 1 52 ? -14.294 9.101   14.175  1.00 34.61 ? 52   ASP A CB  1 
ATOM   430  C  CG  . ASP A 1 52 ? -13.992 7.718   13.637  1.00 36.25 ? 52   ASP A CG  1 
ATOM   431  O  OD1 . ASP A 1 52 ? -13.403 7.622   12.541  1.00 34.87 ? 52   ASP A OD1 1 
ATOM   432  O  OD2 . ASP A 1 52 ? -14.349 6.726   14.308  1.00 37.74 ? 52   ASP A OD2 1 
ATOM   433  N  N   . GLY A 1 53 ? -10.783 9.349   13.832  1.00 27.24 ? 53   GLY A N   1 
ATOM   434  C  CA  . GLY A 1 53 ? -9.538  8.757   14.291  1.00 24.90 ? 53   GLY A CA  1 
ATOM   435  C  C   . GLY A 1 53 ? -9.419  7.271   14.014  1.00 22.82 ? 53   GLY A C   1 
ATOM   436  O  O   . GLY A 1 53 ? -8.438  6.637   14.396  1.00 22.69 ? 53   GLY A O   1 
ATOM   437  N  N   . PHE A 1 54 ? -10.421 6.706   13.349  1.00 21.71 ? 54   PHE A N   1 
ATOM   438  C  CA  . PHE A 1 54 ? -10.413 5.282   13.032  1.00 20.45 ? 54   PHE A CA  1 
ATOM   439  C  C   . PHE A 1 54 ? -10.955 5.046   11.628  1.00 18.13 ? 54   PHE A C   1 
ATOM   440  O  O   . PHE A 1 54 ? -11.659 5.890   11.073  1.00 19.42 ? 54   PHE A O   1 
ATOM   441  C  CB  . PHE A 1 54 ? -11.279 4.497   14.025  1.00 22.35 ? 54   PHE A CB  1 
ATOM   442  C  CG  . PHE A 1 54 ? -10.893 4.687   15.463  1.00 24.05 ? 54   PHE A CG  1 
ATOM   443  C  CD1 . PHE A 1 54 ? -11.284 5.828   16.161  1.00 26.43 ? 54   PHE A CD1 1 
ATOM   444  C  CD2 . PHE A 1 54 ? -10.126 3.729   16.119  1.00 23.83 ? 54   PHE A CD2 1 
ATOM   445  C  CE1 . PHE A 1 54 ? -10.916 6.012   17.494  1.00 25.11 ? 54   PHE A CE1 1 
ATOM   446  C  CE2 . PHE A 1 54 ? -9.751  3.903   17.452  1.00 26.14 ? 54   PHE A CE2 1 
ATOM   447  C  CZ  . PHE A 1 54 ? -10.147 5.047   18.140  1.00 26.04 ? 54   PHE A CZ  1 
ATOM   448  N  N   . ILE A 1 55 ? -10.624 3.895   11.057  1.00 16.14 ? 55   ILE A N   1 
ATOM   449  C  CA  . ILE A 1 55 ? -11.109 3.539   9.730   1.00 15.85 ? 55   ILE A CA  1 
ATOM   450  C  C   . ILE A 1 55 ? -12.173 2.461   9.926   1.00 15.00 ? 55   ILE A C   1 
ATOM   451  O  O   . ILE A 1 55 ? -11.851 1.348   10.349  1.00 15.12 ? 55   ILE A O   1 
ATOM   452  C  CB  . ILE A 1 55 ? -9.967  2.976   8.845   1.00 15.64 ? 55   ILE A CB  1 
ATOM   453  C  CG1 . ILE A 1 55 ? -8.933  4.072   8.572   1.00 17.45 ? 55   ILE A CG1 1 
ATOM   454  C  CG2 . ILE A 1 55 ? -10.528 2.461   7.521   1.00 15.61 ? 55   ILE A CG2 1 
ATOM   455  C  CD1 . ILE A 1 55 ? -7.661  3.578   7.897   1.00 18.16 ? 55   ILE A CD1 1 
ATOM   456  N  N   . ASP A 1 56 ? -13.438 2.779   9.654   1.00 14.59 ? 56   ASP A N   1 
ATOM   457  C  CA  . ASP A 1 56 ? -14.469 1.763   9.814   1.00 14.76 ? 56   ASP A CA  1 
ATOM   458  C  C   . ASP A 1 56 ? -14.529 0.952   8.532   1.00 15.61 ? 56   ASP A C   1 
ATOM   459  O  O   . ASP A 1 56 ? -13.851 1.284   7.561   1.00 12.57 ? 56   ASP A O   1 
ATOM   460  C  CB  . ASP A 1 56 ? -15.845 2.369   10.161  1.00 15.88 ? 56   ASP A CB  1 
ATOM   461  C  CG  . ASP A 1 56 ? -16.354 3.341   9.122   1.00 17.52 ? 56   ASP A CG  1 
ATOM   462  O  OD1 . ASP A 1 56 ? -15.938 3.264   7.953   1.00 17.16 ? 56   ASP A OD1 1 
ATOM   463  O  OD2 . ASP A 1 56 ? -17.206 4.183   9.481   1.00 23.29 ? 56   ASP A OD2 1 
ATOM   464  N  N   . PHE A 1 57 ? -15.323 -0.112  8.520   1.00 15.19 ? 57   PHE A N   1 
ATOM   465  C  CA  . PHE A 1 57 ? -15.391 -0.966  7.339   1.00 16.49 ? 57   PHE A CA  1 
ATOM   466  C  C   . PHE A 1 57 ? -15.857 -0.208  6.099   1.00 15.64 ? 57   PHE A C   1 
ATOM   467  O  O   . PHE A 1 57 ? -15.331 -0.416  5.002   1.00 13.99 ? 57   PHE A O   1 
ATOM   468  C  CB  . PHE A 1 57 ? -16.289 -2.185  7.614   1.00 20.62 ? 57   PHE A CB  1 
ATOM   469  C  CG  . PHE A 1 57 ? -16.132 -3.296  6.603   1.00 22.09 ? 57   PHE A CG  1 
ATOM   470  C  CD1 . PHE A 1 57 ? -14.894 -3.562  6.027   1.00 24.58 ? 57   PHE A CD1 1 
ATOM   471  C  CD2 . PHE A 1 57 ? -17.222 -4.069  6.227   1.00 25.88 ? 57   PHE A CD2 1 
ATOM   472  C  CE1 . PHE A 1 57 ? -14.744 -4.579  5.083   1.00 25.18 ? 57   PHE A CE1 1 
ATOM   473  C  CE2 . PHE A 1 57 ? -17.085 -5.089  5.286   1.00 27.15 ? 57   PHE A CE2 1 
ATOM   474  C  CZ  . PHE A 1 57 ? -15.843 -5.345  4.714   1.00 24.73 ? 57   PHE A CZ  1 
ATOM   475  N  N   . ASN A 1 58 ? -16.823 0.684   6.271   1.00 15.81 ? 58   ASN A N   1 
ATOM   476  C  CA  . ASN A 1 58 ? -17.339 1.467   5.150   1.00 16.78 ? 58   ASN A CA  1 
ATOM   477  C  C   . ASN A 1 58 ? -16.206 2.237   4.461   1.00 15.79 ? 58   ASN A C   1 
ATOM   478  O  O   . ASN A 1 58 ? -16.100 2.249   3.231   1.00 13.99 ? 58   ASN A O   1 
ATOM   479  C  CB  . ASN A 1 58 ? -18.402 2.446   5.656   1.00 21.74 ? 58   ASN A CB  1 
ATOM   480  C  CG  . ASN A 1 58 ? -19.224 3.051   4.539   1.00 27.15 ? 58   ASN A CG  1 
ATOM   481  O  OD1 . ASN A 1 58 ? -20.110 3.872   4.787   1.00 34.64 ? 58   ASN A OD1 1 
ATOM   482  N  ND2 . ASN A 1 58 ? -18.943 2.652   3.306   1.00 29.90 ? 58   ASN A ND2 1 
ATOM   483  N  N   . GLU A 1 59 ? -15.362 2.877   5.265   1.00 14.66 ? 59   GLU A N   1 
ATOM   484  C  CA  . GLU A 1 59 ? -14.235 3.646   4.744   1.00 13.44 ? 59   GLU A CA  1 
ATOM   485  C  C   . GLU A 1 59 ? -13.203 2.718   4.119   1.00 14.26 ? 59   GLU A C   1 
ATOM   486  O  O   . GLU A 1 59 ? -12.602 3.042   3.091   1.00 12.90 ? 59   GLU A O   1 
ATOM   487  C  CB  . GLU A 1 59 ? -13.608 4.473   5.874   1.00 15.49 ? 59   GLU A CB  1 
ATOM   488  C  CG  . GLU A 1 59 ? -14.606 5.444   6.502   1.00 17.75 ? 59   GLU A CG  1 
ATOM   489  C  CD  . GLU A 1 59 ? -14.085 6.119   7.752   1.00 16.54 ? 59   GLU A CD  1 
ATOM   490  O  OE1 . GLU A 1 59 ? -13.341 5.474   8.519   1.00 16.30 ? 59   GLU A OE1 1 
ATOM   491  O  OE2 . GLU A 1 59 ? -14.439 7.294   7.983   1.00 21.06 ? 59   GLU A OE2 1 
ATOM   492  N  N   . PHE A 1 60 ? -13.008 1.561   4.743   1.00 10.67 ? 60   PHE A N   1 
ATOM   493  C  CA  . PHE A 1 60 ? -12.066 0.565   4.247   1.00 11.59 ? 60   PHE A CA  1 
ATOM   494  C  C   . PHE A 1 60 ? -12.539 0.057   2.884   1.00 10.93 ? 60   PHE A C   1 
ATOM   495  O  O   . PHE A 1 60 ? -11.755 -0.055  1.943   1.00 11.74 ? 60   PHE A O   1 
ATOM   496  C  CB  . PHE A 1 60 ? -11.984 -0.602  5.230   1.00 13.10 ? 60   PHE A CB  1 
ATOM   497  C  CG  . PHE A 1 60 ? -11.063 -1.699  4.790   1.00 17.51 ? 60   PHE A CG  1 
ATOM   498  C  CD1 . PHE A 1 60 ? -9.686  -1.560  4.916   1.00 20.45 ? 60   PHE A CD1 1 
ATOM   499  C  CD2 . PHE A 1 60 ? -11.573 -2.869  4.242   1.00 19.47 ? 60   PHE A CD2 1 
ATOM   500  C  CE1 . PHE A 1 60 ? -8.828  -2.576  4.499   1.00 23.52 ? 60   PHE A CE1 1 
ATOM   501  C  CE2 . PHE A 1 60 ? -10.725 -3.889  3.824   1.00 20.78 ? 60   PHE A CE2 1 
ATOM   502  C  CZ  . PHE A 1 60 ? -9.351  -3.741  3.954   1.00 22.28 ? 60   PHE A CZ  1 
ATOM   503  N  N   . ILE A 1 61 ? -13.830 -0.245  2.792   1.00 12.21 ? 61   ILE A N   1 
ATOM   504  C  CA  . ILE A 1 61 ? -14.436 -0.728  1.552   1.00 14.35 ? 61   ILE A CA  1 
ATOM   505  C  C   . ILE A 1 61 ? -14.280 0.280   0.415   1.00 13.75 ? 61   ILE A C   1 
ATOM   506  O  O   . ILE A 1 61 ? -13.955 -0.091  -0.718  1.00 13.12 ? 61   ILE A O   1 
ATOM   507  C  CB  . ILE A 1 61 ? -15.942 -1.014  1.760   1.00 16.72 ? 61   ILE A CB  1 
ATOM   508  C  CG1 . ILE A 1 61 ? -16.110 -2.259  2.630   1.00 20.41 ? 61   ILE A CG1 1 
ATOM   509  C  CG2 . ILE A 1 61 ? -16.643 -1.179  0.417   1.00 22.19 ? 61   ILE A CG2 1 
ATOM   510  C  CD1 . ILE A 1 61 ? -17.550 -2.588  2.955   1.00 21.21 ? 61   ILE A CD1 1 
ATOM   511  N  N   A SER A 1 62 ? -14.520 1.552   0.711   0.50 13.57 ? 62   SER A N   1 
ATOM   512  N  N   B SER A 1 62 ? -14.510 1.551   0.728   0.50 13.92 ? 62   SER A N   1 
ATOM   513  C  CA  A SER A 1 62 ? -14.394 2.593   -0.301  0.50 13.40 ? 62   SER A CA  1 
ATOM   514  C  CA  B SER A 1 62 ? -14.390 2.623   -0.255  0.50 14.12 ? 62   SER A CA  1 
ATOM   515  C  C   A SER A 1 62 ? -12.969 2.620   -0.844  0.50 12.96 ? 62   SER A C   1 
ATOM   516  C  C   B SER A 1 62 ? -12.979 2.636   -0.829  0.50 13.38 ? 62   SER A C   1 
ATOM   517  O  O   A SER A 1 62 ? -12.757 2.734   -2.053  0.50 12.56 ? 62   SER A O   1 
ATOM   518  O  O   B SER A 1 62 ? -12.788 2.753   -2.042  0.50 13.03 ? 62   SER A O   1 
ATOM   519  C  CB  A SER A 1 62 ? -14.759 3.958   0.288   0.50 13.58 ? 62   SER A CB  1 
ATOM   520  C  CB  B SER A 1 62 ? -14.695 3.975   0.402   0.50 14.94 ? 62   SER A CB  1 
ATOM   521  O  OG  A SER A 1 62 ? -16.130 4.010   0.644   0.50 13.80 ? 62   SER A OG  1 
ATOM   522  O  OG  B SER A 1 62 ? -14.595 5.038   -0.526  0.50 17.20 ? 62   SER A OG  1 
ATOM   523  N  N   . PHE A 1 63 ? -11.992 2.509   0.052   1.00 11.76 ? 63   PHE A N   1 
ATOM   524  C  CA  . PHE A 1 63 ? -10.599 2.505   -0.370  1.00 11.89 ? 63   PHE A CA  1 
ATOM   525  C  C   . PHE A 1 63 ? -10.328 1.288   -1.257  1.00 11.32 ? 63   PHE A C   1 
ATOM   526  O  O   . PHE A 1 63 ? -9.700  1.411   -2.306  1.00 13.26 ? 63   PHE A O   1 
ATOM   527  C  CB  . PHE A 1 63 ? -9.667  2.501   0.846   1.00 10.73 ? 63   PHE A CB  1 
ATOM   528  C  CG  . PHE A 1 63 ? -8.213  2.375   0.492   1.00 11.67 ? 63   PHE A CG  1 
ATOM   529  C  CD1 . PHE A 1 63 ? -7.627  1.122   0.334   1.00 13.69 ? 63   PHE A CD1 1 
ATOM   530  C  CD2 . PHE A 1 63 ? -7.439  3.506   0.283   1.00 12.60 ? 63   PHE A CD2 1 
ATOM   531  C  CE1 . PHE A 1 63 ? -6.280  1.004   -0.027  1.00 17.93 ? 63   PHE A CE1 1 
ATOM   532  C  CE2 . PHE A 1 63 ? -6.091  3.398   -0.080  1.00 13.80 ? 63   PHE A CE2 1 
ATOM   533  C  CZ  . PHE A 1 63 ? -5.516  2.147   -0.234  1.00 13.18 ? 63   PHE A CZ  1 
ATOM   534  N  N   . CYS A 1 64 ? -10.810 0.118   -0.845  1.00 11.50 ? 64   CYS A N   1 
ATOM   535  C  CA  . CYS A 1 64 ? -10.602 -1.101  -1.625  1.00 12.79 ? 64   CYS A CA  1 
ATOM   536  C  C   . CYS A 1 64 ? -11.199 -0.997  -3.023  1.00 14.00 ? 64   CYS A C   1 
ATOM   537  O  O   . CYS A 1 64 ? -10.567 -1.382  -4.006  1.00 13.56 ? 64   CYS A O   1 
ATOM   538  C  CB  . CYS A 1 64 ? -11.226 -2.315  -0.935  1.00 13.94 ? 64   CYS A CB  1 
ATOM   539  S  SG  . CYS A 1 64 ? -10.433 -2.838  0.602   1.00 19.75 ? 64   CYS A SG  1 
ATOM   540  N  N   . ASN A 1 65 ? -12.424 -0.492  -3.106  1.00 13.44 ? 65   ASN A N   1 
ATOM   541  C  CA  . ASN A 1 65 ? -13.100 -0.376  -4.392  1.00 14.26 ? 65   ASN A CA  1 
ATOM   542  C  C   . ASN A 1 65 ? -12.379 0.531   -5.372  1.00 14.37 ? 65   ASN A C   1 
ATOM   543  O  O   . ASN A 1 65 ? -12.371 0.269   -6.575  1.00 16.61 ? 65   ASN A O   1 
ATOM   544  C  CB  . ASN A 1 65 ? -14.528 0.132   -4.209  1.00 12.67 ? 65   ASN A CB  1 
ATOM   545  C  CG  . ASN A 1 65 ? -15.417 -0.877  -3.515  1.00 14.61 ? 65   ASN A CG  1 
ATOM   546  O  OD1 . ASN A 1 65 ? -15.168 -2.079  -3.569  1.00 16.89 ? 65   ASN A OD1 1 
ATOM   547  N  ND2 . ASN A 1 65 ? -16.471 -0.394  -2.878  1.00 13.80 ? 65   ASN A ND2 1 
ATOM   548  N  N   . ALA A 1 66 ? -11.783 1.595   -4.853  1.00 13.24 ? 66   ALA A N   1 
ATOM   549  C  CA  . ALA A 1 66 ? -11.071 2.555   -5.682  1.00 13.40 ? 66   ALA A CA  1 
ATOM   550  C  C   . ALA A 1 66 ? -9.661  2.102   -6.030  1.00 15.05 ? 66   ALA A C   1 
ATOM   551  O  O   . ALA A 1 66 ? -9.035  2.651   -6.941  1.00 13.74 ? 66   ALA A O   1 
ATOM   552  C  CB  . ALA A 1 66 ? -11.014 3.899   -4.973  1.00 16.49 ? 66   ALA A CB  1 
ATOM   553  N  N   . ASN A 1 67 ? -9.167  1.092   -5.320  1.00 13.24 ? 67   ASN A N   1 
ATOM   554  C  CA  . ASN A 1 67 ? -7.806  0.610   -5.532  1.00 14.71 ? 67   ASN A CA  1 
ATOM   555  C  C   . ASN A 1 67 ? -7.710  -0.909  -5.648  1.00 14.69 ? 67   ASN A C   1 
ATOM   556  O  O   . ASN A 1 67 ? -7.129  -1.582  -4.794  1.00 14.51 ? 67   ASN A O   1 
ATOM   557  C  CB  . ASN A 1 67 ? -6.926  1.112   -4.386  1.00 12.82 ? 67   ASN A CB  1 
ATOM   558  C  CG  . ASN A 1 67 ? -6.897  2.627   -4.303  1.00 13.53 ? 67   ASN A CG  1 
ATOM   559  O  OD1 . ASN A 1 67 ? -6.195  3.286   -5.065  1.00 14.56 ? 67   ASN A OD1 1 
ATOM   560  N  ND2 . ASN A 1 67 ? -7.680  3.187   -3.384  1.00 13.31 ? 67   ASN A ND2 1 
ATOM   561  N  N   . PRO A 1 68 ? -8.275  -1.471  -6.723  1.00 17.77 ? 68   PRO A N   1 
ATOM   562  C  CA  . PRO A 1 68 ? -8.242  -2.920  -6.935  1.00 19.71 ? 68   PRO A CA  1 
ATOM   563  C  C   . PRO A 1 68 ? -6.820  -3.466  -6.998  1.00 19.97 ? 68   PRO A C   1 
ATOM   564  O  O   . PRO A 1 68 ? -6.550  -4.575  -6.540  1.00 20.89 ? 68   PRO A O   1 
ATOM   565  C  CB  . PRO A 1 68 ? -8.995  -3.088  -8.255  1.00 21.48 ? 68   PRO A CB  1 
ATOM   566  C  CG  . PRO A 1 68 ? -8.689  -1.814  -8.977  1.00 21.42 ? 68   PRO A CG  1 
ATOM   567  C  CD  . PRO A 1 68 ? -8.860  -0.784  -7.887  1.00 17.75 ? 68   PRO A CD  1 
ATOM   568  N  N   . GLY A 1 69 ? -5.918  -2.674  -7.564  1.00 20.76 ? 69   GLY A N   1 
ATOM   569  C  CA  . GLY A 1 69 ? -4.536  -3.090  -7.682  1.00 21.76 ? 69   GLY A CA  1 
ATOM   570  C  C   . GLY A 1 69 ? -3.868  -3.209  -6.332  1.00 22.21 ? 69   GLY A C   1 
ATOM   571  O  O   . GLY A 1 69 ? -3.245  -4.226  -6.035  1.00 23.86 ? 69   GLY A O   1 
ATOM   572  N  N   . LEU A 1 70 ? -3.993  -2.178  -5.504  1.00 20.39 ? 70   LEU A N   1 
ATOM   573  C  CA  . LEU A 1 70 ? -3.382  -2.216  -4.183  1.00 22.39 ? 70   LEU A CA  1 
ATOM   574  C  C   . LEU A 1 70 ? -3.929  -3.381  -3.377  1.00 22.25 ? 70   LEU A C   1 
ATOM   575  O  O   . LEU A 1 70 ? -3.184  -4.075  -2.686  1.00 24.22 ? 70   LEU A O   1 
ATOM   576  C  CB  . LEU A 1 70 ? -3.630  -0.907  -3.428  1.00 20.85 ? 70   LEU A CB  1 
ATOM   577  C  CG  . LEU A 1 70 ? -2.900  0.327   -3.960  1.00 23.53 ? 70   LEU A CG  1 
ATOM   578  C  CD1 . LEU A 1 70 ? -3.159  1.505   -3.038  1.00 23.64 ? 70   LEU A CD1 1 
ATOM   579  C  CD2 . LEU A 1 70 ? -1.407  0.043   -4.050  1.00 23.04 ? 70   LEU A CD2 1 
ATOM   580  N  N   A MET A 1 71 ? -5.236  -3.604  -3.460  0.50 22.06 ? 71   MET A N   1 
ATOM   581  N  N   B MET A 1 71 ? -5.238  -3.590  -3.474  0.50 22.40 ? 71   MET A N   1 
ATOM   582  C  CA  A MET A 1 71 ? -5.845  -4.692  -2.712  0.50 23.43 ? 71   MET A CA  1 
ATOM   583  C  CA  B MET A 1 71 ? -5.898  -4.677  -2.762  0.50 23.98 ? 71   MET A CA  1 
ATOM   584  C  C   A MET A 1 71 ? -5.319  -6.049  -3.157  0.50 23.18 ? 71   MET A C   1 
ATOM   585  C  C   B MET A 1 71 ? -5.307  -6.024  -3.157  0.50 23.55 ? 71   MET A C   1 
ATOM   586  O  O   A MET A 1 71 ? -5.216  -6.973  -2.351  0.50 22.96 ? 71   MET A O   1 
ATOM   587  O  O   B MET A 1 71 ? -5.149  -6.912  -2.320  0.50 22.95 ? 71   MET A O   1 
ATOM   588  C  CB  A MET A 1 71 ? -7.367  -4.619  -2.825  0.50 23.45 ? 71   MET A CB  1 
ATOM   589  C  CB  B MET A 1 71 ? -7.400  -4.677  -3.063  0.50 25.04 ? 71   MET A CB  1 
ATOM   590  C  CG  A MET A 1 71 ? -7.934  -3.344  -2.222  0.50 25.45 ? 71   MET A CG  1 
ATOM   591  C  CG  B MET A 1 71 ? -8.102  -5.964  -2.648  0.50 28.06 ? 71   MET A CG  1 
ATOM   592  S  SD  A MET A 1 71 ? -7.325  -3.036  -0.541  0.50 25.20 ? 71   MET A SD  1 
ATOM   593  S  SD  B MET A 1 71 ? -9.887  -5.906  -2.835  0.50 29.67 ? 71   MET A SD  1 
ATOM   594  C  CE  A MET A 1 71 ? -5.864  -2.070  -0.872  0.50 28.59 ? 71   MET A CE  1 
ATOM   595  C  CE  B MET A 1 71 ? -10.390 -6.073  -1.130  0.50 26.92 ? 71   MET A CE  1 
ATOM   596  N  N   . LYS A 1 72 ? -4.982  -6.168  -4.438  1.00 23.51 ? 72   LYS A N   1 
ATOM   597  C  CA  . LYS A 1 72 ? -4.420  -7.415  -4.953  1.00 25.17 ? 72   LYS A CA  1 
ATOM   598  C  C   . LYS A 1 72 ? -3.051  -7.637  -4.319  1.00 24.61 ? 72   LYS A C   1 
ATOM   599  O  O   . LYS A 1 72 ? -2.700  -8.763  -3.966  1.00 25.30 ? 72   LYS A O   1 
ATOM   600  C  CB  . LYS A 1 72 ? -4.279  -7.370  -6.478  1.00 27.43 ? 72   LYS A CB  1 
ATOM   601  C  CG  . LYS A 1 72 ? -5.586  -7.546  -7.233  1.00 30.88 ? 72   LYS A CG  1 
ATOM   602  C  CD  . LYS A 1 72 ? -5.334  -7.736  -8.723  1.00 34.11 ? 72   LYS A CD  1 
ATOM   603  C  CE  . LYS A 1 72 ? -6.633  -7.967  -9.486  1.00 35.59 ? 72   LYS A CE  1 
ATOM   604  N  NZ  . LYS A 1 72 ? -6.390  -8.191  -10.940 1.00 37.81 ? 72   LYS A NZ  1 
ATOM   605  N  N   . ASP A 1 73 ? -2.276  -6.563  -4.181  1.00 25.94 ? 73   ASP A N   1 
ATOM   606  C  CA  . ASP A 1 73 ? -0.957  -6.661  -3.563  1.00 26.94 ? 73   ASP A CA  1 
ATOM   607  C  C   . ASP A 1 73 ? -1.113  -7.040  -2.096  1.00 27.41 ? 73   ASP A C   1 
ATOM   608  O  O   . ASP A 1 73 ? -0.359  -7.857  -1.574  1.00 27.71 ? 73   ASP A O   1 
ATOM   609  C  CB  . ASP A 1 73 ? -0.195  -5.334  -3.644  1.00 28.07 ? 73   ASP A CB  1 
ATOM   610  C  CG  . ASP A 1 73 ? 0.320   -5.032  -5.034  1.00 29.53 ? 73   ASP A CG  1 
ATOM   611  O  OD1 . ASP A 1 73 ? 0.861   -5.951  -5.681  1.00 29.60 ? 73   ASP A OD1 1 
ATOM   612  O  OD2 . ASP A 1 73 ? 0.194   -3.870  -5.475  1.00 31.80 ? 73   ASP A OD2 1 
ATOM   613  N  N   . VAL A 1 74 ? -2.092  -6.431  -1.434  1.00 27.12 ? 74   VAL A N   1 
ATOM   614  C  CA  . VAL A 1 74 ? -2.342  -6.702  -0.023  1.00 28.05 ? 74   VAL A CA  1 
ATOM   615  C  C   . VAL A 1 74 ? -2.746  -8.158  0.184   1.00 26.91 ? 74   VAL A C   1 
ATOM   616  O  O   . VAL A 1 74 ? -2.373  -8.778  1.180   1.00 24.92 ? 74   VAL A O   1 
ATOM   617  C  CB  . VAL A 1 74 ? -3.461  -5.787  0.534   1.00 27.75 ? 74   VAL A CB  1 
ATOM   618  C  CG1 . VAL A 1 74 ? -3.746  -6.131  1.988   1.00 30.44 ? 74   VAL A CG1 1 
ATOM   619  C  CG2 . VAL A 1 74 ? -3.047  -4.328  0.407   1.00 31.17 ? 74   VAL A CG2 1 
ATOM   620  N  N   . ALA A 1 75 ? -3.508  -8.697  -0.761  1.00 27.37 ? 75   ALA A N   1 
ATOM   621  C  CA  . ALA A 1 75 ? -3.962  -10.080 -0.676  1.00 28.84 ? 75   ALA A CA  1 
ATOM   622  C  C   . ALA A 1 75 ? -2.785  -11.045 -0.787  1.00 30.25 ? 75   ALA A C   1 
ATOM   623  O  O   . ALA A 1 75 ? -2.890  -12.207 -0.396  1.00 31.40 ? 75   ALA A O   1 
ATOM   624  C  CB  . ALA A 1 75 ? -4.984  -10.365 -1.773  1.00 28.51 ? 75   ALA A CB  1 
ATOM   625  N  N   . LYS A 1 76 ? -1.666  -10.560 -1.321  1.00 31.98 ? 76   LYS A N   1 
ATOM   626  C  CA  . LYS A 1 76 ? -0.475  -11.390 -1.461  1.00 34.48 ? 76   LYS A CA  1 
ATOM   627  C  C   . LYS A 1 76 ? 0.076   -11.654 -0.064  1.00 36.37 ? 76   LYS A C   1 
ATOM   628  O  O   . LYS A 1 76 ? 0.817   -12.614 0.156   1.00 35.63 ? 76   LYS A O   1 
ATOM   629  C  CB  . LYS A 1 76 ? 0.600   -10.676 -2.293  1.00 34.60 ? 76   LYS A CB  1 
ATOM   630  C  CG  . LYS A 1 76 ? 0.116   -10.073 -3.606  1.00 33.88 ? 76   LYS A CG  1 
ATOM   631  C  CD  . LYS A 1 76 ? -0.516  -11.107 -4.521  1.00 33.02 ? 76   LYS A CD  1 
ATOM   632  C  CE  . LYS A 1 76 ? -0.970  -10.463 -5.825  1.00 34.20 ? 76   LYS A CE  1 
ATOM   633  N  NZ  . LYS A 1 76 ? -1.742  -11.399 -6.684  1.00 34.92 ? 76   LYS A NZ  1 
ATOM   634  N  N   . VAL A 1 77 ? -0.303  -10.790 0.874   1.00 37.87 ? 77   VAL A N   1 
ATOM   635  C  CA  . VAL A 1 77 ? 0.143   -10.879 2.260   1.00 40.28 ? 77   VAL A CA  1 
ATOM   636  C  C   . VAL A 1 77 ? -1.005  -11.254 3.197   1.00 42.57 ? 77   VAL A C   1 
ATOM   637  O  O   . VAL A 1 77 ? -0.896  -12.205 3.971   1.00 42.93 ? 77   VAL A O   1 
ATOM   638  C  CB  . VAL A 1 77 ? 0.740   -9.536  2.726   1.00 40.72 ? 77   VAL A CB  1 
ATOM   639  C  CG1 . VAL A 1 77 ? 1.320   -9.672  4.126   1.00 40.81 ? 77   VAL A CG1 1 
ATOM   640  C  CG2 . VAL A 1 77 ? 1.801   -9.078  1.745   1.00 40.30 ? 77   VAL A CG2 1 
ATOM   641  N  N   . PHE A 1 78 ? -2.098  -10.499 3.131   1.00 43.77 ? 78   PHE A N   1 
ATOM   642  C  CA  . PHE A 1 78 ? -3.257  -10.766 3.977   1.00 45.59 ? 78   PHE A CA  1 
ATOM   643  C  C   . PHE A 1 78 ? -4.288  -11.599 3.225   1.00 47.22 ? 78   PHE A C   1 
ATOM   644  O  O   . PHE A 1 78 ? -5.474  -11.211 3.223   1.00 49.37 ? 78   PHE A O   1 
ATOM   645  C  CB  . PHE A 1 78 ? -3.902  -9.453  4.438   1.00 45.59 ? 78   PHE A CB  1 
ATOM   646  C  CG  . PHE A 1 78 ? -2.978  -8.560  5.215   1.00 45.70 ? 78   PHE A CG  1 
ATOM   647  C  CD1 . PHE A 1 78 ? -1.994  -7.821  4.566   1.00 45.81 ? 78   PHE A CD1 1 
ATOM   648  C  CD2 . PHE A 1 78 ? -3.083  -8.466  6.598   1.00 46.67 ? 78   PHE A CD2 1 
ATOM   649  C  CE1 . PHE A 1 78 ? -1.128  -7.001  5.284   1.00 46.04 ? 78   PHE A CE1 1 
ATOM   650  C  CE2 . PHE A 1 78 ? -2.220  -7.649  7.327   1.00 47.02 ? 78   PHE A CE2 1 
ATOM   651  C  CZ  . PHE A 1 78 ? -1.240  -6.914  6.666   1.00 46.41 ? 78   PHE A CZ  1 
ATOM   652  O  OXT . PHE A 1 78 ? -3.898  -12.638 2.652   1.00 49.86 ? 78   PHE A OXT 1 
ATOM   653  N  N   . ASP B 1 3  ? -15.461 -12.754 -0.577  1.00 30.45 ? 3    ASP B N   1 
ATOM   654  C  CA  . ASP B 1 3  ? -15.523 -12.079 0.750   1.00 27.67 ? 3    ASP B CA  1 
ATOM   655  C  C   . ASP B 1 3  ? -14.108 -11.729 1.206   1.00 27.69 ? 3    ASP B C   1 
ATOM   656  O  O   . ASP B 1 3  ? -13.866 -11.449 2.385   1.00 25.18 ? 3    ASP B O   1 
ATOM   657  C  CB  . ASP B 1 3  ? -16.194 -13.006 1.769   1.00 27.25 ? 3    ASP B CB  1 
ATOM   658  C  CG  . ASP B 1 3  ? -16.976 -12.246 2.813   1.00 27.26 ? 3    ASP B CG  1 
ATOM   659  O  OD1 . ASP B 1 3  ? -17.289 -11.062 2.570   1.00 27.40 ? 3    ASP B OD1 1 
ATOM   660  O  OD2 . ASP B 1 3  ? -17.294 -12.833 3.865   1.00 26.20 ? 3    ASP B OD2 1 
ATOM   661  N  N   . ASP B 1 4  ? -13.179 -11.739 0.255   1.00 26.80 ? 4    ASP B N   1 
ATOM   662  C  CA  . ASP B 1 4  ? -11.783 -11.437 0.540   1.00 25.48 ? 4    ASP B CA  1 
ATOM   663  C  C   . ASP B 1 4  ? -11.581 -10.090 1.224   1.00 22.93 ? 4    ASP B C   1 
ATOM   664  O  O   . ASP B 1 4  ? -10.748 -9.971  2.116   1.00 23.71 ? 4    ASP B O   1 
ATOM   665  C  CB  . ASP B 1 4  ? -10.955 -11.488 -0.746  1.00 29.88 ? 4    ASP B CB  1 
ATOM   666  C  CG  . ASP B 1 4  ? -10.930 -12.872 -1.367  1.00 34.23 ? 4    ASP B CG  1 
ATOM   667  O  OD1 . ASP B 1 4  ? -10.627 -13.842 -0.639  1.00 36.96 ? 4    ASP B OD1 1 
ATOM   668  O  OD2 . ASP B 1 4  ? -11.208 -12.989 -2.578  1.00 36.71 ? 4    ASP B OD2 1 
ATOM   669  N  N   A MET B 1 5  ? -12.332 -9.079  0.796   0.50 21.85 ? 5    MET B N   1 
ATOM   670  N  N   B MET B 1 5  ? -12.348 -9.090  0.805   0.50 21.72 ? 5    MET B N   1 
ATOM   671  C  CA  A MET B 1 5  ? -12.228 -7.745  1.386   0.50 21.21 ? 5    MET B CA  1 
ATOM   672  C  CA  B MET B 1 5  ? -12.245 -7.753  1.376   0.50 20.95 ? 5    MET B CA  1 
ATOM   673  C  C   A MET B 1 5  ? -12.559 -7.771  2.875   0.50 18.75 ? 5    MET B C   1 
ATOM   674  C  C   B MET B 1 5  ? -12.567 -7.762  2.865   0.50 18.60 ? 5    MET B C   1 
ATOM   675  O  O   A MET B 1 5  ? -11.840 -7.194  3.690   0.50 16.29 ? 5    MET B O   1 
ATOM   676  O  O   B MET B 1 5  ? -11.851 -7.165  3.669   0.50 16.19 ? 5    MET B O   1 
ATOM   677  C  CB  A MET B 1 5  ? -13.175 -6.767  0.683   0.50 24.51 ? 5    MET B CB  1 
ATOM   678  C  CB  B MET B 1 5  ? -13.196 -6.798  0.658   0.50 23.91 ? 5    MET B CB  1 
ATOM   679  C  CG  A MET B 1 5  ? -12.613 -6.117  -0.567  0.50 28.82 ? 5    MET B CG  1 
ATOM   680  C  CG  B MET B 1 5  ? -12.999 -5.338  1.042   0.50 27.18 ? 5    MET B CG  1 
ATOM   681  S  SD  A MET B 1 5  ? -13.800 -4.967  -1.293  0.50 33.88 ? 5    MET B SD  1 
ATOM   682  S  SD  B MET B 1 5  ? -14.054 -4.264  0.056   0.50 31.89 ? 5    MET B SD  1 
ATOM   683  C  CE  A MET B 1 5  ? -13.997 -3.790  0.046   0.50 33.99 ? 5    MET B CE  1 
ATOM   684  C  CE  B MET B 1 5  ? -13.484 -4.678  -1.559  0.50 33.11 ? 5    MET B CE  1 
ATOM   685  N  N   . GLU B 1 6  ? -13.653 -8.437  3.223   1.00 15.51 ? 6    GLU B N   1 
ATOM   686  C  CA  . GLU B 1 6  ? -14.068 -8.532  4.618   1.00 14.00 ? 6    GLU B CA  1 
ATOM   687  C  C   . GLU B 1 6  ? -13.019 -9.299  5.423   1.00 11.76 ? 6    GLU B C   1 
ATOM   688  O  O   . GLU B 1 6  ? -12.744 -8.967  6.576   1.00 11.90 ? 6    GLU B O   1 
ATOM   689  C  CB  . GLU B 1 6  ? -15.431 -9.226  4.714   1.00 10.63 ? 6    GLU B CB  1 
ATOM   690  C  CG  . GLU B 1 6  ? -15.984 -9.347  6.130   1.00 11.09 ? 6    GLU B CG  1 
ATOM   691  C  CD  . GLU B 1 6  ? -15.649 -10.683 6.779   1.00 12.54 ? 6    GLU B CD  1 
ATOM   692  O  OE1 . GLU B 1 6  ? -15.062 -11.545 6.097   1.00 16.48 ? 6    GLU B OE1 1 
ATOM   693  O  OE2 . GLU B 1 6  ? -15.987 -10.873 7.966   1.00 11.83 ? 6    GLU B OE2 1 
ATOM   694  N  N   . ARG B 1 7  ? -12.431 -10.318 4.806   1.00 12.96 ? 7    ARG B N   1 
ATOM   695  C  CA  . ARG B 1 7  ? -11.407 -11.115 5.468   1.00 13.90 ? 7    ARG B CA  1 
ATOM   696  C  C   . ARG B 1 7  ? -10.153 -10.277 5.701   1.00 14.70 ? 7    ARG B C   1 
ATOM   697  O  O   . ARG B 1 7  ? -9.503  -10.396 6.737   1.00 14.14 ? 7    ARG B O   1 
ATOM   698  C  CB  . ARG B 1 7  ? -11.047 -12.345 4.632   1.00 16.22 ? 7    ARG B CB  1 
ATOM   699  C  CG  . ARG B 1 7  ? -12.160 -13.372 4.510   1.00 21.01 ? 7    ARG B CG  1 
ATOM   700  C  CD  . ARG B 1 7  ? -11.612 -14.688 3.980   1.00 24.98 ? 7    ARG B CD  1 
ATOM   701  N  NE  . ARG B 1 7  ? -10.748 -15.327 4.968   1.00 31.58 ? 7    ARG B NE  1 
ATOM   702  C  CZ  . ARG B 1 7  ? -10.033 -16.425 4.744   1.00 34.77 ? 7    ARG B CZ  1 
ATOM   703  N  NH1 . ARG B 1 7  ? -10.071 -17.014 3.556   1.00 35.93 ? 7    ARG B NH1 1 
ATOM   704  N  NH2 . ARG B 1 7  ? -9.286  -16.938 5.713   1.00 35.33 ? 7    ARG B NH2 1 
ATOM   705  N  N   . ILE B 1 8  ? -9.801  -9.442  4.728   1.00 14.43 ? 8    ILE B N   1 
ATOM   706  C  CA  . ILE B 1 8  ? -8.625  -8.588  4.883   1.00 13.69 ? 8    ILE B CA  1 
ATOM   707  C  C   . ILE B 1 8  ? -8.903  -7.604  6.016   1.00 12.93 ? 8    ILE B C   1 
ATOM   708  O  O   . ILE B 1 8  ? -8.053  -7.377  6.875   1.00 12.39 ? 8    ILE B O   1 
ATOM   709  C  CB  . ILE B 1 8  ? -8.321  -7.801  3.588   1.00 16.73 ? 8    ILE B CB  1 
ATOM   710  C  CG1 . ILE B 1 8  ? -7.963  -8.773  2.461   1.00 19.36 ? 8    ILE B CG1 1 
ATOM   711  C  CG2 . ILE B 1 8  ? -7.169  -6.829  3.827   1.00 14.47 ? 8    ILE B CG2 1 
ATOM   712  C  CD1 . ILE B 1 8  ? -7.823  -8.116  1.095   1.00 21.23 ? 8    ILE B CD1 1 
ATOM   713  N  N   . PHE B 1 9  ? -10.099 -7.021  6.020   1.00 11.91 ? 9    PHE B N   1 
ATOM   714  C  CA  . PHE B 1 9  ? -10.469 -6.078  7.072   1.00 13.01 ? 9    PHE B CA  1 
ATOM   715  C  C   . PHE B 1 9  ? -10.292 -6.731  8.438   1.00 12.66 ? 9    PHE B C   1 
ATOM   716  O  O   . PHE B 1 9  ? -9.747  -6.127  9.362   1.00 12.45 ? 9    PHE B O   1 
ATOM   717  C  CB  . PHE B 1 9  ? -11.927 -5.643  6.922   1.00 11.17 ? 9    PHE B CB  1 
ATOM   718  C  CG  . PHE B 1 9  ? -12.369 -4.652  7.959   1.00 13.09 ? 9    PHE B CG  1 
ATOM   719  C  CD1 . PHE B 1 9  ? -11.985 -3.320  7.875   1.00 12.37 ? 9    PHE B CD1 1 
ATOM   720  C  CD2 . PHE B 1 9  ? -13.158 -5.055  9.035   1.00 12.62 ? 9    PHE B CD2 1 
ATOM   721  C  CE1 . PHE B 1 9  ? -12.380 -2.396  8.840   1.00 12.36 ? 9    PHE B CE1 1 
ATOM   722  C  CE2 . PHE B 1 9  ? -13.559 -4.141  10.008  1.00 13.02 ? 9    PHE B CE2 1 
ATOM   723  C  CZ  . PHE B 1 9  ? -13.170 -2.812  9.913   1.00 13.98 ? 9    PHE B CZ  1 
ATOM   724  N  N   A LYS B 1 10 ? -10.764 -7.968  8.554   0.50 12.91 ? 10   LYS B N   1 
ATOM   725  N  N   B LYS B 1 10 ? -10.764 -7.967  8.569   0.50 13.01 ? 10   LYS B N   1 
ATOM   726  C  CA  A LYS B 1 10 ? -10.661 -8.721  9.797   0.50 14.17 ? 10   LYS B CA  1 
ATOM   727  C  CA  B LYS B 1 10 ? -10.657 -8.682  9.836   0.50 14.25 ? 10   LYS B CA  1 
ATOM   728  C  C   A LYS B 1 10 ? -9.214  -8.906  10.232  0.50 14.95 ? 10   LYS B C   1 
ATOM   729  C  C   B LYS B 1 10 ? -9.202  -8.883  10.244  0.50 15.06 ? 10   LYS B C   1 
ATOM   730  O  O   A LYS B 1 10 ? -8.919  -8.937  11.427  0.50 16.23 ? 10   LYS B O   1 
ATOM   731  O  O   B LYS B 1 10 ? -8.887  -8.908  11.434  0.50 16.31 ? 10   LYS B O   1 
ATOM   732  C  CB  A LYS B 1 10 ? -11.332 -10.086 9.640   0.50 13.52 ? 10   LYS B CB  1 
ATOM   733  C  CB  B LYS B 1 10 ? -11.366 -10.037 9.752   0.50 13.79 ? 10   LYS B CB  1 
ATOM   734  C  CG  A LYS B 1 10 ? -12.847 -10.025 9.682   0.50 13.65 ? 10   LYS B CG  1 
ATOM   735  C  CG  B LYS B 1 10 ? -12.848 -9.944  9.403   0.50 14.25 ? 10   LYS B CG  1 
ATOM   736  C  CD  A LYS B 1 10 ? -13.318 -9.544  11.041  0.50 15.19 ? 10   LYS B CD  1 
ATOM   737  C  CD  B LYS B 1 10 ? -13.658 -9.190  10.453  0.50 15.61 ? 10   LYS B CD  1 
ATOM   738  C  CE  A LYS B 1 10 ? -14.830 -9.462  11.108  0.50 14.74 ? 10   LYS B CE  1 
ATOM   739  C  CE  B LYS B 1 10 ? -13.753 -9.957  11.765  0.50 16.09 ? 10   LYS B CE  1 
ATOM   740  N  NZ  A LYS B 1 10 ? -15.289 -9.094  12.474  0.50 12.10 ? 10   LYS B NZ  1 
ATOM   741  N  NZ  B LYS B 1 10 ? -14.673 -9.287  12.727  0.50 14.73 ? 10   LYS B NZ  1 
ATOM   742  N  N   . ARG B 1 11 ? -8.314  -9.028  9.262   1.00 15.02 ? 11   ARG B N   1 
ATOM   743  C  CA  . ARG B 1 11 ? -6.892  -9.205  9.559   1.00 17.44 ? 11   ARG B CA  1 
ATOM   744  C  C   . ARG B 1 11 ? -6.328  -7.903  10.142  1.00 17.75 ? 11   ARG B C   1 
ATOM   745  O  O   . ARG B 1 11 ? -5.452  -7.932  11.009  1.00 18.92 ? 11   ARG B O   1 
ATOM   746  C  CB  . ARG B 1 11 ? -6.114  -9.588  8.295   1.00 21.86 ? 11   ARG B CB  1 
ATOM   747  C  CG  . ARG B 1 11 ? -6.358  -11.009 7.795   1.00 25.53 ? 11   ARG B CG  1 
ATOM   748  C  CD  . ARG B 1 11 ? -5.798  -12.051 8.759   1.00 31.30 ? 11   ARG B CD  1 
ATOM   749  N  NE  . ARG B 1 11 ? -4.343  -11.968 8.884   1.00 34.59 ? 11   ARG B NE  1 
ATOM   750  C  CZ  . ARG B 1 11 ? -3.484  -12.310 7.928   1.00 37.20 ? 11   ARG B CZ  1 
ATOM   751  N  NH1 . ARG B 1 11 ? -3.924  -12.767 6.762   1.00 39.30 ? 11   ARG B NH1 1 
ATOM   752  N  NH2 . ARG B 1 11 ? -2.179  -12.191 8.133   1.00 38.16 ? 11   ARG B NH2 1 
ATOM   753  N  N   . PHE B 1 12 ? -6.836  -6.769  9.664   1.00 15.31 ? 12   PHE B N   1 
ATOM   754  C  CA  . PHE B 1 12 ? -6.399  -5.455  10.145  1.00 15.43 ? 12   PHE B CA  1 
ATOM   755  C  C   . PHE B 1 12 ? -7.005  -5.122  11.505  1.00 15.89 ? 12   PHE B C   1 
ATOM   756  O  O   . PHE B 1 12 ? -6.329  -4.595  12.390  1.00 14.77 ? 12   PHE B O   1 
ATOM   757  C  CB  . PHE B 1 12 ? -6.812  -4.346  9.172   1.00 16.32 ? 12   PHE B CB  1 
ATOM   758  C  CG  . PHE B 1 12 ? -5.887  -4.168  8.002   1.00 18.05 ? 12   PHE B CG  1 
ATOM   759  C  CD1 . PHE B 1 12 ? -5.764  -5.153  7.029   1.00 19.84 ? 12   PHE B CD1 1 
ATOM   760  C  CD2 . PHE B 1 12 ? -5.167  -2.985  7.851   1.00 21.77 ? 12   PHE B CD2 1 
ATOM   761  C  CE1 . PHE B 1 12 ? -4.938  -4.963  5.921   1.00 20.72 ? 12   PHE B CE1 1 
ATOM   762  C  CE2 . PHE B 1 12 ? -4.339  -2.786  6.747   1.00 19.88 ? 12   PHE B CE2 1 
ATOM   763  C  CZ  . PHE B 1 12 ? -4.228  -3.777  5.781   1.00 19.82 ? 12   PHE B CZ  1 
ATOM   764  N  N   . ASP B 1 13 ? -8.289  -5.429  11.658  1.00 15.45 ? 13   ASP B N   1 
ATOM   765  C  CA  . ASP B 1 13 ? -9.024  -5.139  12.887  1.00 14.84 ? 13   ASP B CA  1 
ATOM   766  C  C   . ASP B 1 13 ? -8.766  -6.173  13.979  1.00 17.07 ? 13   ASP B C   1 
ATOM   767  O  O   . ASP B 1 13 ? -9.614  -7.015  14.270  1.00 17.39 ? 13   ASP B O   1 
ATOM   768  C  CB  . ASP B 1 13 ? -10.521 -5.047  12.566  1.00 14.06 ? 13   ASP B CB  1 
ATOM   769  C  CG  . ASP B 1 13 ? -11.356 -4.680  13.771  1.00 16.01 ? 13   ASP B CG  1 
ATOM   770  O  OD1 . ASP B 1 13 ? -10.794 -4.128  14.741  1.00 14.41 ? 13   ASP B OD1 1 
ATOM   771  O  OD2 . ASP B 1 13 ? -12.578 -4.930  13.742  1.00 16.41 ? 13   ASP B OD2 1 
ATOM   772  N  N   . THR B 1 14 ? -7.587  -6.063  14.586  1.00 17.04 ? 14   THR B N   1 
ATOM   773  C  CA  . THR B 1 14 ? -7.104  -6.951  15.643  1.00 21.10 ? 14   THR B CA  1 
ATOM   774  C  C   . THR B 1 14 ? -8.086  -7.289  16.762  1.00 20.90 ? 14   THR B C   1 
ATOM   775  O  O   . THR B 1 14 ? -8.272  -8.458  17.091  1.00 20.13 ? 14   THR B O   1 
ATOM   776  C  CB  . THR B 1 14 ? -5.841  -6.365  16.314  1.00 20.09 ? 14   THR B CB  1 
ATOM   777  O  OG1 . THR B 1 14 ? -4.878  -6.027  15.315  1.00 25.42 ? 14   THR B OG1 1 
ATOM   778  C  CG2 . THR B 1 14 ? -5.225  -7.376  17.278  1.00 24.75 ? 14   THR B CG2 1 
ATOM   779  N  N   . ASN B 1 15 ? -8.697  -6.273  17.362  1.00 23.83 ? 15   ASN B N   1 
ATOM   780  C  CA  . ASN B 1 15 ? -9.629  -6.516  18.459  1.00 24.12 ? 15   ASN B CA  1 
ATOM   781  C  C   . ASN B 1 15 ? -11.063 -6.738  17.987  1.00 24.55 ? 15   ASN B C   1 
ATOM   782  O  O   . ASN B 1 15 ? -11.978 -6.893  18.798  1.00 25.86 ? 15   ASN B O   1 
ATOM   783  C  CB  . ASN B 1 15 ? -9.566  -5.365  19.470  1.00 22.12 ? 15   ASN B CB  1 
ATOM   784  C  CG  . ASN B 1 15 ? -10.180 -4.085  18.944  1.00 23.70 ? 15   ASN B CG  1 
ATOM   785  O  OD1 . ASN B 1 15 ? -10.367 -3.921  17.739  1.00 21.38 ? 15   ASN B OD1 1 
ATOM   786  N  ND2 . ASN B 1 15 ? -10.490 -3.161  19.850  1.00 23.93 ? 15   ASN B ND2 1 
ATOM   787  N  N   . GLY B 1 16 ? -11.248 -6.755  16.672  1.00 23.47 ? 16   GLY B N   1 
ATOM   788  C  CA  . GLY B 1 16 ? -12.561 -6.981  16.094  1.00 23.01 ? 16   GLY B CA  1 
ATOM   789  C  C   . GLY B 1 16 ? -13.689 -6.076  16.550  1.00 21.82 ? 16   GLY B C   1 
ATOM   790  O  O   . GLY B 1 16 ? -14.839 -6.518  16.620  1.00 21.24 ? 16   GLY B O   1 
ATOM   791  N  N   . ASP B 1 17 ? -13.387 -4.816  16.851  1.00 21.13 ? 17   ASP B N   1 
ATOM   792  C  CA  . ASP B 1 17 ? -14.428 -3.894  17.291  1.00 20.56 ? 17   ASP B CA  1 
ATOM   793  C  C   . ASP B 1 17 ? -15.070 -3.123  16.132  1.00 20.31 ? 17   ASP B C   1 
ATOM   794  O  O   . ASP B 1 17 ? -15.852 -2.197  16.340  1.00 21.28 ? 17   ASP B O   1 
ATOM   795  C  CB  . ASP B 1 17 ? -13.874 -2.934  18.353  1.00 20.38 ? 17   ASP B CB  1 
ATOM   796  C  CG  . ASP B 1 17 ? -12.871 -1.944  17.797  1.00 22.93 ? 17   ASP B CG  1 
ATOM   797  O  OD1 . ASP B 1 17 ? -12.417 -2.112  16.644  1.00 21.41 ? 17   ASP B OD1 1 
ATOM   798  O  OD2 . ASP B 1 17 ? -12.532 -0.994  18.531  1.00 21.98 ? 17   ASP B OD2 1 
ATOM   799  N  N   . GLY B 1 18 ? -14.741 -3.516  14.905  1.00 20.17 ? 18   GLY B N   1 
ATOM   800  C  CA  . GLY B 1 18 ? -15.336 -2.874  13.744  1.00 18.39 ? 18   GLY B CA  1 
ATOM   801  C  C   . GLY B 1 18 ? -14.629 -1.661  13.181  1.00 18.45 ? 18   GLY B C   1 
ATOM   802  O  O   . GLY B 1 18 ? -15.088 -1.062  12.208  1.00 20.35 ? 18   GLY B O   1 
ATOM   803  N  N   A LYS B 1 19 ? -13.511 -1.282  13.789  0.50 18.51 ? 19   LYS B N   1 
ATOM   804  N  N   B LYS B 1 19 ? -13.510 -1.289  13.788  0.50 18.70 ? 19   LYS B N   1 
ATOM   805  C  CA  A LYS B 1 19 ? -12.759 -0.134  13.306  0.50 19.19 ? 19   LYS B CA  1 
ATOM   806  C  CA  B LYS B 1 19 ? -12.751 -0.137  13.321  0.50 19.53 ? 19   LYS B CA  1 
ATOM   807  C  C   A LYS B 1 19 ? -11.262 -0.385  13.382  0.50 17.96 ? 19   LYS B C   1 
ATOM   808  C  C   B LYS B 1 19 ? -11.258 -0.399  13.378  0.50 18.12 ? 19   LYS B C   1 
ATOM   809  O  O   A LYS B 1 19 ? -10.782 -1.067  14.285  0.50 16.65 ? 19   LYS B O   1 
ATOM   810  O  O   B LYS B 1 19 ? -10.773 -1.104  14.262  0.50 16.63 ? 19   LYS B O   1 
ATOM   811  C  CB  A LYS B 1 19 ? -13.131 1.126   14.096  0.50 21.87 ? 19   LYS B CB  1 
ATOM   812  C  CB  B LYS B 1 19 ? -13.099 1.097   14.156  0.50 22.61 ? 19   LYS B CB  1 
ATOM   813  C  CG  A LYS B 1 19 ? -13.051 0.992   15.605  0.50 23.68 ? 19   LYS B CG  1 
ATOM   814  C  CG  B LYS B 1 19 ? -14.484 1.642   13.863  0.50 25.79 ? 19   LYS B CG  1 
ATOM   815  C  CD  A LYS B 1 19 ? -13.529 2.276   16.275  0.50 26.47 ? 19   LYS B CD  1 
ATOM   816  C  CD  B LYS B 1 19 ? -14.862 2.776   14.793  0.50 28.63 ? 19   LYS B CD  1 
ATOM   817  C  CE  A LYS B 1 19 ? -13.521 2.165   17.790  0.50 26.52 ? 19   LYS B CE  1 
ATOM   818  C  CE  B LYS B 1 19 ? -16.164 3.412   14.345  0.50 29.39 ? 19   LYS B CE  1 
ATOM   819  N  NZ  A LYS B 1 19 ? -14.445 1.108   18.280  0.50 29.51 ? 19   LYS B NZ  1 
ATOM   820  N  NZ  B LYS B 1 19 ? -17.255 2.408   14.239  0.50 30.59 ? 19   LYS B NZ  1 
ATOM   821  N  N   . ILE B 1 20 ? -10.534 0.160   12.414  1.00 16.17 ? 20   ILE B N   1 
ATOM   822  C  CA  . ILE B 1 20 ? -9.093  0.000   12.356  1.00 14.54 ? 20   ILE B CA  1 
ATOM   823  C  C   . ILE B 1 20 ? -8.461  1.239   12.982  1.00 15.03 ? 20   ILE B C   1 
ATOM   824  O  O   . ILE B 1 20 ? -8.643  2.359   12.496  1.00 13.48 ? 20   ILE B O   1 
ATOM   825  C  CB  . ILE B 1 20 ? -8.602  -0.148  10.908  1.00 13.21 ? 20   ILE B CB  1 
ATOM   826  C  CG1 . ILE B 1 20 ? -9.237  -1.392  10.271  1.00 15.15 ? 20   ILE B CG1 1 
ATOM   827  C  CG2 . ILE B 1 20 ? -7.081  -0.253  10.889  1.00 13.57 ? 20   ILE B CG2 1 
ATOM   828  C  CD1 . ILE B 1 20 ? -8.931  -1.561  8.790   1.00 14.94 ? 20   ILE B CD1 1 
ATOM   829  N  N   . SER B 1 21 ? -7.724  1.019   14.064  1.00 12.92 ? 21   SER B N   1 
ATOM   830  C  CA  . SER B 1 21 ? -7.070  2.094   14.790  1.00 12.71 ? 21   SER B CA  1 
ATOM   831  C  C   . SER B 1 21 ? -5.688  2.390   14.226  1.00 11.30 ? 21   SER B C   1 
ATOM   832  O  O   . SER B 1 21 ? -5.214  1.706   13.315  1.00 11.28 ? 21   SER B O   1 
ATOM   833  C  CB  . SER B 1 21 ? -6.935  1.714   16.259  1.00 14.39 ? 21   SER B CB  1 
ATOM   834  O  OG  . SER B 1 21 ? -6.056  0.616   16.395  1.00 12.19 ? 21   SER B OG  1 
ATOM   835  N  N   . LEU B 1 22 ? -5.043  3.407   14.788  1.00 9.93  ? 22   LEU B N   1 
ATOM   836  C  CA  . LEU B 1 22 ? -3.710  3.803   14.353  1.00 12.00 ? 22   LEU B CA  1 
ATOM   837  C  C   . LEU B 1 22 ? -2.714  2.689   14.637  1.00 12.83 ? 22   LEU B C   1 
ATOM   838  O  O   . LEU B 1 22 ? -1.880  2.353   13.791  1.00 10.91 ? 22   LEU B O   1 
ATOM   839  C  CB  . LEU B 1 22 ? -3.276  5.086   15.071  1.00 12.44 ? 22   LEU B CB  1 
ATOM   840  C  CG  . LEU B 1 22 ? -1.867  5.557   14.710  1.00 14.09 ? 22   LEU B CG  1 
ATOM   841  C  CD1 . LEU B 1 22 ? -1.779  5.829   13.213  1.00 12.40 ? 22   LEU B CD1 1 
ATOM   842  C  CD2 . LEU B 1 22 ? -1.533  6.807   15.516  1.00 13.55 ? 22   LEU B CD2 1 
ATOM   843  N  N   A SER B 1 23 ? -2.796  2.120   15.837  0.50 12.30 ? 23   SER B N   1 
ATOM   844  N  N   B SER B 1 23 ? -2.796  2.113   15.832  0.50 13.13 ? 23   SER B N   1 
ATOM   845  C  CA  A SER B 1 23 ? -1.896  1.037   16.214  0.50 11.91 ? 23   SER B CA  1 
ATOM   846  C  CA  B SER B 1 23 ? -1.897  1.027   16.195  0.50 13.39 ? 23   SER B CA  1 
ATOM   847  C  C   A SER B 1 23 ? -2.145  -0.195  15.345  0.50 12.14 ? 23   SER B C   1 
ATOM   848  C  C   B SER B 1 23 ? -2.139  -0.171  15.291  0.50 12.93 ? 23   SER B C   1 
ATOM   849  O  O   A SER B 1 23 ? -1.208  -0.896  14.971  0.50 12.18 ? 23   SER B O   1 
ATOM   850  O  O   B SER B 1 23 ? -1.199  -0.824  14.847  0.50 12.53 ? 23   SER B O   1 
ATOM   851  C  CB  A SER B 1 23 ? -2.058  0.696   17.704  0.50 11.15 ? 23   SER B CB  1 
ATOM   852  C  CB  B SER B 1 23 ? -2.116  0.615   17.650  0.50 14.32 ? 23   SER B CB  1 
ATOM   853  O  OG  A SER B 1 23 ? -3.402  0.394   18.044  0.50 9.57  ? 23   SER B OG  1 
ATOM   854  O  OG  B SER B 1 23 ? -1.771  1.658   18.529  0.50 17.26 ? 23   SER B OG  1 
ATOM   855  N  N   . GLU B 1 24 ? -3.408  -0.456  15.019  1.00 13.03 ? 24   GLU B N   1 
ATOM   856  C  CA  . GLU B 1 24 ? -3.747  -1.600  14.173  1.00 11.74 ? 24   GLU B CA  1 
ATOM   857  C  C   . GLU B 1 24 ? -3.257  -1.397  12.744  1.00 12.26 ? 24   GLU B C   1 
ATOM   858  O  O   . GLU B 1 24 ? -2.745  -2.331  12.126  1.00 13.84 ? 24   GLU B O   1 
ATOM   859  C  CB  . GLU B 1 24 ? -5.258  -1.853  14.176  1.00 11.95 ? 24   GLU B CB  1 
ATOM   860  C  CG  . GLU B 1 24 ? -5.790  -2.315  15.535  1.00 13.21 ? 24   GLU B CG  1 
ATOM   861  C  CD  . GLU B 1 24 ? -7.290  -2.493  15.547  1.00 13.81 ? 24   GLU B CD  1 
ATOM   862  O  OE1 . GLU B 1 24 ? -7.986  -1.721  14.861  1.00 13.33 ? 24   GLU B OE1 1 
ATOM   863  O  OE2 . GLU B 1 24 ? -7.779  -3.395  16.257  1.00 16.14 ? 24   GLU B OE2 1 
ATOM   864  N  N   . LEU B 1 25 ? -3.398  -0.183  12.215  1.00 13.32 ? 25   LEU B N   1 
ATOM   865  C  CA  . LEU B 1 25 ? -2.945  0.091   10.855  1.00 14.14 ? 25   LEU B CA  1 
ATOM   866  C  C   . LEU B 1 25 ? -1.427  -0.018  10.787  1.00 14.56 ? 25   LEU B C   1 
ATOM   867  O  O   . LEU B 1 25 ? -0.878  -0.639  9.877   1.00 14.79 ? 25   LEU B O   1 
ATOM   868  C  CB  . LEU B 1 25 ? -3.382  1.491   10.400  1.00 13.16 ? 25   LEU B CB  1 
ATOM   869  C  CG  . LEU B 1 25 ? -2.842  1.953   9.034   1.00 15.89 ? 25   LEU B CG  1 
ATOM   870  C  CD1 . LEU B 1 25 ? -3.289  0.990   7.934   1.00 15.24 ? 25   LEU B CD1 1 
ATOM   871  C  CD2 . LEU B 1 25 ? -3.342  3.365   8.740   1.00 15.44 ? 25   LEU B CD2 1 
ATOM   872  N  N   . THR B 1 26 ? -0.755  0.587   11.760  1.00 14.87 ? 26   THR B N   1 
ATOM   873  C  CA  . THR B 1 26 ? 0.697   0.559   11.822  1.00 14.90 ? 26   THR B CA  1 
ATOM   874  C  C   . THR B 1 26 ? 1.192   -0.880  11.900  1.00 15.98 ? 26   THR B C   1 
ATOM   875  O  O   . THR B 1 26 ? 2.127   -1.264  11.192  1.00 15.58 ? 26   THR B O   1 
ATOM   876  C  CB  . THR B 1 26 ? 1.210   1.334   13.053  1.00 15.86 ? 26   THR B CB  1 
ATOM   877  O  OG1 . THR B 1 26 ? 0.709   2.676   13.012  1.00 16.25 ? 26   THR B OG1 1 
ATOM   878  C  CG2 . THR B 1 26 ? 2.729   1.372   13.064  1.00 18.13 ? 26   THR B CG2 1 
ATOM   879  N  N   . ASP B 1 27 ? 0.564   -1.677  12.761  1.00 15.04 ? 27   ASP B N   1 
ATOM   880  C  CA  . ASP B 1 27 ? 0.958   -3.071  12.911  1.00 16.90 ? 27   ASP B CA  1 
ATOM   881  C  C   . ASP B 1 27 ? 0.737   -3.863  11.629  1.00 17.51 ? 27   ASP B C   1 
ATOM   882  O  O   . ASP B 1 27 ? 1.526   -4.750  11.307  1.00 19.02 ? 27   ASP B O   1 
ATOM   883  C  CB  . ASP B 1 27 ? 0.202   -3.722  14.076  1.00 18.62 ? 27   ASP B CB  1 
ATOM   884  C  CG  . ASP B 1 27 ? 0.544   -3.087  15.413  1.00 20.56 ? 27   ASP B CG  1 
ATOM   885  O  OD1 . ASP B 1 27 ? 1.608   -2.441  15.496  1.00 22.06 ? 27   ASP B OD1 1 
ATOM   886  O  OD2 . ASP B 1 27 ? -0.237  -3.238  16.380  1.00 22.16 ? 27   ASP B OD2 1 
ATOM   887  N  N   . ALA B 1 28 ? -0.324  -3.541  10.891  1.00 17.70 ? 28   ALA B N   1 
ATOM   888  C  CA  . ALA B 1 28 ? -0.599  -4.241  9.642   1.00 18.32 ? 28   ALA B CA  1 
ATOM   889  C  C   . ALA B 1 28 ? 0.460   -3.878  8.600   1.00 18.78 ? 28   ALA B C   1 
ATOM   890  O  O   . ALA B 1 28 ? 0.902   -4.732  7.836   1.00 19.54 ? 28   ALA B O   1 
ATOM   891  C  CB  . ALA B 1 28 ? -1.997  -3.889  9.128   1.00 19.35 ? 28   ALA B CB  1 
ATOM   892  N  N   . LEU B 1 29 ? 0.867   -2.611  8.572   1.00 18.48 ? 29   LEU B N   1 
ATOM   893  C  CA  . LEU B 1 29 ? 1.889   -2.165  7.631   1.00 17.87 ? 29   LEU B CA  1 
ATOM   894  C  C   . LEU B 1 29 ? 3.216   -2.849  7.932   1.00 18.62 ? 29   LEU B C   1 
ATOM   895  O  O   . LEU B 1 29 ? 3.975   -3.179  7.019   1.00 17.40 ? 29   LEU B O   1 
ATOM   896  C  CB  . LEU B 1 29 ? 2.064   -0.645  7.709   1.00 19.35 ? 29   LEU B CB  1 
ATOM   897  C  CG  . LEU B 1 29 ? 0.921   0.175   7.111   1.00 19.83 ? 29   LEU B CG  1 
ATOM   898  C  CD1 . LEU B 1 29 ? 1.135   1.650   7.411   1.00 21.42 ? 29   LEU B CD1 1 
ATOM   899  C  CD2 . LEU B 1 29 ? 0.851   -0.070  5.605   1.00 22.68 ? 29   LEU B CD2 1 
ATOM   900  N  N   . ARG B 1 30 ? 3.487   -3.060  9.218   1.00 18.89 ? 30   ARG B N   1 
ATOM   901  C  CA  . ARG B 1 30 ? 4.712   -3.724  9.655   1.00 21.92 ? 30   ARG B CA  1 
ATOM   902  C  C   . ARG B 1 30 ? 4.802   -5.108  9.010   1.00 22.01 ? 30   ARG B C   1 
ATOM   903  O  O   . ARG B 1 30 ? 5.885   -5.572  8.657   1.00 23.65 ? 30   ARG B O   1 
ATOM   904  C  CB  . ARG B 1 30 ? 4.717   -3.871  11.179  1.00 24.30 ? 30   ARG B CB  1 
ATOM   905  C  CG  . ARG B 1 30 ? 4.820   -2.563  11.948  1.00 28.01 ? 30   ARG B CG  1 
ATOM   906  C  CD  . ARG B 1 30 ? 6.266   -2.144  12.146  1.00 32.61 ? 30   ARG B CD  1 
ATOM   907  N  NE  . ARG B 1 30 ? 6.376   -0.866  12.846  1.00 34.01 ? 30   ARG B NE  1 
ATOM   908  C  CZ  . ARG B 1 30 ? 6.106   0.313   12.295  1.00 36.02 ? 30   ARG B CZ  1 
ATOM   909  N  NH1 . ARG B 1 30 ? 5.713   0.383   11.029  1.00 35.75 ? 30   ARG B NH1 1 
ATOM   910  N  NH2 . ARG B 1 30 ? 6.229   1.425   13.008  1.00 37.04 ? 30   ARG B NH2 1 
ATOM   911  N  N   . THR B 1 31 ? 3.654   -5.761  8.860   1.00 20.21 ? 31   THR B N   1 
ATOM   912  C  CA  . THR B 1 31 ? 3.602   -7.092  8.258   1.00 23.27 ? 31   THR B CA  1 
ATOM   913  C  C   . THR B 1 31 ? 3.895   -7.019  6.763   1.00 25.83 ? 31   THR B C   1 
ATOM   914  O  O   . THR B 1 31 ? 4.622   -7.853  6.218   1.00 24.70 ? 31   THR B O   1 
ATOM   915  C  CB  . THR B 1 31 ? 2.217   -7.740  8.458   1.00 23.34 ? 31   THR B CB  1 
ATOM   916  O  OG1 . THR B 1 31 ? 1.964   -7.912  9.858   1.00 21.90 ? 31   THR B OG1 1 
ATOM   917  C  CG2 . THR B 1 31 ? 2.156   -9.095  7.757   1.00 25.56 ? 31   THR B CG2 1 
ATOM   918  N  N   . LEU B 1 32 ? 3.323   -6.013  6.109   1.00 27.73 ? 32   LEU B N   1 
ATOM   919  C  CA  . LEU B 1 32 ? 3.512   -5.810  4.678   1.00 30.36 ? 32   LEU B CA  1 
ATOM   920  C  C   . LEU B 1 32 ? 4.976   -5.578  4.333   1.00 31.13 ? 32   LEU B C   1 
ATOM   921  O  O   . LEU B 1 32 ? 5.413   -5.869  3.219   1.00 33.61 ? 32   LEU B O   1 
ATOM   922  C  CB  . LEU B 1 32 ? 2.679   -4.616  4.204   1.00 31.96 ? 32   LEU B CB  1 
ATOM   923  C  CG  . LEU B 1 32 ? 1.176   -4.870  4.072   1.00 33.30 ? 32   LEU B CG  1 
ATOM   924  C  CD1 . LEU B 1 32 ? 0.427   -3.553  3.950   1.00 34.56 ? 32   LEU B CD1 1 
ATOM   925  C  CD2 . LEU B 1 32 ? 0.924   -5.750  2.857   1.00 33.43 ? 32   LEU B CD2 1 
ATOM   926  N  N   . GLY B 1 33 ? 5.731   -5.055  5.291   1.00 30.58 ? 33   GLY B N   1 
ATOM   927  C  CA  . GLY B 1 33 ? 7.137   -4.792  5.054   1.00 32.81 ? 33   GLY B CA  1 
ATOM   928  C  C   . GLY B 1 33 ? 8.045   -5.959  5.392   1.00 32.87 ? 33   GLY B C   1 
ATOM   929  O  O   . GLY B 1 33 ? 9.265   -5.856  5.260   1.00 35.67 ? 33   GLY B O   1 
ATOM   930  N  N   . SER B 1 34 ? 7.455   -7.067  5.828   1.00 32.37 ? 34   SER B N   1 
ATOM   931  C  CA  . SER B 1 34 ? 8.218   -8.262  6.193   1.00 30.40 ? 34   SER B CA  1 
ATOM   932  C  C   . SER B 1 34 ? 7.877   -9.404  5.236   1.00 28.51 ? 34   SER B C   1 
ATOM   933  O  O   . SER B 1 34 ? 7.940   -10.579 5.597   1.00 27.55 ? 34   SER B O   1 
ATOM   934  C  CB  . SER B 1 34 ? 7.873   -8.686  7.620   1.00 31.40 ? 34   SER B CB  1 
ATOM   935  O  OG  . SER B 1 34 ? 7.975   -7.593  8.515   1.00 34.29 ? 34   SER B OG  1 
ATOM   936  N  N   . THR B 1 35 ? 7.518   -9.042  4.013   1.00 25.56 ? 35   THR B N   1 
ATOM   937  C  CA  . THR B 1 35 ? 7.139   -10.017 3.001   1.00 25.06 ? 35   THR B CA  1 
ATOM   938  C  C   . THR B 1 35 ? 8.287   -10.875 2.488   1.00 22.45 ? 35   THR B C   1 
ATOM   939  O  O   . THR B 1 35 ? 9.446   -10.455 2.481   1.00 23.90 ? 35   THR B O   1 
ATOM   940  C  CB  . THR B 1 35 ? 6.485   -9.323  1.802   1.00 27.05 ? 35   THR B CB  1 
ATOM   941  O  OG1 . THR B 1 35 ? 7.326   -8.252  1.360   1.00 29.95 ? 35   THR B OG1 1 
ATOM   942  C  CG2 . THR B 1 35 ? 5.119   -8.772  2.193   1.00 30.67 ? 35   THR B CG2 1 
ATOM   943  N  N   . SER B 1 36 ? 7.941   -12.081 2.054   1.00 19.19 ? 36   SER B N   1 
ATOM   944  C  CA  . SER B 1 36 ? 8.908   -13.036 1.521   1.00 16.28 ? 36   SER B CA  1 
ATOM   945  C  C   . SER B 1 36 ? 9.251   -12.654 0.094   1.00 14.70 ? 36   SER B C   1 
ATOM   946  O  O   . SER B 1 36 ? 8.508   -11.917 -0.550  1.00 15.66 ? 36   SER B O   1 
ATOM   947  C  CB  . SER B 1 36 ? 8.310   -14.438 1.513   1.00 14.89 ? 36   SER B CB  1 
ATOM   948  O  OG  . SER B 1 36 ? 7.211   -14.502 0.619   1.00 17.05 ? 36   SER B OG  1 
ATOM   949  N  N   . ALA B 1 37 ? 10.369  -13.175 -0.405  1.00 13.47 ? 37   ALA B N   1 
ATOM   950  C  CA  . ALA B 1 37 ? 10.799  -12.889 -1.766  1.00 12.84 ? 37   ALA B CA  1 
ATOM   951  C  C   . ALA B 1 37 ? 9.709   -13.233 -2.776  1.00 12.92 ? 37   ALA B C   1 
ATOM   952  O  O   . ALA B 1 37 ? 9.469   -12.476 -3.717  1.00 13.51 ? 37   ALA B O   1 
ATOM   953  C  CB  . ALA B 1 37 ? 12.074  -13.663 -2.088  1.00 14.24 ? 37   ALA B CB  1 
ATOM   954  N  N   . ASP B 1 38 ? 9.048   -14.371 -2.593  1.00 12.42 ? 38   ASP B N   1 
ATOM   955  C  CA  . ASP B 1 38 ? 7.993   -14.757 -3.522  1.00 11.63 ? 38   ASP B CA  1 
ATOM   956  C  C   . ASP B 1 38 ? 6.768   -13.846 -3.477  1.00 11.62 ? 38   ASP B C   1 
ATOM   957  O  O   . ASP B 1 38 ? 6.103   -13.652 -4.498  1.00 13.90 ? 38   ASP B O   1 
ATOM   958  C  CB  . ASP B 1 38 ? 7.578   -16.214 -3.299  1.00 10.94 ? 38   ASP B CB  1 
ATOM   959  C  CG  . ASP B 1 38 ? 8.667   -17.193 -3.719  1.00 13.04 ? 38   ASP B CG  1 
ATOM   960  O  OD1 . ASP B 1 38 ? 9.568   -16.786 -4.487  1.00 13.58 ? 38   ASP B OD1 1 
ATOM   961  O  OD2 . ASP B 1 38 ? 8.620   -18.362 -3.294  1.00 13.07 ? 38   ASP B OD2 1 
ATOM   962  N  N   . GLU B 1 39 ? 6.454   -13.294 -2.307  1.00 10.39 ? 39   GLU B N   1 
ATOM   963  C  CA  . GLU B 1 39 ? 5.314   -12.385 -2.208  1.00 11.81 ? 39   GLU B CA  1 
ATOM   964  C  C   . GLU B 1 39 ? 5.660   -11.100 -2.965  1.00 9.71  ? 39   GLU B C   1 
ATOM   965  O  O   . GLU B 1 39 ? 4.793   -10.486 -3.591  1.00 11.20 ? 39   GLU B O   1 
ATOM   966  C  CB  . GLU B 1 39 ? 4.985   -12.071 -0.741  1.00 9.65  ? 39   GLU B CB  1 
ATOM   967  C  CG  . GLU B 1 39 ? 4.444   -13.271 0.036   1.00 15.65 ? 39   GLU B CG  1 
ATOM   968  C  CD  . GLU B 1 39 ? 4.181   -12.966 1.501   1.00 18.46 ? 39   GLU B CD  1 
ATOM   969  O  OE1 . GLU B 1 39 ? 4.977   -12.220 2.106   1.00 17.63 ? 39   GLU B OE1 1 
ATOM   970  O  OE2 . GLU B 1 39 ? 3.183   -13.482 2.051   1.00 21.99 ? 39   GLU B OE2 1 
ATOM   971  N  N   . VAL B 1 40 ? 6.928   -10.700 -2.919  1.00 11.39 ? 40   VAL B N   1 
ATOM   972  C  CA  . VAL B 1 40 ? 7.353   -9.500  -3.632  1.00 9.99  ? 40   VAL B CA  1 
ATOM   973  C  C   . VAL B 1 40 ? 7.273   -9.779  -5.131  1.00 12.56 ? 40   VAL B C   1 
ATOM   974  O  O   . VAL B 1 40 ? 6.869   -8.917  -5.911  1.00 12.49 ? 40   VAL B O   1 
ATOM   975  C  CB  . VAL B 1 40 ? 8.803   -9.091  -3.265  1.00 11.40 ? 40   VAL B CB  1 
ATOM   976  C  CG1 . VAL B 1 40 ? 9.215   -7.861  -4.065  1.00 11.95 ? 40   VAL B CG1 1 
ATOM   977  C  CG2 . VAL B 1 40 ? 8.896   -8.795  -1.769  1.00 11.66 ? 40   VAL B CG2 1 
ATOM   978  N  N   . GLN B 1 41 ? 7.653   -10.989 -5.535  1.00 10.36 ? 41   GLN B N   1 
ATOM   979  C  CA  . GLN B 1 41 ? 7.596   -11.348 -6.947  1.00 10.76 ? 41   GLN B CA  1 
ATOM   980  C  C   . GLN B 1 41 ? 6.162   -11.298 -7.449  1.00 9.22  ? 41   GLN B C   1 
ATOM   981  O  O   . GLN B 1 41 ? 5.902   -10.873 -8.575  1.00 9.86  ? 41   GLN B O   1 
ATOM   982  C  CB  . GLN B 1 41 ? 8.173   -12.746 -7.172  1.00 11.23 ? 41   GLN B CB  1 
ATOM   983  C  CG  . GLN B 1 41 ? 9.687   -12.780 -7.212  1.00 16.93 ? 41   GLN B CG  1 
ATOM   984  C  CD  . GLN B 1 41 ? 10.210  -14.069 -7.818  1.00 22.14 ? 41   GLN B CD  1 
ATOM   985  O  OE1 . GLN B 1 41 ? 10.555  -15.012 -7.109  1.00 28.32 ? 41   GLN B OE1 1 
ATOM   986  N  NE2 . GLN B 1 41 ? 10.244  -14.121 -9.142  1.00 22.63 ? 41   GLN B NE2 1 
ATOM   987  N  N   . ARG B 1 42 ? 5.229   -11.730 -6.608  1.00 9.57  ? 42   ARG B N   1 
ATOM   988  C  CA  . ARG B 1 42 ? 3.818   -11.724 -6.967  1.00 12.22 ? 42   ARG B CA  1 
ATOM   989  C  C   . ARG B 1 42 ? 3.329   -10.293 -7.150  1.00 11.47 ? 42   ARG B C   1 
ATOM   990  O  O   . ARG B 1 42 ? 2.526   -10.011 -8.043  1.00 13.49 ? 42   ARG B O   1 
ATOM   991  C  CB  . ARG B 1 42 ? 3.008   -12.451 -5.889  1.00 13.00 ? 42   ARG B CB  1 
ATOM   992  C  CG  . ARG B 1 42 ? 3.258   -13.954 -5.878  1.00 19.63 ? 42   ARG B CG  1 
ATOM   993  C  CD  . ARG B 1 42 ? 2.853   -14.593 -4.564  1.00 21.59 ? 42   ARG B CD  1 
ATOM   994  N  NE  . ARG B 1 42 ? 1.412   -14.554 -4.339  1.00 26.35 ? 42   ARG B NE  1 
ATOM   995  C  CZ  . ARG B 1 42 ? 0.839   -14.815 -3.169  1.00 28.01 ? 42   ARG B CZ  1 
ATOM   996  N  NH1 . ARG B 1 42 ? 1.589   -15.129 -2.121  1.00 28.99 ? 42   ARG B NH1 1 
ATOM   997  N  NH2 . ARG B 1 42 ? -0.481  -14.768 -3.044  1.00 27.97 ? 42   ARG B NH2 1 
ATOM   998  N  N   . MET B 1 43 ? 3.820   -9.387  -6.310  1.00 11.85 ? 43   MET B N   1 
ATOM   999  C  CA  . MET B 1 43 ? 3.446   -7.983  -6.435  1.00 11.82 ? 43   MET B CA  1 
ATOM   1000 C  C   . MET B 1 43 ? 4.047   -7.420  -7.721  1.00 10.47 ? 43   MET B C   1 
ATOM   1001 O  O   . MET B 1 43 ? 3.405   -6.645  -8.435  1.00 13.16 ? 43   MET B O   1 
ATOM   1002 C  CB  . MET B 1 43 ? 3.932   -7.187  -5.223  1.00 13.22 ? 43   MET B CB  1 
ATOM   1003 C  CG  . MET B 1 43 ? 3.150   -7.487  -3.955  1.00 15.04 ? 43   MET B CG  1 
ATOM   1004 S  SD  . MET B 1 43 ? 3.633   -6.439  -2.578  1.00 19.17 ? 43   MET B SD  1 
ATOM   1005 C  CE  . MET B 1 43 ? 3.535   -7.594  -1.228  1.00 19.21 ? 43   MET B CE  1 
ATOM   1006 N  N   . MET B 1 44 ? 5.281   -7.810  -8.022  1.00 11.58 ? 44   MET B N   1 
ATOM   1007 C  CA  . MET B 1 44 ? 5.931   -7.350  -9.244  1.00 10.26 ? 44   MET B CA  1 
ATOM   1008 C  C   . MET B 1 44 ? 5.112   -7.780  -10.465 1.00 10.22 ? 44   MET B C   1 
ATOM   1009 O  O   . MET B 1 44 ? 4.885   -6.992  -11.374 1.00 9.76  ? 44   MET B O   1 
ATOM   1010 C  CB  . MET B 1 44 ? 7.350   -7.925  -9.341  1.00 10.17 ? 44   MET B CB  1 
ATOM   1011 C  CG  . MET B 1 44 ? 8.086   -7.603  -10.633 1.00 9.51  ? 44   MET B CG  1 
ATOM   1012 S  SD  . MET B 1 44 ? 8.370   -5.842  -10.879 1.00 11.47 ? 44   MET B SD  1 
ATOM   1013 C  CE  . MET B 1 44 ? 9.786   -5.582  -9.806  1.00 9.77  ? 44   MET B CE  1 
ATOM   1014 N  N   . ALA B 1 45 ? 4.660   -9.030  -10.478 1.00 10.91 ? 45   ALA B N   1 
ATOM   1015 C  CA  . ALA B 1 45 ? 3.881   -9.544  -11.605 1.00 14.20 ? 45   ALA B CA  1 
ATOM   1016 C  C   . ALA B 1 45 ? 2.620   -8.731  -11.869 1.00 14.95 ? 45   ALA B C   1 
ATOM   1017 O  O   . ALA B 1 45 ? 2.188   -8.584  -13.012 1.00 15.72 ? 45   ALA B O   1 
ATOM   1018 C  CB  . ALA B 1 45 ? 3.510   -11.004 -11.355 1.00 13.97 ? 45   ALA B CB  1 
ATOM   1019 N  N   . GLU B 1 46 ? 2.031   -8.197  -10.807 1.00 13.93 ? 46   GLU B N   1 
ATOM   1020 C  CA  . GLU B 1 46 ? 0.809   -7.419  -10.921 1.00 17.09 ? 46   GLU B CA  1 
ATOM   1021 C  C   . GLU B 1 46 ? 1.004   -6.068  -11.611 1.00 16.71 ? 46   GLU B C   1 
ATOM   1022 O  O   . GLU B 1 46 ? 0.131   -5.611  -12.352 1.00 17.74 ? 46   GLU B O   1 
ATOM   1023 C  CB  . GLU B 1 46 ? 0.222   -7.208  -9.527  1.00 19.44 ? 46   GLU B CB  1 
ATOM   1024 C  CG  . GLU B 1 46 ? -0.901  -6.196  -9.447  1.00 26.67 ? 46   GLU B CG  1 
ATOM   1025 C  CD  . GLU B 1 46 ? -2.146  -6.612  -10.202 1.00 29.87 ? 46   GLU B CD  1 
ATOM   1026 O  OE1 . GLU B 1 46 ? -2.425  -7.827  -10.272 1.00 30.31 ? 46   GLU B OE1 1 
ATOM   1027 O  OE2 . GLU B 1 46 ? -2.852  -5.711  -10.708 1.00 31.76 ? 46   GLU B OE2 1 
ATOM   1028 N  N   . ILE B 1 47 ? 2.152   -5.440  -11.384 1.00 13.91 ? 47   ILE B N   1 
ATOM   1029 C  CA  . ILE B 1 47 ? 2.416   -4.128  -11.965 1.00 12.65 ? 47   ILE B CA  1 
ATOM   1030 C  C   . ILE B 1 47 ? 3.281   -4.152  -13.230 1.00 12.19 ? 47   ILE B C   1 
ATOM   1031 O  O   . ILE B 1 47 ? 3.196   -3.247  -14.058 1.00 12.28 ? 47   ILE B O   1 
ATOM   1032 C  CB  . ILE B 1 47 ? 3.056   -3.196  -10.896 1.00 12.20 ? 47   ILE B CB  1 
ATOM   1033 C  CG1 . ILE B 1 47 ? 3.165   -1.766  -11.425 1.00 10.90 ? 47   ILE B CG1 1 
ATOM   1034 C  CG2 . ILE B 1 47 ? 4.421   -3.720  -10.509 1.00 13.48 ? 47   ILE B CG2 1 
ATOM   1035 C  CD1 . ILE B 1 47 ? 3.530   -0.747  -10.355 1.00 14.98 ? 47   ILE B CD1 1 
ATOM   1036 N  N   . ASP B 1 48 ? 4.101   -5.186  -13.380 1.00 10.90 ? 48   ASP B N   1 
ATOM   1037 C  CA  . ASP B 1 48 ? 4.982   -5.320  -14.544 1.00 12.23 ? 48   ASP B CA  1 
ATOM   1038 C  C   . ASP B 1 48 ? 4.187   -5.805  -15.763 1.00 12.66 ? 48   ASP B C   1 
ATOM   1039 O  O   . ASP B 1 48 ? 4.241   -6.980  -16.133 1.00 14.13 ? 48   ASP B O   1 
ATOM   1040 C  CB  . ASP B 1 48 ? 6.111   -6.297  -14.199 1.00 9.61  ? 48   ASP B CB  1 
ATOM   1041 C  CG  . ASP B 1 48 ? 6.989   -6.637  -15.385 1.00 12.50 ? 48   ASP B CG  1 
ATOM   1042 O  OD1 . ASP B 1 48 ? 7.197   -5.772  -16.264 1.00 10.68 ? 48   ASP B OD1 1 
ATOM   1043 O  OD2 . ASP B 1 48 ? 7.494   -7.780  -15.416 1.00 13.41 ? 48   ASP B OD2 1 
ATOM   1044 N  N   . THR B 1 49 ? 3.460   -4.893  -16.396 1.00 11.75 ? 49   THR B N   1 
ATOM   1045 C  CA  . THR B 1 49 ? 2.639   -5.257  -17.548 1.00 15.21 ? 49   THR B CA  1 
ATOM   1046 C  C   . THR B 1 49 ? 3.395   -5.656  -18.819 1.00 16.00 ? 49   THR B C   1 
ATOM   1047 O  O   . THR B 1 49 ? 2.879   -6.449  -19.608 1.00 16.51 ? 49   THR B O   1 
ATOM   1048 C  CB  . THR B 1 49 ? 1.643   -4.132  -17.892 1.00 16.95 ? 49   THR B CB  1 
ATOM   1049 O  OG1 . THR B 1 49 ? 2.361   -2.922  -18.136 1.00 17.61 ? 49   THR B OG1 1 
ATOM   1050 C  CG2 . THR B 1 49 ? 0.667   -3.915  -16.738 1.00 19.70 ? 49   THR B CG2 1 
ATOM   1051 N  N   . ASP B 1 50 ? 4.596   -5.124  -19.041 1.00 14.34 ? 50   ASP B N   1 
ATOM   1052 C  CA  . ASP B 1 50 ? 5.330   -5.514  -20.247 1.00 15.18 ? 50   ASP B CA  1 
ATOM   1053 C  C   . ASP B 1 50 ? 6.215   -6.735  -20.015 1.00 16.09 ? 50   ASP B C   1 
ATOM   1054 O  O   . ASP B 1 50 ? 6.941   -7.177  -20.909 1.00 16.51 ? 50   ASP B O   1 
ATOM   1055 C  CB  . ASP B 1 50 ? 6.150   -4.345  -20.829 1.00 16.06 ? 50   ASP B CB  1 
ATOM   1056 C  CG  . ASP B 1 50 ? 7.239   -3.842  -19.895 1.00 18.07 ? 50   ASP B CG  1 
ATOM   1057 O  OD1 . ASP B 1 50 ? 7.717   -4.604  -19.026 1.00 12.80 ? 50   ASP B OD1 1 
ATOM   1058 O  OD2 . ASP B 1 50 ? 7.633   -2.665  -20.060 1.00 17.23 ? 50   ASP B OD2 1 
ATOM   1059 N  N   . GLY B 1 51 ? 6.136   -7.281  -18.804 1.00 15.38 ? 51   GLY B N   1 
ATOM   1060 C  CA  . GLY B 1 51 ? 6.875   -8.482  -18.452 1.00 16.05 ? 51   GLY B CA  1 
ATOM   1061 C  C   . GLY B 1 51 ? 8.393   -8.527  -18.484 1.00 15.94 ? 51   GLY B C   1 
ATOM   1062 O  O   . GLY B 1 51 ? 8.955   -9.621  -18.605 1.00 16.43 ? 51   GLY B O   1 
ATOM   1063 N  N   . ASP B 1 52 ? 9.075   -7.392  -18.355 1.00 14.34 ? 52   ASP B N   1 
ATOM   1064 C  CA  . ASP B 1 52 ? 10.536  -7.430  -18.380 1.00 15.26 ? 52   ASP B CA  1 
ATOM   1065 C  C   . ASP B 1 52 ? 11.167  -7.642  -17.005 1.00 15.08 ? 52   ASP B C   1 
ATOM   1066 O  O   . ASP B 1 52 ? 12.391  -7.679  -16.880 1.00 16.03 ? 52   ASP B O   1 
ATOM   1067 C  CB  . ASP B 1 52 ? 11.114  -6.170  -19.053 1.00 17.33 ? 52   ASP B CB  1 
ATOM   1068 C  CG  . ASP B 1 52 ? 10.837  -4.899  -18.275 1.00 17.47 ? 52   ASP B CG  1 
ATOM   1069 O  OD1 . ASP B 1 52 ? 10.170  -4.976  -17.229 1.00 13.72 ? 52   ASP B OD1 1 
ATOM   1070 O  OD2 . ASP B 1 52 ? 11.289  -3.820  -18.724 1.00 17.29 ? 52   ASP B OD2 1 
ATOM   1071 N  N   . GLY B 1 53 ? 10.334  -7.797  -15.977 1.00 12.98 ? 53   GLY B N   1 
ATOM   1072 C  CA  . GLY B 1 53 ? 10.854  -8.033  -14.639 1.00 13.04 ? 53   GLY B CA  1 
ATOM   1073 C  C   . GLY B 1 53 ? 11.134  -6.793  -13.809 1.00 13.24 ? 53   GLY B C   1 
ATOM   1074 O  O   . GLY B 1 53 ? 11.621  -6.894  -12.679 1.00 13.82 ? 53   GLY B O   1 
ATOM   1075 N  N   . PHE B 1 54 ? 10.838  -5.624  -14.367 1.00 11.10 ? 54   PHE B N   1 
ATOM   1076 C  CA  . PHE B 1 54 ? 11.050  -4.363  -13.667 1.00 11.24 ? 54   PHE B CA  1 
ATOM   1077 C  C   . PHE B 1 54 ? 9.808   -3.498  -13.802 1.00 10.92 ? 54   PHE B C   1 
ATOM   1078 O  O   . PHE B 1 54 ? 8.948   -3.752  -14.646 1.00 9.62  ? 54   PHE B O   1 
ATOM   1079 C  CB  . PHE B 1 54 ? 12.228  -3.576  -14.268 1.00 12.09 ? 54   PHE B CB  1 
ATOM   1080 C  CG  . PHE B 1 54 ? 13.531  -4.318  -14.272 1.00 16.53 ? 54   PHE B CG  1 
ATOM   1081 C  CD1 . PHE B 1 54 ? 13.792  -5.292  -15.233 1.00 17.35 ? 54   PHE B CD1 1 
ATOM   1082 C  CD2 . PHE B 1 54 ? 14.505  -4.037  -13.320 1.00 16.06 ? 54   PHE B CD2 1 
ATOM   1083 C  CE1 . PHE B 1 54 ? 15.008  -5.975  -15.243 1.00 19.80 ? 54   PHE B CE1 1 
ATOM   1084 C  CE2 . PHE B 1 54 ? 15.724  -4.714  -13.319 1.00 18.52 ? 54   PHE B CE2 1 
ATOM   1085 C  CZ  . PHE B 1 54 ? 15.976  -5.685  -14.284 1.00 18.09 ? 54   PHE B CZ  1 
ATOM   1086 N  N   . ILE B 1 55 ? 9.716   -2.468  -12.969 1.00 8.61  ? 55   ILE B N   1 
ATOM   1087 C  CA  . ILE B 1 55 ? 8.599   -1.541  -13.059 1.00 10.55 ? 55   ILE B CA  1 
ATOM   1088 C  C   . ILE B 1 55 ? 9.145   -0.251  -13.668 1.00 11.88 ? 55   ILE B C   1 
ATOM   1089 O  O   . ILE B 1 55 ? 9.945   0.436   -13.029 1.00 10.48 ? 55   ILE B O   1 
ATOM   1090 C  CB  . ILE B 1 55 ? 8.022   -1.195  -11.671 1.00 9.60  ? 55   ILE B CB  1 
ATOM   1091 C  CG1 . ILE B 1 55 ? 7.590   -2.470  -10.948 1.00 10.92 ? 55   ILE B CG1 1 
ATOM   1092 C  CG2 . ILE B 1 55 ? 6.842   -0.234  -11.823 1.00 11.35 ? 55   ILE B CG2 1 
ATOM   1093 C  CD1 . ILE B 1 55 ? 7.268   -2.264  -9.475  1.00 11.84 ? 55   ILE B CD1 1 
ATOM   1094 N  N   . ASP B 1 56 ? 8.765   0.082   -14.900 1.00 9.98  ? 56   ASP B N   1 
ATOM   1095 C  CA  . ASP B 1 56 ? 9.260   1.341   -15.446 1.00 10.66 ? 56   ASP B CA  1 
ATOM   1096 C  C   . ASP B 1 56 ? 8.273   2.453   -15.101 1.00 11.19 ? 56   ASP B C   1 
ATOM   1097 O  O   . ASP B 1 56 ? 7.222   2.198   -14.507 1.00 10.63 ? 56   ASP B O   1 
ATOM   1098 C  CB  . ASP B 1 56 ? 9.530   1.276   -16.966 1.00 11.26 ? 56   ASP B CB  1 
ATOM   1099 C  CG  . ASP B 1 56 ? 8.306   0.921   -17.792 1.00 13.88 ? 56   ASP B CG  1 
ATOM   1100 O  OD1 . ASP B 1 56 ? 7.177   1.238   -17.390 1.00 12.64 ? 56   ASP B OD1 1 
ATOM   1101 O  OD2 . ASP B 1 56 ? 8.497   0.341   -18.884 1.00 18.47 ? 56   ASP B OD2 1 
ATOM   1102 N  N   . PHE B 1 57 ? 8.608   3.687   -15.456 1.00 11.81 ? 57   PHE B N   1 
ATOM   1103 C  CA  . PHE B 1 57 ? 7.746   4.807   -15.114 1.00 11.81 ? 57   PHE B CA  1 
ATOM   1104 C  C   . PHE B 1 57 ? 6.363   4.721   -15.754 1.00 10.40 ? 57   PHE B C   1 
ATOM   1105 O  O   . PHE B 1 57 ? 5.376   5.093   -15.127 1.00 10.75 ? 57   PHE B O   1 
ATOM   1106 C  CB  . PHE B 1 57 ? 8.436   6.130   -15.464 1.00 11.45 ? 57   PHE B CB  1 
ATOM   1107 C  CG  . PHE B 1 57 ? 7.860   7.327   -14.749 1.00 11.97 ? 57   PHE B CG  1 
ATOM   1108 C  CD1 . PHE B 1 57 ? 7.599   7.282   -13.377 1.00 12.83 ? 57   PHE B CD1 1 
ATOM   1109 C  CD2 . PHE B 1 57 ? 7.610   8.508   -15.437 1.00 14.29 ? 57   PHE B CD2 1 
ATOM   1110 C  CE1 . PHE B 1 57 ? 7.098   8.399   -12.704 1.00 15.14 ? 57   PHE B CE1 1 
ATOM   1111 C  CE2 . PHE B 1 57 ? 7.112   9.631   -14.778 1.00 15.58 ? 57   PHE B CE2 1 
ATOM   1112 C  CZ  . PHE B 1 57 ? 6.855   9.579   -13.410 1.00 16.54 ? 57   PHE B CZ  1 
ATOM   1113 N  N   . ASN B 1 58 ? 6.278   4.228   -16.987 1.00 10.96 ? 58   ASN B N   1 
ATOM   1114 C  CA  . ASN B 1 58 ? 4.975   4.094   -17.635 1.00 12.09 ? 58   ASN B CA  1 
ATOM   1115 C  C   . ASN B 1 58 ? 4.086   3.177   -16.804 1.00 10.69 ? 58   ASN B C   1 
ATOM   1116 O  O   . ASN B 1 58 ? 2.921   3.479   -16.552 1.00 11.05 ? 58   ASN B O   1 
ATOM   1117 C  CB  . ASN B 1 58 ? 5.098   3.489   -19.037 1.00 11.79 ? 58   ASN B CB  1 
ATOM   1118 C  CG  . ASN B 1 58 ? 5.710   4.439   -20.038 1.00 12.90 ? 58   ASN B CG  1 
ATOM   1119 O  OD1 . ASN B 1 58 ? 5.589   5.654   -19.911 1.00 12.33 ? 58   ASN B OD1 1 
ATOM   1120 N  ND2 . ASN B 1 58 ? 6.358   3.885   -21.060 1.00 15.69 ? 58   ASN B ND2 1 
ATOM   1121 N  N   . GLU B 1 59 ? 4.646   2.047   -16.388 1.00 10.58 ? 59   GLU B N   1 
ATOM   1122 C  CA  . GLU B 1 59 ? 3.897   1.080   -15.598 1.00 9.16  ? 59   GLU B CA  1 
ATOM   1123 C  C   . GLU B 1 59 ? 3.520   1.648   -14.236 1.00 10.26 ? 59   GLU B C   1 
ATOM   1124 O  O   . GLU B 1 59 ? 2.426   1.385   -13.740 1.00 9.41  ? 59   GLU B O   1 
ATOM   1125 C  CB  . GLU B 1 59 ? 4.708   -0.209  -15.449 1.00 8.48  ? 59   GLU B CB  1 
ATOM   1126 C  CG  . GLU B 1 59 ? 4.945   -0.903  -16.799 1.00 11.33 ? 59   GLU B CG  1 
ATOM   1127 C  CD  . GLU B 1 59 ? 5.963   -2.020  -16.732 1.00 12.70 ? 59   GLU B CD  1 
ATOM   1128 O  OE1 . GLU B 1 59 ? 6.911   -1.916  -15.933 1.00 12.57 ? 59   GLU B OE1 1 
ATOM   1129 O  OE2 . GLU B 1 59 ? 5.828   -2.997  -17.494 1.00 12.40 ? 59   GLU B OE2 1 
ATOM   1130 N  N   . PHE B 1 60 ? 4.412   2.437   -13.644 1.00 9.48  ? 60   PHE B N   1 
ATOM   1131 C  CA  . PHE B 1 60 ? 4.124   3.039   -12.346 1.00 11.36 ? 60   PHE B CA  1 
ATOM   1132 C  C   . PHE B 1 60 ? 2.963   4.028   -12.476 1.00 11.05 ? 60   PHE B C   1 
ATOM   1133 O  O   . PHE B 1 60 ? 2.048   4.032   -11.658 1.00 10.95 ? 60   PHE B O   1 
ATOM   1134 C  CB  . PHE B 1 60 ? 5.352   3.762   -11.791 1.00 11.62 ? 60   PHE B CB  1 
ATOM   1135 C  CG  . PHE B 1 60 ? 5.145   4.318   -10.411 1.00 16.33 ? 60   PHE B CG  1 
ATOM   1136 C  CD1 . PHE B 1 60 ? 4.837   3.474   -9.348  1.00 19.63 ? 60   PHE B CD1 1 
ATOM   1137 C  CD2 . PHE B 1 60 ? 5.234   5.684   -10.175 1.00 16.47 ? 60   PHE B CD2 1 
ATOM   1138 C  CE1 . PHE B 1 60 ? 4.619   3.988   -8.067  1.00 19.22 ? 60   PHE B CE1 1 
ATOM   1139 C  CE2 . PHE B 1 60 ? 5.021   6.204   -8.901  1.00 17.63 ? 60   PHE B CE2 1 
ATOM   1140 C  CZ  . PHE B 1 60 ? 4.713   5.357   -7.849  1.00 18.80 ? 60   PHE B CZ  1 
ATOM   1141 N  N   . ILE B 1 61 ? 3.003   4.857   -13.514 1.00 11.58 ? 61   ILE B N   1 
ATOM   1142 C  CA  . ILE B 1 61 ? 1.942   5.831   -13.752 1.00 12.83 ? 61   ILE B CA  1 
ATOM   1143 C  C   . ILE B 1 61 ? 0.604   5.127   -13.976 1.00 12.23 ? 61   ILE B C   1 
ATOM   1144 O  O   . ILE B 1 61 ? -0.420  5.523   -13.411 1.00 13.61 ? 61   ILE B O   1 
ATOM   1145 C  CB  . ILE B 1 61 ? 2.259   6.705   -14.984 1.00 13.97 ? 61   ILE B CB  1 
ATOM   1146 C  CG1 . ILE B 1 61 ? 3.457   7.607   -14.677 1.00 15.61 ? 61   ILE B CG1 1 
ATOM   1147 C  CG2 . ILE B 1 61 ? 1.035   7.539   -15.372 1.00 15.37 ? 61   ILE B CG2 1 
ATOM   1148 C  CD1 . ILE B 1 61 ? 3.969   8.371   -15.882 1.00 15.21 ? 61   ILE B CD1 1 
ATOM   1149 N  N   A SER B 1 62 ? 0.613   4.090   -14.806 0.50 12.30 ? 62   SER B N   1 
ATOM   1150 N  N   B SER B 1 62 ? 0.617   4.086   -14.803 0.50 12.78 ? 62   SER B N   1 
ATOM   1151 C  CA  A SER B 1 62 ? -0.600  3.337   -15.098 0.50 12.94 ? 62   SER B CA  1 
ATOM   1152 C  CA  B SER B 1 62 ? -0.592  3.327   -15.098 0.50 13.82 ? 62   SER B CA  1 
ATOM   1153 C  C   A SER B 1 62 ? -1.198  2.768   -13.815 0.50 13.22 ? 62   SER B C   1 
ATOM   1154 C  C   B SER B 1 62 ? -1.195  2.763   -13.817 0.50 13.70 ? 62   SER B C   1 
ATOM   1155 O  O   A SER B 1 62 ? -2.407  2.840   -13.595 0.50 13.29 ? 62   SER B O   1 
ATOM   1156 O  O   B SER B 1 62 ? -2.407  2.834   -13.602 0.50 13.70 ? 62   SER B O   1 
ATOM   1157 C  CB  A SER B 1 62 ? -0.298  2.197   -16.076 0.50 13.44 ? 62   SER B CB  1 
ATOM   1158 C  CB  B SER B 1 62 ? -0.272  2.183   -16.064 0.50 15.04 ? 62   SER B CB  1 
ATOM   1159 O  OG  A SER B 1 62 ? 0.171   2.695   -17.317 0.50 10.99 ? 62   SER B OG  1 
ATOM   1160 O  OG  B SER B 1 62 ? -1.430  1.421   -16.360 0.50 15.68 ? 62   SER B OG  1 
ATOM   1161 N  N   . PHE B 1 63 ? -0.340  2.205   -12.969 1.00 12.23 ? 63   PHE B N   1 
ATOM   1162 C  CA  . PHE B 1 63 ? -0.787  1.627   -11.711 1.00 12.74 ? 63   PHE B CA  1 
ATOM   1163 C  C   . PHE B 1 63 ? -1.379  2.720   -10.819 1.00 13.38 ? 63   PHE B C   1 
ATOM   1164 O  O   . PHE B 1 63 ? -2.412  2.522   -10.181 1.00 13.82 ? 63   PHE B O   1 
ATOM   1165 C  CB  . PHE B 1 63 ? 0.386   0.952   -11.000 1.00 13.48 ? 63   PHE B CB  1 
ATOM   1166 C  CG  . PHE B 1 63 ? -0.026  0.090   -9.850  1.00 14.57 ? 63   PHE B CG  1 
ATOM   1167 C  CD1 . PHE B 1 63 ? -0.590  -1.160  -10.073 1.00 15.95 ? 63   PHE B CD1 1 
ATOM   1168 C  CD2 . PHE B 1 63 ? 0.112   0.541   -8.546  1.00 15.43 ? 63   PHE B CD2 1 
ATOM   1169 C  CE1 . PHE B 1 63 ? -1.011  -1.956  -9.005  1.00 18.06 ? 63   PHE B CE1 1 
ATOM   1170 C  CE2 . PHE B 1 63 ? -0.304  -0.246  -7.470  1.00 17.75 ? 63   PHE B CE2 1 
ATOM   1171 C  CZ  . PHE B 1 63 ? -0.868  -1.496  -7.705  1.00 14.47 ? 63   PHE B CZ  1 
ATOM   1172 N  N   . CYS B 1 64 ? -0.722  3.876   -10.779 1.00 13.28 ? 64   CYS B N   1 
ATOM   1173 C  CA  . CYS B 1 64 ? -1.210  4.985   -9.975  1.00 13.70 ? 64   CYS B CA  1 
ATOM   1174 C  C   . CYS B 1 64 ? -2.569  5.464   -10.481 1.00 14.54 ? 64   CYS B C   1 
ATOM   1175 O  O   . CYS B 1 64 ? -3.461  5.756   -9.686  1.00 15.47 ? 64   CYS B O   1 
ATOM   1176 C  CB  . CYS B 1 64 ? -0.210  6.146   -9.993  1.00 13.62 ? 64   CYS B CB  1 
ATOM   1177 S  SG  . CYS B 1 64 ? 1.274   5.855   -9.001  1.00 15.35 ? 64   CYS B SG  1 
ATOM   1178 N  N   . ASN B 1 65 ? -2.731  5.543   -11.801 1.00 15.80 ? 65   ASN B N   1 
ATOM   1179 C  CA  . ASN B 1 65 ? -4.007  5.988   -12.359 1.00 17.93 ? 65   ASN B CA  1 
ATOM   1180 C  C   . ASN B 1 65 ? -5.138  5.023   -12.005 1.00 17.26 ? 65   ASN B C   1 
ATOM   1181 O  O   . ASN B 1 65 ? -6.275  5.442   -11.810 1.00 19.18 ? 65   ASN B O   1 
ATOM   1182 C  CB  . ASN B 1 65 ? -3.926  6.134   -13.884 1.00 20.54 ? 65   ASN B CB  1 
ATOM   1183 C  CG  . ASN B 1 65 ? -3.079  7.316   -14.318 1.00 23.71 ? 65   ASN B CG  1 
ATOM   1184 O  OD1 . ASN B 1 65 ? -2.929  8.295   -13.583 1.00 27.23 ? 65   ASN B OD1 1 
ATOM   1185 N  ND2 . ASN B 1 65 ? -2.537  7.240   -15.531 1.00 25.28 ? 65   ASN B ND2 1 
ATOM   1186 N  N   . ALA B 1 66 ? -4.825  3.733   -11.924 1.00 16.24 ? 66   ALA B N   1 
ATOM   1187 C  CA  . ALA B 1 66 ? -5.835  2.728   -11.592 1.00 16.39 ? 66   ALA B CA  1 
ATOM   1188 C  C   . ALA B 1 66 ? -6.048  2.619   -10.083 1.00 16.35 ? 66   ALA B C   1 
ATOM   1189 O  O   . ALA B 1 66 ? -7.058  2.083   -9.624  1.00 16.60 ? 66   ALA B O   1 
ATOM   1190 C  CB  . ALA B 1 66 ? -5.429  1.372   -12.158 1.00 17.47 ? 66   ALA B CB  1 
ATOM   1191 N  N   . ASN B 1 67 ? -5.091  3.141   -9.321  1.00 15.43 ? 67   ASN B N   1 
ATOM   1192 C  CA  . ASN B 1 67 ? -5.136  3.100   -7.859  1.00 14.38 ? 67   ASN B CA  1 
ATOM   1193 C  C   . ASN B 1 67 ? -4.784  4.472   -7.297  1.00 14.19 ? 67   ASN B C   1 
ATOM   1194 O  O   . ASN B 1 67 ? -3.678  4.685   -6.795  1.00 14.75 ? 67   ASN B O   1 
ATOM   1195 C  CB  . ASN B 1 67 ? -4.131  2.065   -7.345  1.00 13.87 ? 67   ASN B CB  1 
ATOM   1196 C  CG  . ASN B 1 67 ? -4.425  0.674   -7.849  1.00 14.75 ? 67   ASN B CG  1 
ATOM   1197 O  OD1 . ASN B 1 67 ? -5.210  -0.064  -7.252  1.00 16.32 ? 67   ASN B OD1 1 
ATOM   1198 N  ND2 . ASN B 1 67 ? -3.810  0.312   -8.968  1.00 13.22 ? 67   ASN B ND2 1 
ATOM   1199 N  N   . PRO B 1 68 ? -5.725  5.424   -7.373  1.00 13.89 ? 68   PRO B N   1 
ATOM   1200 C  CA  . PRO B 1 68 ? -5.515  6.785   -6.878  1.00 15.19 ? 68   PRO B CA  1 
ATOM   1201 C  C   . PRO B 1 68 ? -5.097  6.860   -5.415  1.00 14.26 ? 68   PRO B C   1 
ATOM   1202 O  O   . PRO B 1 68 ? -4.489  7.837   -4.988  1.00 13.46 ? 68   PRO B O   1 
ATOM   1203 C  CB  . PRO B 1 68 ? -6.858  7.460   -7.142  1.00 16.68 ? 68   PRO B CB  1 
ATOM   1204 C  CG  . PRO B 1 68 ? -7.833  6.329   -7.049  1.00 15.48 ? 68   PRO B CG  1 
ATOM   1205 C  CD  . PRO B 1 68 ? -7.120  5.237   -7.811  1.00 14.47 ? 68   PRO B CD  1 
ATOM   1206 N  N   . GLY B 1 69 ? -5.423  5.816   -4.659  1.00 15.13 ? 69   GLY B N   1 
ATOM   1207 C  CA  . GLY B 1 69 ? -5.080  5.782   -3.249  1.00 15.00 ? 69   GLY B CA  1 
ATOM   1208 C  C   . GLY B 1 69 ? -3.598  5.608   -2.992  1.00 16.33 ? 69   GLY B C   1 
ATOM   1209 O  O   . GLY B 1 69 ? -3.121  5.885   -1.893  1.00 16.23 ? 69   GLY B O   1 
ATOM   1210 N  N   . LEU B 1 70 ? -2.857  5.149   -3.994  1.00 16.75 ? 70   LEU B N   1 
ATOM   1211 C  CA  . LEU B 1 70 ? -1.426  4.957   -3.809  1.00 17.97 ? 70   LEU B CA  1 
ATOM   1212 C  C   . LEU B 1 70 ? -0.732  6.287   -3.554  1.00 18.25 ? 70   LEU B C   1 
ATOM   1213 O  O   . LEU B 1 70 ? 0.050   6.417   -2.612  1.00 19.72 ? 70   LEU B O   1 
ATOM   1214 C  CB  . LEU B 1 70 ? -0.802  4.278   -5.032  1.00 18.94 ? 70   LEU B CB  1 
ATOM   1215 C  CG  . LEU B 1 70 ? 0.700   3.997   -4.916  1.00 20.72 ? 70   LEU B CG  1 
ATOM   1216 C  CD1 . LEU B 1 70 ? 0.970   3.153   -3.676  1.00 21.85 ? 70   LEU B CD1 1 
ATOM   1217 C  CD2 . LEU B 1 70 ? 1.187   3.275   -6.169  1.00 23.02 ? 70   LEU B CD2 1 
ATOM   1218 N  N   . MET B 1 71 ? -1.025  7.278   -4.389  1.00 18.89 ? 71   MET B N   1 
ATOM   1219 C  CA  . MET B 1 71 ? -0.412  8.593   -4.244  1.00 19.03 ? 71   MET B CA  1 
ATOM   1220 C  C   . MET B 1 71 ? -1.144  9.495   -3.257  1.00 18.02 ? 71   MET B C   1 
ATOM   1221 O  O   . MET B 1 71 ? -0.518  10.296  -2.565  1.00 18.94 ? 71   MET B O   1 
ATOM   1222 C  CB  . MET B 1 71 ? -0.331  9.292   -5.605  1.00 20.20 ? 71   MET B CB  1 
ATOM   1223 C  CG  . MET B 1 71 ? 0.644   8.652   -6.578  1.00 22.60 ? 71   MET B CG  1 
ATOM   1224 S  SD  . MET B 1 71 ? 2.297   8.511   -5.876  1.00 22.76 ? 71   MET B SD  1 
ATOM   1225 C  CE  . MET B 1 71 ? 2.640   10.175  -5.559  1.00 26.46 ? 71   MET B CE  1 
ATOM   1226 N  N   . LYS B 1 72 ? -2.463  9.362   -3.182  1.00 19.46 ? 72   LYS B N   1 
ATOM   1227 C  CA  . LYS B 1 72 ? -3.253  10.199  -2.282  1.00 20.20 ? 72   LYS B CA  1 
ATOM   1228 C  C   . LYS B 1 72 ? -3.238  9.738   -0.827  1.00 19.76 ? 72   LYS B C   1 
ATOM   1229 O  O   . LYS B 1 72 ? -3.297  10.560  0.091   1.00 20.32 ? 72   LYS B O   1 
ATOM   1230 C  CB  . LYS B 1 72 ? -4.705  10.275  -2.767  1.00 21.61 ? 72   LYS B CB  1 
ATOM   1231 C  CG  . LYS B 1 72 ? -5.564  11.257  -1.968  1.00 23.46 ? 72   LYS B CG  1 
ATOM   1232 C  CD  . LYS B 1 72 ? -6.985  11.338  -2.502  1.00 26.78 ? 72   LYS B CD  1 
ATOM   1233 C  CE  . LYS B 1 72 ? -7.813  12.328  -1.696  1.00 28.34 ? 72   LYS B CE  1 
ATOM   1234 N  NZ  . LYS B 1 72 ? -9.213  12.425  -2.198  1.00 31.65 ? 72   LYS B NZ  1 
ATOM   1235 N  N   . ASP B 1 73 ? -3.147  8.430   -0.612  1.00 17.45 ? 73   ASP B N   1 
ATOM   1236 C  CA  . ASP B 1 73 ? -3.161  7.898   0.743   1.00 18.50 ? 73   ASP B CA  1 
ATOM   1237 C  C   . ASP B 1 73 ? -1.860  7.244   1.200   1.00 17.73 ? 73   ASP B C   1 
ATOM   1238 O  O   . ASP B 1 73 ? -1.210  7.716   2.135   1.00 17.54 ? 73   ASP B O   1 
ATOM   1239 C  CB  . ASP B 1 73 ? -4.305  6.889   0.886   1.00 17.83 ? 73   ASP B CB  1 
ATOM   1240 C  CG  . ASP B 1 73 ? -5.645  7.447   0.427   1.00 21.37 ? 73   ASP B CG  1 
ATOM   1241 O  OD1 . ASP B 1 73 ? -5.784  8.685   0.325   1.00 24.77 ? 73   ASP B OD1 1 
ATOM   1242 O  OD2 . ASP B 1 73 ? -6.564  6.641   0.171   1.00 25.32 ? 73   ASP B OD2 1 
ATOM   1243 N  N   . VAL B 1 74 ? -1.481  6.157   0.537   1.00 18.11 ? 74   VAL B N   1 
ATOM   1244 C  CA  . VAL B 1 74 ? -0.275  5.421   0.901   1.00 18.08 ? 74   VAL B CA  1 
ATOM   1245 C  C   . VAL B 1 74 ? 1.024   6.218   0.847   1.00 20.30 ? 74   VAL B C   1 
ATOM   1246 O  O   . VAL B 1 74 ? 1.840   6.136   1.765   1.00 21.10 ? 74   VAL B O   1 
ATOM   1247 C  CB  . VAL B 1 74 ? -0.116  4.158   0.021   1.00 17.57 ? 74   VAL B CB  1 
ATOM   1248 C  CG1 . VAL B 1 74 ? 1.123   3.376   0.447   1.00 19.39 ? 74   VAL B CG1 1 
ATOM   1249 C  CG2 . VAL B 1 74 ? -1.357  3.289   0.143   1.00 17.80 ? 74   VAL B CG2 1 
ATOM   1250 N  N   . ALA B 1 75 ? 1.217   6.985   -0.220  1.00 19.46 ? 75   ALA B N   1 
ATOM   1251 C  CA  . ALA B 1 75 ? 2.432   7.776   -0.383  1.00 23.73 ? 75   ALA B CA  1 
ATOM   1252 C  C   . ALA B 1 75 ? 2.627   8.802   0.728   1.00 27.71 ? 75   ALA B C   1 
ATOM   1253 O  O   . ALA B 1 75 ? 3.760   9.175   1.036   1.00 27.47 ? 75   ALA B O   1 
ATOM   1254 C  CB  . ALA B 1 75 ? 2.421   8.477   -1.734  1.00 23.09 ? 75   ALA B CB  1 
ATOM   1255 N  N   . LYS B 1 76 ? 1.529   9.259   1.326   1.00 31.82 ? 76   LYS B N   1 
ATOM   1256 C  CA  . LYS B 1 76 ? 1.603   10.248  2.402   1.00 38.25 ? 76   LYS B CA  1 
ATOM   1257 C  C   . LYS B 1 76 ? 2.457   9.716   3.542   1.00 40.77 ? 76   LYS B C   1 
ATOM   1258 O  O   . LYS B 1 76 ? 2.854   10.458  4.440   1.00 43.19 ? 76   LYS B O   1 
ATOM   1259 C  CB  . LYS B 1 76 ? 0.198   10.590  2.911   1.00 37.58 ? 76   LYS B CB  1 
ATOM   1260 C  CG  . LYS B 1 76 ? -0.700  11.194  1.847   1.00 38.33 ? 76   LYS B CG  1 
ATOM   1261 C  CD  . LYS B 1 76 ? -0.134  12.510  1.334   1.00 39.05 ? 76   LYS B CD  1 
ATOM   1262 C  CE  . LYS B 1 76 ? -0.784  12.926  0.025   1.00 39.46 ? 76   LYS B CE  1 
ATOM   1263 N  NZ  . LYS B 1 76 ? -2.255  13.089  0.139   1.00 40.65 ? 76   LYS B NZ  1 
ATOM   1264 N  N   . VAL B 1 77 ? 2.735   8.418   3.490   1.00 44.57 ? 77   VAL B N   1 
ATOM   1265 C  CA  . VAL B 1 77 ? 3.552   7.753   4.495   1.00 48.23 ? 77   VAL B CA  1 
ATOM   1266 C  C   . VAL B 1 77 ? 5.022   8.124   4.322   1.00 50.57 ? 77   VAL B C   1 
ATOM   1267 O  O   . VAL B 1 77 ? 5.687   8.520   5.281   1.00 51.48 ? 77   VAL B O   1 
ATOM   1268 C  CB  . VAL B 1 77 ? 3.397   6.218   4.395   1.00 48.64 ? 77   VAL B CB  1 
ATOM   1269 C  CG1 . VAL B 1 77 ? 4.634   5.527   4.933   1.00 49.17 ? 77   VAL B CG1 1 
ATOM   1270 C  CG2 . VAL B 1 77 ? 2.168   5.774   5.176   1.00 48.89 ? 77   VAL B CG2 1 
ATOM   1271 N  N   . PHE B 1 78 ? 5.525   7.995   3.097   1.00 51.81 ? 78   PHE B N   1 
ATOM   1272 C  CA  . PHE B 1 78 ? 6.918   8.317   2.813   1.00 52.81 ? 78   PHE B CA  1 
ATOM   1273 C  C   . PHE B 1 78 ? 7.186   9.806   2.999   1.00 53.18 ? 78   PHE B C   1 
ATOM   1274 O  O   . PHE B 1 78 ? 6.228   10.545  3.313   1.00 52.97 ? 78   PHE B O   1 
ATOM   1275 C  CB  . PHE B 1 78 ? 7.285   7.906   1.383   1.00 53.31 ? 78   PHE B CB  1 
ATOM   1276 C  CG  . PHE B 1 78 ? 6.920   6.488   1.043   1.00 54.60 ? 78   PHE B CG  1 
ATOM   1277 C  CD1 . PHE B 1 78 ? 7.174   5.455   1.939   1.00 54.85 ? 78   PHE B CD1 1 
ATOM   1278 C  CD2 . PHE B 1 78 ? 6.339   6.182   -0.184  1.00 54.90 ? 78   PHE B CD2 1 
ATOM   1279 C  CE1 . PHE B 1 78 ? 6.854   4.135   1.619   1.00 55.73 ? 78   PHE B CE1 1 
ATOM   1280 C  CE2 . PHE B 1 78 ? 6.016   4.868   -0.514  1.00 55.64 ? 78   PHE B CE2 1 
ATOM   1281 C  CZ  . PHE B 1 78 ? 6.274   3.842   0.389   1.00 55.67 ? 78   PHE B CZ  1 
ATOM   1282 O  OXT . PHE B 1 78 ? 8.352   10.219  2.824   1.00 53.99 ? 78   PHE B OXT 1 
HETATM 1283 S  S   . SO4 C 2 .  ? 0.762   16.095  14.178  1.00 27.54 ? 2001 SO4 A S   1 
HETATM 1284 O  O1  . SO4 C 2 .  ? -0.140  15.675  15.269  1.00 26.11 ? 2001 SO4 A O1  1 
HETATM 1285 O  O2  . SO4 C 2 .  ? -0.034  16.559  13.024  1.00 28.00 ? 2001 SO4 A O2  1 
HETATM 1286 O  O3  . SO4 C 2 .  ? 1.598   14.956  13.762  1.00 28.85 ? 2001 SO4 A O3  1 
HETATM 1287 O  O4  . SO4 C 2 .  ? 1.626   17.190  14.650  1.00 29.55 ? 2001 SO4 A O4  1 
HETATM 1288 CA CA  . CA  D 3 .  ? 16.554  0.677   -10.718 1.00 10.19 ? 1001 CA  A CA  1 
HETATM 1289 CA CA  . CA  E 3 .  ? -13.578 6.956   10.426  1.00 23.41 ? 1002 CA  A CA  1 
HETATM 1290 S  S   . SO4 F 2 .  ? 5.969   0.169   -21.518 1.00 33.44 ? 2002 SO4 B S   1 
HETATM 1291 O  O1  . SO4 F 2 .  ? 5.527   0.875   -22.741 1.00 29.58 ? 2002 SO4 B O1  1 
HETATM 1292 O  O2  . SO4 F 2 .  ? 6.601   -1.111  -21.900 1.00 32.55 ? 2002 SO4 B O2  1 
HETATM 1293 O  O3  . SO4 F 2 .  ? 4.800   -0.091  -20.655 1.00 34.80 ? 2002 SO4 B O3  1 
HETATM 1294 O  O4  . SO4 F 2 .  ? 6.938   0.992   -20.783 1.00 31.51 ? 2002 SO4 B O4  1 
HETATM 1295 S  S   . SO4 G 2 .  ? -1.305  -14.706 -6.685  1.00 40.63 ? 2003 SO4 B S   1 
HETATM 1296 O  O1  . SO4 G 2 .  ? -2.223  -14.071 -7.648  1.00 39.75 ? 2003 SO4 B O1  1 
HETATM 1297 O  O2  . SO4 G 2 .  ? -1.032  -16.098 -7.088  1.00 37.44 ? 2003 SO4 B O2  1 
HETATM 1298 O  O3  . SO4 G 2 .  ? -1.931  -14.700 -5.348  1.00 40.58 ? 2003 SO4 B O3  1 
HETATM 1299 O  O4  . SO4 G 2 .  ? -0.041  -13.946 -6.639  1.00 38.79 ? 2003 SO4 B O4  1 
HETATM 1300 CA CA  . CA  H 3 .  ? -10.069 -2.373  15.966  1.00 15.39 ? 1003 CA  B CA  1 
HETATM 1301 CA CA  . CA  I 3 .  ? 8.102   -3.748  -16.822 1.00 12.19 ? 1004 CA  B CA  1 
HETATM 1302 O  O   . HOH J 4 .  ? 17.088  -1.573  -11.546 1.00 13.34 ? 2002 HOH A O   1 
HETATM 1303 O  O   . HOH J 4 .  ? -15.222 5.545   11.386  1.00 27.67 ? 2003 HOH A O   1 
HETATM 1304 O  O   . HOH J 4 .  ? 14.179  0.943   -3.254  1.00 12.76 ? 2004 HOH A O   1 
HETATM 1305 O  O   . HOH J 4 .  ? 11.149  4.422   -16.864 1.00 15.65 ? 2005 HOH A O   1 
HETATM 1306 O  O   . HOH J 4 .  ? 16.651  -7.226  -8.219  1.00 15.35 ? 2006 HOH A O   1 
HETATM 1307 O  O   . HOH J 4 .  ? -3.276  13.238  5.670   1.00 17.01 ? 2007 HOH A O   1 
HETATM 1308 O  O   . HOH J 4 .  ? -11.992 5.638   2.669   1.00 15.65 ? 2008 HOH A O   1 
HETATM 1309 O  O   . HOH J 4 .  ? -14.235 4.247   -3.734  1.00 18.11 ? 2009 HOH A O   1 
HETATM 1310 O  O   . HOH J 4 .  ? 16.513  3.763   -3.051  1.00 30.31 ? 2010 HOH A O   1 
HETATM 1311 O  O   . HOH J 4 .  ? 14.307  -3.844  -18.872 1.00 28.90 ? 2011 HOH A O   1 
HETATM 1312 O  O   . HOH J 4 .  ? -5.311  14.868  0.041   1.00 20.12 ? 2012 HOH A O   1 
HETATM 1313 O  O   . HOH J 4 .  ? 19.977  -4.812  -6.541  1.00 29.27 ? 2013 HOH A O   1 
HETATM 1314 O  O   . HOH J 4 .  ? -8.283  5.973   -2.867  1.00 18.54 ? 2014 HOH A O   1 
HETATM 1315 O  O   . HOH J 4 .  ? 14.697  7.255   -11.403 1.00 21.86 ? 2015 HOH A O   1 
HETATM 1316 O  O   . HOH J 4 .  ? 12.450  -9.846  -1.915  1.00 23.20 ? 2016 HOH A O   1 
HETATM 1317 O  O   . HOH J 4 .  ? -8.227  13.916  3.484   1.00 32.42 ? 2017 HOH A O   1 
HETATM 1318 O  O   . HOH J 4 .  ? -11.825 1.239   -9.053  1.00 33.69 ? 2018 HOH A O   1 
HETATM 1319 O  O   . HOH J 4 .  ? 12.819  11.636  -4.835  1.00 24.04 ? 2019 HOH A O   1 
HETATM 1320 O  O   . HOH J 4 .  ? -15.038 6.749   2.647   1.00 27.46 ? 2020 HOH A O   1 
HETATM 1321 O  O   . HOH J 4 .  ? -13.350 -4.157  -4.198  1.00 31.20 ? 2021 HOH A O   1 
HETATM 1322 O  O   . HOH J 4 .  ? -10.415 12.047  4.353   1.00 30.95 ? 2022 HOH A O   1 
HETATM 1323 O  O   . HOH J 4 .  ? -1.644  -13.770 2.021   1.00 45.41 ? 2023 HOH A O   1 
HETATM 1324 O  O   . HOH J 4 .  ? -10.173 4.164   -8.781  1.00 24.31 ? 2024 HOH A O   1 
HETATM 1325 O  O   . HOH J 4 .  ? 11.898  3.168   -19.157 1.00 29.25 ? 2025 HOH A O   1 
HETATM 1326 O  O   . HOH J 4 .  ? 1.628   -4.199  -7.668  1.00 29.61 ? 2026 HOH A O   1 
HETATM 1327 O  O   . HOH J 4 .  ? -9.029  15.087  0.353   1.00 40.46 ? 2027 HOH A O   1 
HETATM 1328 O  O   . HOH J 4 .  ? -10.530 6.368   0.633   1.00 37.55 ? 2028 HOH A O   1 
HETATM 1329 O  O   . HOH J 4 .  ? 19.294  6.884   -7.869  1.00 37.00 ? 2029 HOH A O   1 
HETATM 1330 O  O   . HOH J 4 .  ? -3.070  14.439  8.241   1.00 27.88 ? 2030 HOH A O   1 
HETATM 1331 O  O   . HOH J 4 .  ? 13.052  11.340  -0.934  1.00 41.34 ? 2031 HOH A O   1 
HETATM 1332 O  O   . HOH J 4 .  ? -11.119 5.576   -1.669  1.00 26.85 ? 2032 HOH A O   1 
HETATM 1333 O  O   . HOH J 4 .  ? 18.592  -3.666  -8.476  1.00 32.37 ? 2033 HOH A O   1 
HETATM 1334 O  O   . HOH J 4 .  ? 18.926  -3.998  -10.934 1.00 30.97 ? 2034 HOH A O   1 
HETATM 1335 O  O   . HOH J 4 .  ? 16.483  7.399   -8.617  1.00 32.30 ? 2035 HOH A O   1 
HETATM 1336 O  O   . HOH J 4 .  ? 4.175   15.046  13.766  1.00 37.43 ? 2036 HOH A O   1 
HETATM 1337 O  O   . HOH J 4 .  ? 11.286  -10.212 5.114   1.00 52.90 ? 2037 HOH A O   1 
HETATM 1338 O  O   . HOH J 4 .  ? 15.331  10.840  -4.455  1.00 29.58 ? 2038 HOH A O   1 
HETATM 1339 O  O   . HOH J 4 .  ? -3.697  -11.292 -4.837  1.00 33.03 ? 2039 HOH A O   1 
HETATM 1340 O  O   . HOH J 4 .  ? 10.804  11.380  -15.413 1.00 35.28 ? 2040 HOH A O   1 
HETATM 1341 O  O   . HOH J 4 .  ? 13.733  10.594  -14.584 1.00 35.90 ? 2041 HOH A O   1 
HETATM 1342 O  O   . HOH J 4 .  ? 14.899  14.270  -10.664 1.00 36.83 ? 2042 HOH A O   1 
HETATM 1343 O  O   . HOH J 4 .  ? 5.093   10.635  17.854  1.00 35.82 ? 2043 HOH A O   1 
HETATM 1344 O  O   . HOH J 4 .  ? -1.794  13.525  15.223  1.00 48.80 ? 2044 HOH A O   1 
HETATM 1345 O  O   . HOH J 4 .  ? -6.351  6.634   16.213  1.00 30.15 ? 2045 HOH A O   1 
HETATM 1346 O  O   . HOH J 4 .  ? 17.431  -7.144  -11.241 1.00 46.69 ? 2046 HOH A O   1 
HETATM 1347 O  O   . HOH J 4 .  ? -17.527 7.280   6.889   1.00 38.37 ? 2047 HOH A O   1 
HETATM 1348 O  O   . HOH J 4 .  ? 13.167  11.571  2.543   1.00 44.27 ? 2048 HOH A O   1 
HETATM 1349 O  O   . HOH J 4 .  ? 14.130  2.953   1.200   1.00 45.52 ? 2049 HOH A O   1 
HETATM 1350 O  O   . HOH J 4 .  ? -7.496  -13.377 3.665   1.00 37.30 ? 2050 HOH A O   1 
HETATM 1351 O  O   . HOH J 4 .  ? 17.336  -9.106  -13.884 1.00 38.22 ? 2051 HOH A O   1 
HETATM 1352 O  O   . HOH J 4 .  ? 6.964   4.748   15.747  1.00 35.93 ? 2052 HOH A O   1 
HETATM 1353 O  O   . HOH J 4 .  ? -13.121 6.719   -3.719  1.00 34.79 ? 2053 HOH A O   1 
HETATM 1354 O  O   . HOH J 4 .  ? 14.841  2.020   -18.170 1.00 41.38 ? 2054 HOH A O   1 
HETATM 1355 O  O   . HOH J 4 .  ? -5.920  14.269  5.311   1.00 27.35 ? 2055 HOH A O   1 
HETATM 1356 O  O   . HOH J 4 .  ? 11.464  8.847   -14.919 1.00 38.87 ? 2056 HOH A O   1 
HETATM 1357 O  O   . HOH J 4 .  ? -17.999 9.482   3.735   1.00 46.77 ? 2057 HOH A O   1 
HETATM 1358 O  O   . HOH J 4 .  ? -11.011 -3.641  -5.254  1.00 33.02 ? 2058 HOH A O   1 
HETATM 1359 O  O   . HOH J 4 .  ? 8.097   9.719   14.300  1.00 45.75 ? 2059 HOH A O   1 
HETATM 1360 O  O   . HOH J 4 .  ? 6.237   12.122  10.288  1.00 46.61 ? 2060 HOH A O   1 
HETATM 1361 O  O   . HOH J 4 .  ? -12.426 13.730  7.429   1.00 42.59 ? 2061 HOH A O   1 
HETATM 1362 O  O   . HOH J 4 .  ? -14.917 15.476  10.429  1.00 40.11 ? 2062 HOH A O   1 
HETATM 1363 O  O   . HOH J 4 .  ? 0.664   12.451  13.549  1.00 40.57 ? 2063 HOH A O   1 
HETATM 1364 O  O   . HOH J 4 .  ? 23.524  -0.665  -13.345 1.00 52.25 ? 2064 HOH A O   1 
HETATM 1365 O  O   . HOH J 4 .  ? 23.089  -1.115  -10.856 1.00 38.32 ? 2065 HOH A O   1 
HETATM 1366 O  O   . HOH J 4 .  ? 9.866   10.542  -0.138  1.00 53.43 ? 2066 HOH A O   1 
HETATM 1367 O  O   . HOH J 4 .  ? -7.047  -11.324 -8.801  1.00 43.93 ? 2067 HOH A O   1 
HETATM 1368 O  O   . HOH J 4 .  ? -12.972 -2.265  -7.986  1.00 38.35 ? 2068 HOH A O   1 
HETATM 1369 O  O   . HOH J 4 .  ? 19.693  -6.839  -8.192  1.00 40.53 ? 2069 HOH A O   1 
HETATM 1370 O  O   . HOH J 4 .  ? -20.015 5.138   7.754   1.00 43.64 ? 2070 HOH A O   1 
HETATM 1371 O  O   . HOH J 4 .  ? 11.756  -10.266 0.632   1.00 30.10 ? 2071 HOH A O   1 
HETATM 1372 O  O   . HOH J 4 .  ? 10.360  8.533   13.669  1.00 39.62 ? 2072 HOH A O   1 
HETATM 1373 O  O   . HOH J 4 .  ? -7.811  10.321  11.330  1.00 38.89 ? 2073 HOH A O   1 
HETATM 1374 O  O   . HOH J 4 .  ? 1.115   12.764  -7.430  1.00 47.55 ? 2074 HOH A O   1 
HETATM 1375 O  O   . HOH J 4 .  ? -1.617  -5.001  -7.306  1.00 42.98 ? 2075 HOH A O   1 
HETATM 1376 O  O   . HOH J 4 .  ? -0.140  10.281  15.538  1.00 50.39 ? 2076 HOH A O   1 
HETATM 1377 O  O   . HOH K 4 .  ? -9.855  -0.578  17.388  1.00 18.44 ? 2004 HOH B O   1 
HETATM 1378 O  O   . HOH K 4 .  ? 9.490   -2.106  -17.769 1.00 12.30 ? 2005 HOH B O   1 
HETATM 1379 O  O   . HOH K 4 .  ? 1.298   -1.088  -14.398 1.00 10.58 ? 2006 HOH B O   1 
HETATM 1380 O  O   . HOH K 4 .  ? 8.665   4.067   -18.758 1.00 14.01 ? 2007 HOH B O   1 
HETATM 1381 O  O   . HOH K 4 .  ? -1.906  6.870   -7.121  1.00 14.96 ? 2008 HOH B O   1 
HETATM 1382 O  O   . HOH K 4 .  ? 7.745   6.996   -21.098 1.00 13.59 ? 2009 HOH B O   1 
HETATM 1383 O  O   . HOH K 4 .  ? -14.309 -6.657  12.513  1.00 18.88 ? 2010 HOH B O   1 
HETATM 1384 O  O   . HOH K 4 .  ? 8.470   -12.029 -19.813 1.00 17.20 ? 2011 HOH B O   1 
HETATM 1385 O  O   . HOH K 4 .  ? 14.153  -7.196  -11.192 1.00 15.47 ? 2012 HOH B O   1 
HETATM 1386 O  O   . HOH K 4 .  ? -3.493  -4.782  12.461  1.00 17.43 ? 2013 HOH B O   1 
HETATM 1387 O  O   . HOH K 4 .  ? 2.446   0.998   -18.863 1.00 19.59 ? 2014 HOH B O   1 
HETATM 1388 O  O   . HOH K 4 .  ? -0.173  -10.681 -12.755 1.00 22.25 ? 2015 HOH B O   1 
HETATM 1389 O  O   . HOH K 4 .  ? -13.528 -14.929 1.214   1.00 36.73 ? 2016 HOH B O   1 
HETATM 1390 O  O   . HOH K 4 .  ? -13.424 -10.327 14.773  1.00 18.22 ? 2017 HOH B O   1 
HETATM 1391 O  O   . HOH K 4 .  ? 3.407   7.031   -19.595 1.00 22.01 ? 2018 HOH B O   1 
HETATM 1392 O  O   . HOH K 4 .  ? 11.337  -18.449 -5.259  1.00 17.93 ? 2019 HOH B O   1 
HETATM 1393 O  O   . HOH K 4 .  ? -12.079 11.503  0.631   1.00 37.02 ? 2020 HOH B O   1 
HETATM 1394 O  O   . HOH K 4 .  ? 0.931   -0.808  -17.369 1.00 18.87 ? 2021 HOH B O   1 
HETATM 1395 O  O   . HOH K 4 .  ? 1.625   5.202   -18.298 1.00 25.31 ? 2022 HOH B O   1 
HETATM 1396 O  O   . HOH K 4 .  ? -4.469  -1.907  -10.730 1.00 24.98 ? 2023 HOH B O   1 
HETATM 1397 O  O   . HOH K 4 .  ? -3.873  9.997   -6.562  1.00 25.16 ? 2024 HOH B O   1 
HETATM 1398 O  O   . HOH K 4 .  ? -17.030 -1.216  10.721  1.00 28.55 ? 2025 HOH B O   1 
HETATM 1399 O  O   . HOH K 4 .  ? -6.914  -3.916  18.810  1.00 29.16 ? 2026 HOH B O   1 
HETATM 1400 O  O   . HOH K 4 .  ? 8.323   -3.579  -23.022 1.00 35.57 ? 2027 HOH B O   1 
HETATM 1401 O  O   . HOH K 4 .  ? 2.788   -6.259  13.074  1.00 31.06 ? 2028 HOH B O   1 
HETATM 1402 O  O   . HOH K 4 .  ? -3.391  -9.655  11.517  1.00 38.61 ? 2029 HOH B O   1 
HETATM 1403 O  O   . HOH K 4 .  ? -11.152 -10.038 17.656  1.00 34.70 ? 2030 HOH B O   1 
HETATM 1404 O  O   . HOH K 4 .  ? -10.755 -9.451  14.119  1.00 22.55 ? 2031 HOH B O   1 
HETATM 1405 O  O   . HOH K 4 .  ? 14.557  -7.700  -18.485 1.00 31.31 ? 2032 HOH B O   1 
HETATM 1406 O  O   . HOH K 4 .  ? 4.292   -16.287 -2.071  1.00 30.04 ? 2033 HOH B O   1 
HETATM 1407 O  O   . HOH K 4 .  ? -17.352 -5.696  15.313  1.00 32.46 ? 2034 HOH B O   1 
HETATM 1408 O  O   . HOH K 4 .  ? -3.837  14.684  -2.496  1.00 37.96 ? 2035 HOH B O   1 
HETATM 1409 O  O   . HOH K 4 .  ? 11.863  -18.477 -2.205  1.00 27.80 ? 2036 HOH B O   1 
HETATM 1410 O  O   . HOH K 4 .  ? -7.215  -4.941  22.689  1.00 39.65 ? 2037 HOH B O   1 
HETATM 1411 O  O   . HOH K 4 .  ? -9.243  1.142   -11.048 1.00 25.46 ? 2038 HOH B O   1 
HETATM 1412 O  O   . HOH K 4 .  ? 0.392   -1.877  18.657  1.00 16.66 ? 2039 HOH B O   1 
HETATM 1413 O  O   . HOH K 4 .  ? -2.427  9.124   -8.684  1.00 20.34 ? 2040 HOH B O   1 
HETATM 1414 O  O   . HOH K 4 .  ? 6.390   -11.434 -21.477 1.00 26.59 ? 2041 HOH B O   1 
HETATM 1415 O  O   . HOH K 4 .  ? -7.149  -9.803  13.116  1.00 31.16 ? 2042 HOH B O   1 
HETATM 1416 O  O   . HOH K 4 .  ? -8.262  1.203   19.120  1.00 36.94 ? 2043 HOH B O   1 
HETATM 1417 O  O   . HOH K 4 .  ? -9.098  5.325   -11.062 1.00 31.94 ? 2044 HOH B O   1 
HETATM 1418 O  O   . HOH K 4 .  ? -2.468  -5.296  15.793  1.00 36.65 ? 2045 HOH B O   1 
HETATM 1419 O  O   . HOH K 4 .  ? 11.519  -11.199 -4.573  1.00 30.53 ? 2046 HOH B O   1 
HETATM 1420 O  O   . HOH K 4 .  ? -17.680 -3.649  11.390  1.00 30.28 ? 2047 HOH B O   1 
HETATM 1421 O  O   . HOH K 4 .  ? -19.390 1.793   12.615  1.00 48.80 ? 2048 HOH B O   1 
HETATM 1422 O  O   . HOH K 4 .  ? 5.757   -0.683  15.591  1.00 42.83 ? 2049 HOH B O   1 
HETATM 1423 O  O   . HOH K 4 .  ? -4.823  -7.939  13.789  1.00 26.99 ? 2050 HOH B O   1 
HETATM 1424 O  O   . HOH K 4 .  ? 0.423   -7.216  -15.008 1.00 28.61 ? 2051 HOH B O   1 
HETATM 1425 O  O   . HOH K 4 .  ? -15.584 -9.141  17.169  1.00 41.92 ? 2052 HOH B O   1 
HETATM 1426 O  O   . HOH K 4 .  ? -7.388  7.997   -11.096 1.00 31.87 ? 2053 HOH B O   1 
HETATM 1427 O  O   . HOH K 4 .  ? -3.043  -0.902  -12.937 1.00 32.88 ? 2054 HOH B O   1 
HETATM 1428 O  O   . HOH K 4 .  ? -6.856  -14.243 6.533   1.00 45.21 ? 2055 HOH B O   1 
HETATM 1429 O  O   . HOH K 4 .  ? -17.125 0.023   15.291  1.00 34.00 ? 2056 HOH B O   1 
HETATM 1430 O  O   . HOH K 4 .  ? -4.241  2.983   -15.641 1.00 24.30 ? 2057 HOH B O   1 
HETATM 1431 O  O   . HOH K 4 .  ? -8.750  8.007   -0.025  1.00 35.34 ? 2058 HOH B O   1 
HETATM 1432 O  O   . HOH K 4 .  ? -6.891  -14.092 -1.702  1.00 46.07 ? 2059 HOH B O   1 
HETATM 1433 O  O   . HOH K 4 .  ? 3.342   -12.425 4.814   1.00 38.71 ? 2060 HOH B O   1 
HETATM 1434 O  O   . HOH K 4 .  ? 3.116   13.804  1.513   1.00 37.67 ? 2061 HOH B O   1 
HETATM 1435 O  O   . HOH K 4 .  ? -10.849 10.155  -2.757  1.00 47.23 ? 2062 HOH B O   1 
HETATM 1436 O  O   . HOH K 4 .  ? -14.395 -4.493  21.682  1.00 45.94 ? 2063 HOH B O   1 
HETATM 1437 O  O   . HOH K 4 .  ? 2.739   -2.479  -20.651 1.00 33.27 ? 2064 HOH B O   1 
HETATM 1438 O  O   . HOH K 4 .  ? 1.392   -15.138 1.052   1.00 46.47 ? 2065 HOH B O   1 
HETATM 1439 O  O   . HOH K 4 .  ? -18.979 -3.531  9.142   1.00 32.63 ? 2066 HOH B O   1 
HETATM 1440 O  O   . HOH K 4 .  ? -8.019  -1.049  -12.338 1.00 45.14 ? 2067 HOH B O   1 
HETATM 1441 O  O   . HOH K 4 .  ? -0.680  -8.287  10.287  1.00 50.23 ? 2068 HOH B O   1 
HETATM 1442 O  O   . HOH K 4 .  ? 9.374   -8.517  -21.600 1.00 43.65 ? 2069 HOH B O   1 
HETATM 1443 O  O   . HOH K 4 .  ? 16.832  -8.590  -17.063 1.00 50.35 ? 2070 HOH B O   1 
HETATM 1444 O  O   . HOH K 4 .  ? 1.230   12.100  -2.019  1.00 44.01 ? 2071 HOH B O   1 
HETATM 1445 O  O   . HOH K 4 .  ? -16.339 -10.209 -1.862  1.00 51.25 ? 2072 HOH B O   1 
HETATM 1446 O  O   . HOH K 4 .  ? -12.832 -14.927 -4.303  1.00 41.93 ? 2073 HOH B O   1 
HETATM 1447 O  O   . HOH K 4 .  ? -2.073  -6.818  11.930  1.00 41.27 ? 2074 HOH B O   1 
HETATM 1448 O  O   . HOH K 4 .  ? -1.114  6.110   -18.080 1.00 42.79 ? 2075 HOH B O   1 
HETATM 1449 O  O   . HOH K 4 .  ? -13.869 -9.317  -2.646  1.00 53.00 ? 2076 HOH B O   1 
HETATM 1450 O  O   . HOH K 4 .  ? -3.088  4.202   -18.096 1.00 41.76 ? 2077 HOH B O   1 
HETATM 1451 O  O   . HOH K 4 .  ? -2.417  12.186  -5.346  1.00 35.08 ? 2078 HOH B O   1 
HETATM 1452 O  O   . HOH K 4 .  ? -17.537 -1.950  18.550  1.00 45.45 ? 2079 HOH B O   1 
HETATM 1453 O  O   . HOH K 4 .  ? -7.848  3.448   -17.427 1.00 38.15 ? 2080 HOH B O   1 
HETATM 1454 O  O   . HOH K 4 .  ? -16.324 -15.150 -1.777  1.00 43.70 ? 2081 HOH B O   1 
HETATM 1455 O  O   . HOH K 4 .  ? -10.168 -11.818 12.731  1.00 34.38 ? 2082 HOH B O   1 
HETATM 1456 O  O   . HOH K 4 .  ? 3.177   -8.228  -21.843 1.00 35.31 ? 2083 HOH B O   1 
HETATM 1457 O  O   . HOH K 4 .  ? -2.738  -14.830 -1.606  1.00 47.92 ? 2084 HOH B O   1 
HETATM 1458 O  O   . HOH K 4 .  ? -6.697  -0.941  18.409  1.00 35.99 ? 2085 HOH B O   1 
# 
